data_5ZSH
#
_entry.id   5ZSH
#
_cell.length_a   99.742
_cell.length_b   139.661
_cell.length_c   150.437
_cell.angle_alpha   90.00
_cell.angle_beta   90.00
_cell.angle_gamma   90.00
#
_symmetry.space_group_name_H-M   'P 21 21 21'
#
loop_
_entity.id
_entity.type
_entity.pdbx_description
1 polymer 'Toll-like receptor 7'
2 branched 2-acetamido-2-deoxy-beta-D-glucopyranose-(1-4)-2-acetamido-2-deoxy-beta-D-glucopyranose
3 non-polymer 2-acetamido-2-deoxy-beta-D-glucopyranose
4 non-polymer 'SULFATE ION'
5 non-polymer 2-propyl[1,3]thiazolo[4,5-c]quinolin-4-amine
6 water water
#
_entity_poly.entity_id   1
_entity_poly.type   'polypeptide(L)'
_entity_poly.pdbx_seq_one_letter_code
;RSPWARWFPKTLPCDVTLDVSKNHVIVDCTDKHLTEIPGGIPTNTTNLTLTINHIPDISPASFHRLVHLVEIDFRCNCVP
IRLGSKSNMCPRRLQIKPRSFSGLTYLKSLYLDGNQLLEIPQGLPPSLQLLSLEANNIFSIRKEQLTELANIEILYLGQN
CYYRNPCYVSYSIEKDAFLNLTKLKVLSLKDNNVTTVPTVLPSTLTELYLYNNMIAEIQEDDFNNLNQLQILDLSGNCPR
CYNAPFPCTPCKNNSPLQIPVNAFDALTELKVLRLHSNSLQHVPPRWFKNINNLQELDLSQNFLAKEIGDAKFLHFLPNL
IQLDLSFNFELQVYRASMNLSQAFSSLKSLKILRIRGYVFKELKSFQLSPLHNLQNLEVLDLGTNFIKIANLSMFKQFKR
LKVIDLSVNKISPSGDSLVPRGSSNARTSVESYEPQVLEQLYYFRYDKYARSCRFKNKEASFTSVQESCYKYGQTLDLSK
NSIFFIKSSDFQHLSFLKCLNLSGNLISQTLNGSEFQPLAELRYLDFSNNRLDLLHSTAFEELRKLEVLDISSNSHYFQS
EGITHMLNFTKNLKVLQKLMMNDNDISSSTSRTMESESLRTLEFRGNHLDVLWRDGDNRYLQLFKNLLKLEELDISKNSL
SFLPSGVFDGMPPNLKNLSLAKNGLKSFIWEKLRYLKNLETLDLSHNQLTTVPERLSNCSRSLKNLILKNNQIRSLTKYF
LQDAFQLRYLDLSSNKIQMIQKTSFPENVLNNLKMLLLHHNRFLCTCDAVWFVWWVQHTEVTIPYLATDVTCVGPGAHKG
QSVISLDLYTCELDLTNEFLVPR
;
_entity_poly.pdbx_strand_id   B,A
#
loop_
_chem_comp.id
_chem_comp.type
_chem_comp.name
_chem_comp.formula
L07 non-polymer 2-propyl[1,3]thiazolo[4,5-c]quinolin-4-amine 'C13 H13 N3 S'
NAG D-saccharide, beta linking 2-acetamido-2-deoxy-beta-D-glucopyranose 'C8 H15 N O6'
SO4 non-polymer 'SULFATE ION' 'O4 S -2'
#
# COMPACT_ATOMS: atom_id res chain seq x y z
N ALA A 5 -0.73 -37.05 -28.97
CA ALA A 5 -0.57 -35.81 -29.72
C ALA A 5 0.92 -35.53 -29.90
N ARG A 6 1.73 -35.91 -28.92
CA ARG A 6 3.17 -35.99 -29.08
C ARG A 6 3.60 -37.42 -28.83
N TRP A 7 4.58 -37.87 -29.59
CA TRP A 7 5.13 -39.19 -29.33
C TRP A 7 6.27 -39.14 -28.33
N PHE A 8 7.03 -38.05 -28.30
CA PHE A 8 8.21 -37.94 -27.46
C PHE A 8 8.12 -36.67 -26.64
N PRO A 9 7.64 -36.75 -25.38
CA PRO A 9 7.53 -35.57 -24.52
C PRO A 9 8.88 -34.87 -24.36
N LYS A 10 8.83 -33.55 -24.26
CA LYS A 10 10.03 -32.77 -24.10
C LYS A 10 10.36 -32.65 -22.61
N THR A 11 11.50 -33.21 -22.22
CA THR A 11 11.96 -33.19 -20.83
C THR A 11 12.95 -32.06 -20.54
N LEU A 12 13.51 -31.47 -21.58
CA LEU A 12 14.62 -30.55 -21.40
C LEU A 12 14.14 -29.26 -20.76
N PRO A 13 14.77 -28.81 -19.68
CA PRO A 13 14.22 -27.68 -18.93
C PRO A 13 14.37 -26.34 -19.63
N CYS A 14 14.44 -26.32 -20.97
CA CYS A 14 14.66 -25.08 -21.72
C CYS A 14 13.60 -24.89 -22.78
N ASP A 15 13.26 -23.62 -23.05
CA ASP A 15 12.34 -23.30 -24.13
C ASP A 15 13.08 -23.38 -25.45
N VAL A 16 12.48 -24.09 -26.42
CA VAL A 16 13.13 -24.35 -27.70
C VAL A 16 12.24 -23.77 -28.80
N THR A 17 12.79 -22.88 -29.60
CA THR A 17 12.08 -22.21 -30.66
C THR A 17 12.77 -22.47 -31.99
N LEU A 18 11.97 -22.55 -33.06
CA LEU A 18 12.44 -22.70 -34.42
C LEU A 18 12.12 -21.44 -35.20
N ASP A 19 13.14 -20.83 -35.79
CA ASP A 19 12.95 -19.77 -36.78
C ASP A 19 13.41 -20.37 -38.12
N VAL A 20 12.45 -20.96 -38.84
CA VAL A 20 12.76 -21.63 -40.11
C VAL A 20 13.42 -20.69 -41.11
N SER A 21 13.03 -19.41 -41.13
CA SER A 21 13.54 -18.46 -42.12
C SER A 21 15.06 -18.38 -42.07
N LYS A 22 15.62 -18.04 -40.91
CA LYS A 22 17.07 -17.88 -40.73
C LYS A 22 17.74 -19.06 -40.07
N ASN A 23 17.20 -20.27 -40.29
CA ASN A 23 17.69 -21.52 -39.72
C ASN A 23 18.31 -21.36 -38.34
N HIS A 24 17.52 -20.86 -37.41
CA HIS A 24 17.92 -20.82 -36.02
C HIS A 24 17.09 -21.81 -35.24
N VAL A 25 17.75 -22.63 -34.42
CA VAL A 25 17.07 -23.36 -33.36
C VAL A 25 17.59 -22.74 -32.06
N ILE A 26 16.68 -22.04 -31.41
CA ILE A 26 16.98 -21.19 -30.27
C ILE A 26 16.64 -21.98 -29.02
N VAL A 27 17.64 -22.19 -28.17
CA VAL A 27 17.47 -22.88 -26.90
C VAL A 27 17.71 -21.87 -25.80
N ASP A 28 16.70 -21.61 -25.00
CA ASP A 28 16.76 -20.63 -23.91
C ASP A 28 16.63 -21.37 -22.59
N CYS A 29 17.72 -21.47 -21.87
CA CYS A 29 17.72 -22.03 -20.52
C CYS A 29 17.94 -20.94 -19.49
N THR A 30 17.40 -19.75 -19.74
CA THR A 30 17.57 -18.65 -18.79
C THR A 30 16.83 -18.97 -17.50
N ASP A 31 17.55 -18.85 -16.38
CA ASP A 31 16.97 -18.93 -15.04
C ASP A 31 16.20 -20.24 -14.82
N LYS A 32 16.91 -21.35 -14.98
CA LYS A 32 16.34 -22.67 -14.76
C LYS A 32 17.03 -23.40 -13.61
N HIS A 33 17.76 -22.68 -12.77
CA HIS A 33 18.38 -23.25 -11.58
C HIS A 33 19.18 -24.49 -11.93
N LEU A 34 19.94 -24.38 -13.01
CA LEU A 34 20.74 -25.49 -13.52
C LEU A 34 22.08 -25.52 -12.81
N THR A 35 22.53 -26.72 -12.49
CA THR A 35 23.88 -26.96 -11.99
C THR A 35 24.76 -27.61 -13.05
N GLU A 36 24.18 -28.05 -14.16
CA GLU A 36 24.91 -28.66 -15.25
C GLU A 36 24.27 -28.19 -16.53
N ILE A 37 25.02 -28.22 -17.61
CA ILE A 37 24.36 -28.00 -18.89
C ILE A 37 23.42 -29.17 -19.12
N PRO A 38 22.12 -28.96 -19.32
CA PRO A 38 21.21 -30.12 -19.46
C PRO A 38 21.59 -31.00 -20.63
N GLY A 39 21.33 -32.29 -20.49
CA GLY A 39 21.51 -33.18 -21.60
C GLY A 39 20.41 -33.06 -22.62
N GLY A 40 20.71 -33.53 -23.83
CA GLY A 40 19.69 -33.59 -24.85
C GLY A 40 19.44 -32.31 -25.59
N ILE A 41 20.27 -31.29 -25.41
CA ILE A 41 20.09 -30.06 -26.19
C ILE A 41 20.18 -30.42 -27.68
N PRO A 42 19.26 -29.95 -28.52
CA PRO A 42 19.30 -30.31 -29.93
C PRO A 42 20.67 -30.03 -30.51
N THR A 43 21.13 -30.90 -31.41
CA THR A 43 22.46 -30.72 -31.98
C THR A 43 22.46 -29.67 -33.08
N ASN A 44 21.30 -29.39 -33.70
CA ASN A 44 21.12 -28.27 -34.61
C ASN A 44 21.13 -26.88 -33.87
N THR A 45 21.45 -26.83 -32.57
CA THR A 45 21.32 -25.59 -31.79
C THR A 45 22.21 -24.50 -32.35
N THR A 46 21.60 -23.38 -32.71
CA THR A 46 22.36 -22.22 -33.14
C THR A 46 22.49 -21.14 -32.06
N ASN A 47 21.44 -20.89 -31.27
CA ASN A 47 21.46 -19.91 -30.18
C ASN A 47 21.16 -20.65 -28.88
N LEU A 48 22.11 -20.63 -27.93
CA LEU A 48 21.94 -21.28 -26.64
C LEU A 48 22.25 -20.34 -25.49
N THR A 49 21.24 -20.06 -24.66
CA THR A 49 21.38 -19.15 -23.54
C THR A 49 21.33 -19.91 -22.23
N LEU A 50 22.32 -19.71 -21.39
CA LEU A 50 22.38 -20.32 -20.07
C LEU A 50 22.51 -19.25 -18.98
N THR A 51 22.04 -18.05 -19.29
CA THR A 51 22.16 -16.93 -18.37
C THR A 51 21.42 -17.21 -17.07
N ILE A 52 22.03 -16.79 -15.95
CA ILE A 52 21.46 -16.88 -14.62
C ILE A 52 21.16 -18.34 -14.33
N ASN A 53 22.21 -19.12 -14.13
CA ASN A 53 22.14 -20.47 -13.63
C ASN A 53 23.35 -20.63 -12.74
N HIS A 54 23.64 -21.85 -12.31
CA HIS A 54 24.77 -22.06 -11.42
C HIS A 54 25.62 -23.20 -11.94
N ILE A 55 26.04 -23.08 -13.20
CA ILE A 55 26.95 -24.03 -13.83
C ILE A 55 28.39 -23.64 -13.52
N PRO A 56 29.14 -24.45 -12.77
CA PRO A 56 30.42 -24.00 -12.21
C PRO A 56 31.61 -24.14 -13.14
N ASP A 57 31.46 -24.76 -14.31
CA ASP A 57 32.58 -24.96 -15.20
C ASP A 57 32.08 -25.28 -16.60
N ILE A 58 32.93 -24.97 -17.57
CA ILE A 58 32.74 -25.31 -18.97
C ILE A 58 33.92 -26.16 -19.39
N SER A 59 33.69 -27.08 -20.31
CA SER A 59 34.70 -28.03 -20.75
C SER A 59 34.39 -28.36 -22.20
N PRO A 60 35.29 -29.10 -22.87
CA PRO A 60 34.95 -29.57 -24.23
C PRO A 60 33.68 -30.42 -24.28
N ALA A 61 33.33 -31.13 -23.21
CA ALA A 61 32.05 -31.84 -23.19
C ALA A 61 30.88 -30.87 -23.25
N SER A 62 31.06 -29.61 -22.82
CA SER A 62 29.94 -28.69 -22.68
C SER A 62 29.17 -28.52 -23.98
N PHE A 63 29.87 -28.29 -25.09
CA PHE A 63 29.22 -27.99 -26.37
C PHE A 63 29.58 -29.04 -27.43
N HIS A 64 29.90 -30.25 -26.98
CA HIS A 64 30.69 -31.19 -27.78
C HIS A 64 29.97 -31.57 -29.06
N ARG A 65 28.68 -31.88 -28.98
CA ARG A 65 27.94 -32.21 -30.21
C ARG A 65 27.37 -30.98 -30.91
N LEU A 66 27.48 -29.78 -30.31
CA LEU A 66 26.77 -28.59 -30.77
C LEU A 66 27.59 -27.80 -31.80
N VAL A 67 27.90 -28.48 -32.90
CA VAL A 67 28.85 -27.94 -33.87
C VAL A 67 28.34 -26.65 -34.52
N HIS A 68 27.02 -26.49 -34.69
CA HIS A 68 26.49 -25.36 -35.43
C HIS A 68 26.20 -24.14 -34.57
N LEU A 69 26.70 -24.08 -33.33
CA LEU A 69 26.42 -22.94 -32.46
C LEU A 69 26.91 -21.64 -33.11
N VAL A 70 26.00 -20.68 -33.29
CA VAL A 70 26.43 -19.34 -33.68
C VAL A 70 26.50 -18.34 -32.50
N GLU A 71 25.80 -18.61 -31.40
CA GLU A 71 25.81 -17.73 -30.23
C GLU A 71 25.75 -18.57 -28.97
N ILE A 72 26.59 -18.25 -27.99
CA ILE A 72 26.50 -18.80 -26.65
C ILE A 72 26.33 -17.65 -25.66
N ASP A 73 25.22 -17.61 -24.97
CA ASP A 73 24.97 -16.59 -23.95
C ASP A 73 25.09 -17.30 -22.61
N PHE A 74 26.19 -17.09 -21.93
CA PHE A 74 26.55 -17.76 -20.69
C PHE A 74 26.80 -16.73 -19.59
N ARG A 75 25.95 -15.70 -19.52
CA ARG A 75 26.14 -14.65 -18.52
C ARG A 75 25.65 -15.06 -17.14
N CYS A 76 26.32 -14.52 -16.11
CA CYS A 76 25.80 -14.48 -14.75
C CYS A 76 25.59 -15.88 -14.16
N ASN A 77 26.58 -16.74 -14.34
CA ASN A 77 26.60 -18.02 -13.65
C ASN A 77 27.51 -17.98 -12.45
N CYS A 78 28.17 -16.85 -12.23
CA CYS A 78 28.90 -16.59 -11.01
C CYS A 78 29.09 -15.09 -10.86
N VAL A 79 28.02 -14.39 -10.50
CA VAL A 79 28.02 -12.92 -10.46
C VAL A 79 28.97 -12.44 -9.35
N PRO A 80 29.71 -11.35 -9.56
CA PRO A 80 30.50 -10.76 -8.46
C PRO A 80 29.64 -10.53 -7.22
N ILE A 81 30.25 -10.72 -6.06
CA ILE A 81 29.50 -10.86 -4.80
C ILE A 81 28.56 -9.67 -4.58
N ARG A 82 29.07 -8.44 -4.71
CA ARG A 82 28.22 -7.29 -4.36
C ARG A 82 27.12 -7.05 -5.38
N LEU A 83 27.23 -7.63 -6.59
CA LEU A 83 26.21 -7.48 -7.62
C LEU A 83 25.21 -8.64 -7.67
N GLY A 84 25.54 -9.77 -7.07
CA GLY A 84 24.68 -10.95 -7.15
C GLY A 84 23.87 -11.16 -5.87
N SER A 85 23.02 -12.18 -5.96
CA SER A 85 22.20 -12.61 -4.82
C SER A 85 23.06 -12.81 -3.58
N LYS A 86 22.59 -12.28 -2.45
CA LYS A 86 23.27 -12.59 -1.20
C LYS A 86 22.77 -13.89 -0.56
N SER A 87 21.62 -14.42 -1.00
CA SER A 87 21.17 -15.71 -0.46
C SER A 87 21.77 -16.90 -1.19
N ASN A 88 22.15 -16.74 -2.46
CA ASN A 88 22.84 -17.77 -3.21
C ASN A 88 24.12 -17.18 -3.81
N MET A 89 25.08 -16.84 -2.95
CA MET A 89 26.36 -16.35 -3.44
C MET A 89 27.09 -17.46 -4.20
N CYS A 90 27.85 -17.07 -5.21
CA CYS A 90 28.58 -18.07 -5.96
C CYS A 90 29.86 -18.44 -5.22
N PRO A 91 30.13 -19.74 -5.01
CA PRO A 91 31.28 -20.16 -4.21
C PRO A 91 32.61 -20.05 -4.93
N ARG A 92 32.74 -20.51 -6.20
CA ARG A 92 33.99 -20.31 -6.91
C ARG A 92 33.70 -19.77 -8.30
N ARG A 93 34.71 -19.14 -8.88
CA ARG A 93 34.64 -18.60 -10.22
C ARG A 93 34.23 -19.67 -11.23
N LEU A 94 33.63 -19.24 -12.34
CA LEU A 94 33.50 -20.13 -13.49
C LEU A 94 34.89 -20.64 -13.93
N GLN A 95 34.97 -21.94 -14.23
CA GLN A 95 36.20 -22.51 -14.80
C GLN A 95 35.98 -22.98 -16.22
N ILE A 96 36.81 -22.47 -17.11
CA ILE A 96 36.73 -22.76 -18.53
C ILE A 96 37.99 -23.55 -18.88
N LYS A 97 37.81 -24.84 -19.19
CA LYS A 97 38.92 -25.69 -19.52
C LYS A 97 39.35 -25.48 -20.98
N PRO A 98 40.59 -25.87 -21.32
CA PRO A 98 41.07 -25.66 -22.69
C PRO A 98 40.20 -26.36 -23.71
N ARG A 99 40.09 -25.74 -24.88
CA ARG A 99 39.47 -26.28 -26.09
C ARG A 99 37.96 -26.23 -25.98
N SER A 100 37.42 -25.62 -24.92
CA SER A 100 35.97 -25.64 -24.72
C SER A 100 35.24 -24.96 -25.86
N PHE A 101 35.88 -24.01 -26.54
CA PHE A 101 35.23 -23.23 -27.58
C PHE A 101 35.84 -23.40 -28.96
N SER A 102 37.02 -24.01 -29.05
CA SER A 102 37.74 -23.96 -30.31
C SER A 102 37.03 -24.76 -31.41
N GLY A 103 36.31 -25.81 -31.05
CA GLY A 103 35.59 -26.57 -32.06
C GLY A 103 34.39 -25.87 -32.67
N LEU A 104 33.91 -24.78 -32.06
CA LEU A 104 32.68 -24.12 -32.52
C LEU A 104 33.03 -23.13 -33.62
N THR A 105 33.23 -23.66 -34.83
CA THR A 105 33.83 -22.87 -35.90
C THR A 105 32.85 -21.86 -36.52
N TYR A 106 31.57 -21.92 -36.16
CA TYR A 106 30.62 -20.88 -36.61
C TYR A 106 30.23 -19.93 -35.49
N LEU A 107 30.87 -20.01 -34.33
CA LEU A 107 30.49 -19.17 -33.20
C LEU A 107 30.77 -17.72 -33.54
N LYS A 108 29.73 -16.89 -33.53
CA LYS A 108 29.87 -15.47 -33.83
C LYS A 108 29.78 -14.57 -32.60
N SER A 109 29.06 -14.97 -31.55
CA SER A 109 28.80 -14.11 -30.39
C SER A 109 28.98 -14.93 -29.13
N LEU A 110 29.82 -14.45 -28.22
CA LEU A 110 30.07 -15.15 -26.97
C LEU A 110 30.00 -14.16 -25.82
N TYR A 111 28.98 -14.30 -24.96
CA TYR A 111 28.83 -13.47 -23.77
C TYR A 111 29.25 -14.29 -22.54
N LEU A 112 30.26 -13.83 -21.83
CA LEU A 112 30.64 -14.49 -20.58
C LEU A 112 30.62 -13.51 -19.41
N ASP A 113 29.70 -12.53 -19.48
CA ASP A 113 29.62 -11.49 -18.45
C ASP A 113 29.28 -12.09 -17.09
N GLY A 114 29.81 -11.48 -16.03
CA GLY A 114 29.40 -11.81 -14.69
C GLY A 114 29.70 -13.25 -14.29
N ASN A 115 30.95 -13.71 -14.50
CA ASN A 115 31.33 -15.05 -14.11
C ASN A 115 32.59 -15.08 -13.25
N GLN A 116 33.09 -13.90 -12.86
CA GLN A 116 34.26 -13.76 -11.99
C GLN A 116 35.51 -14.31 -12.65
N LEU A 117 35.57 -14.20 -13.99
CA LEU A 117 36.75 -14.62 -14.73
C LEU A 117 37.95 -13.70 -14.41
N LEU A 118 39.15 -14.29 -14.39
CA LEU A 118 40.35 -13.51 -14.10
C LEU A 118 41.16 -13.18 -15.35
N GLU A 119 40.89 -13.81 -16.47
CA GLU A 119 41.68 -13.57 -17.66
C GLU A 119 40.77 -13.66 -18.86
N ILE A 120 41.24 -13.12 -19.98
CA ILE A 120 40.52 -13.28 -21.23
C ILE A 120 40.57 -14.74 -21.67
N PRO A 121 39.43 -15.39 -21.87
CA PRO A 121 39.44 -16.82 -22.24
C PRO A 121 40.17 -17.02 -23.57
N GLN A 122 41.11 -17.97 -23.58
CA GLN A 122 41.89 -18.26 -24.77
C GLN A 122 41.24 -19.41 -25.57
N GLY A 123 41.83 -19.74 -26.70
CA GLY A 123 41.23 -20.81 -27.47
C GLY A 123 39.96 -20.40 -28.18
N LEU A 124 39.82 -19.12 -28.51
CA LEU A 124 38.52 -18.85 -29.09
C LEU A 124 38.58 -18.97 -30.62
N PRO A 125 37.47 -19.40 -31.22
CA PRO A 125 37.49 -19.63 -32.67
C PRO A 125 37.63 -18.32 -33.42
N PRO A 126 38.22 -18.34 -34.61
CA PRO A 126 38.41 -17.12 -35.39
C PRO A 126 37.14 -16.60 -36.06
N SER A 127 35.99 -17.24 -35.84
CA SER A 127 34.75 -16.72 -36.39
C SER A 127 34.15 -15.61 -35.55
N LEU A 128 34.65 -15.44 -34.33
CA LEU A 128 34.00 -14.63 -33.31
C LEU A 128 33.99 -13.16 -33.74
N GLN A 129 32.80 -12.56 -33.80
CA GLN A 129 32.64 -11.13 -33.97
C GLN A 129 32.44 -10.37 -32.66
N LEU A 130 31.81 -10.99 -31.66
CA LEU A 130 31.39 -10.28 -30.45
C LEU A 130 31.83 -11.07 -29.23
N LEU A 131 32.61 -10.44 -28.36
CA LEU A 131 33.04 -11.01 -27.09
C LEU A 131 32.65 -10.06 -25.97
N SER A 132 31.97 -10.58 -24.96
CA SER A 132 31.43 -9.77 -23.87
C SER A 132 31.93 -10.34 -22.55
N LEU A 133 32.62 -9.51 -21.78
CA LEU A 133 33.25 -9.95 -20.54
C LEU A 133 32.96 -8.99 -19.39
N GLU A 134 31.84 -8.29 -19.44
CA GLU A 134 31.50 -7.33 -18.38
C GLU A 134 31.36 -8.03 -17.04
N ALA A 135 31.66 -7.28 -15.97
CA ALA A 135 31.46 -7.73 -14.61
C ALA A 135 32.23 -9.01 -14.31
N ASN A 136 33.42 -9.11 -14.86
CA ASN A 136 34.34 -10.16 -14.46
C ASN A 136 35.46 -9.52 -13.65
N ASN A 137 36.59 -10.20 -13.54
CA ASN A 137 37.71 -9.65 -12.80
C ASN A 137 38.97 -9.53 -13.62
N ILE A 138 38.84 -9.01 -14.84
CA ILE A 138 39.94 -8.86 -15.78
C ILE A 138 40.28 -7.37 -15.79
N PHE A 139 41.45 -7.01 -15.25
CA PHE A 139 41.86 -5.61 -15.16
C PHE A 139 43.30 -5.40 -15.62
N SER A 140 43.82 -6.29 -16.44
CA SER A 140 45.10 -6.11 -17.11
C SER A 140 44.97 -6.70 -18.51
N ILE A 141 45.03 -5.85 -19.52
CA ILE A 141 44.88 -6.26 -20.92
C ILE A 141 46.26 -6.29 -21.56
N ARG A 142 46.66 -7.45 -22.11
CA ARG A 142 47.94 -7.61 -22.79
C ARG A 142 47.73 -8.02 -24.24
N LYS A 143 48.55 -7.46 -25.13
CA LYS A 143 48.38 -7.71 -26.56
C LYS A 143 48.39 -9.20 -26.88
N GLU A 144 49.14 -9.98 -26.10
CA GLU A 144 49.23 -11.42 -26.30
C GLU A 144 47.86 -12.09 -26.19
N GLN A 145 47.08 -11.70 -25.18
CA GLN A 145 45.77 -12.29 -24.93
C GLN A 145 44.73 -11.86 -25.96
N LEU A 146 45.05 -10.93 -26.86
CA LEU A 146 44.11 -10.49 -27.87
C LEU A 146 44.49 -10.92 -29.28
N THR A 147 45.58 -11.67 -29.47
CA THR A 147 45.89 -12.14 -30.82
C THR A 147 44.76 -13.01 -31.36
N GLU A 148 44.18 -13.86 -30.50
CA GLU A 148 43.12 -14.79 -30.88
C GLU A 148 41.86 -14.11 -31.42
N LEU A 149 41.67 -12.81 -31.20
CA LEU A 149 40.44 -12.10 -31.56
C LEU A 149 40.57 -11.38 -32.89
N ALA A 150 41.31 -11.96 -33.83
CA ALA A 150 41.70 -11.27 -35.05
C ALA A 150 40.53 -10.60 -35.76
N ASN A 151 39.37 -11.27 -35.84
CA ASN A 151 38.22 -10.71 -36.55
C ASN A 151 37.16 -10.10 -35.63
N ILE A 152 37.52 -9.75 -34.40
CA ILE A 152 36.51 -9.27 -33.45
C ILE A 152 36.03 -7.88 -33.86
N GLU A 153 34.72 -7.67 -33.80
CA GLU A 153 34.15 -6.37 -34.13
C GLU A 153 33.57 -5.63 -32.94
N ILE A 154 33.11 -6.34 -31.92
CA ILE A 154 32.49 -5.75 -30.74
C ILE A 154 33.10 -6.38 -29.52
N LEU A 155 33.56 -5.55 -28.57
CA LEU A 155 34.29 -6.04 -27.41
C LEU A 155 33.89 -5.25 -26.16
N TYR A 156 33.23 -5.92 -25.22
CA TYR A 156 32.76 -5.33 -23.97
C TYR A 156 33.65 -5.82 -22.84
N LEU A 157 34.38 -4.92 -22.18
CA LEU A 157 35.27 -5.33 -21.11
C LEU A 157 35.02 -4.58 -19.81
N GLY A 158 33.94 -3.78 -19.74
CA GLY A 158 33.72 -2.89 -18.63
C GLY A 158 33.20 -3.56 -17.37
N GLN A 159 33.04 -2.75 -16.32
CA GLN A 159 32.50 -3.21 -15.03
C GLN A 159 33.39 -4.27 -14.37
N ASN A 160 34.68 -4.28 -14.69
CA ASN A 160 35.64 -5.21 -14.12
C ASN A 160 36.46 -4.60 -13.00
N CYS A 161 36.40 -3.28 -12.80
CA CYS A 161 37.09 -2.66 -11.67
C CYS A 161 36.37 -1.36 -11.34
N TYR A 162 35.39 -1.45 -10.44
CA TYR A 162 34.63 -0.30 -10.00
C TYR A 162 33.99 -0.66 -8.67
N TYR A 163 33.25 0.29 -8.08
CA TYR A 163 32.91 0.15 -6.65
C TYR A 163 31.99 -1.05 -6.38
N ARG A 164 31.21 -1.49 -7.36
CA ARG A 164 30.41 -2.69 -7.15
C ARG A 164 31.19 -3.97 -7.44
N ASN A 165 32.42 -3.84 -7.90
CA ASN A 165 33.24 -4.98 -8.26
C ASN A 165 34.70 -4.54 -8.25
N PRO A 166 35.25 -4.22 -7.08
CA PRO A 166 36.58 -3.59 -7.04
C PRO A 166 37.70 -4.54 -7.43
N CYS A 167 38.76 -3.97 -8.03
CA CYS A 167 40.01 -4.69 -8.26
C CYS A 167 41.18 -4.09 -7.50
N TYR A 168 41.02 -2.95 -6.85
CA TYR A 168 41.98 -2.38 -5.91
C TYR A 168 43.28 -1.91 -6.57
N VAL A 169 43.32 -1.82 -7.89
CA VAL A 169 44.45 -1.24 -8.61
C VAL A 169 43.89 -0.43 -9.77
N SER A 170 44.78 0.30 -10.45
CA SER A 170 44.41 0.93 -11.70
C SER A 170 44.32 -0.13 -12.79
N TYR A 171 43.39 0.08 -13.70
CA TYR A 171 43.32 -0.75 -14.90
C TYR A 171 44.63 -0.59 -15.67
N SER A 172 45.04 -1.65 -16.40
CA SER A 172 46.26 -1.65 -17.19
C SER A 172 45.97 -2.12 -18.61
N ILE A 173 46.51 -1.39 -19.59
CA ILE A 173 46.37 -1.75 -20.99
C ILE A 173 47.74 -1.57 -21.63
N GLU A 174 48.31 -2.64 -22.19
CA GLU A 174 49.59 -2.47 -22.88
C GLU A 174 49.40 -1.56 -24.08
N LYS A 175 50.50 -0.89 -24.46
CA LYS A 175 50.46 0.04 -25.58
C LYS A 175 50.11 -0.74 -26.85
N ASP A 176 49.25 -0.15 -27.68
CA ASP A 176 48.78 -0.79 -28.93
C ASP A 176 48.18 -2.17 -28.69
N ALA A 177 47.57 -2.38 -27.51
CA ALA A 177 46.95 -3.68 -27.24
C ALA A 177 45.85 -4.00 -28.25
N PHE A 178 45.07 -3.00 -28.67
CA PHE A 178 43.96 -3.19 -29.58
C PHE A 178 44.31 -2.92 -31.02
N LEU A 179 45.56 -2.52 -31.31
CA LEU A 179 45.83 -1.87 -32.58
C LEU A 179 45.71 -2.84 -33.75
N ASN A 180 46.10 -4.11 -33.56
CA ASN A 180 45.98 -5.13 -34.59
C ASN A 180 44.63 -5.85 -34.58
N LEU A 181 43.63 -5.32 -33.86
CA LEU A 181 42.25 -5.79 -34.01
C LEU A 181 41.64 -4.97 -35.14
N THR A 182 42.03 -5.33 -36.35
CA THR A 182 41.79 -4.45 -37.48
C THR A 182 40.35 -4.42 -37.90
N LYS A 183 39.46 -5.08 -37.17
CA LYS A 183 38.16 -5.27 -37.75
C LYS A 183 37.18 -4.76 -36.69
N LEU A 184 37.74 -4.18 -35.61
CA LEU A 184 37.07 -3.80 -34.35
C LEU A 184 36.28 -2.51 -34.48
N LYS A 185 34.98 -2.58 -34.24
CA LYS A 185 34.15 -1.41 -34.36
C LYS A 185 33.75 -0.79 -33.03
N VAL A 186 33.55 -1.61 -31.98
CA VAL A 186 32.95 -1.17 -30.72
C VAL A 186 33.84 -1.66 -29.59
N LEU A 187 34.36 -0.73 -28.81
CA LEU A 187 35.23 -1.04 -27.68
C LEU A 187 34.64 -0.33 -26.47
N SER A 188 34.35 -1.09 -25.42
CA SER A 188 33.73 -0.55 -24.22
C SER A 188 34.62 -0.83 -23.04
N LEU A 189 35.12 0.22 -22.40
CA LEU A 189 36.00 0.07 -21.24
C LEU A 189 35.46 0.86 -20.06
N LYS A 190 34.15 1.05 -20.00
CA LYS A 190 33.50 1.78 -18.91
C LYS A 190 33.75 1.11 -17.56
N ASP A 191 33.55 1.90 -16.49
CA ASP A 191 33.50 1.39 -15.11
C ASP A 191 34.74 0.55 -14.76
N ASN A 192 35.95 1.04 -15.09
CA ASN A 192 37.12 0.18 -15.02
C ASN A 192 38.34 0.75 -14.33
N ASN A 193 38.26 1.94 -13.75
CA ASN A 193 39.43 2.50 -13.06
C ASN A 193 40.60 2.57 -14.08
N VAL A 194 40.21 2.93 -15.31
CA VAL A 194 41.15 3.32 -16.38
C VAL A 194 41.73 4.71 -16.11
N THR A 195 43.03 4.85 -16.29
CA THR A 195 43.66 6.13 -15.95
C THR A 195 44.05 6.98 -17.15
N THR A 196 44.21 6.37 -18.32
CA THR A 196 44.52 7.10 -19.54
C THR A 196 43.80 6.48 -20.73
N VAL A 197 43.60 7.27 -21.77
CA VAL A 197 43.04 6.72 -23.01
C VAL A 197 44.03 5.71 -23.59
N PRO A 198 43.64 4.44 -23.82
CA PRO A 198 44.59 3.50 -24.41
C PRO A 198 44.87 3.91 -25.85
N THR A 199 46.14 3.80 -26.24
CA THR A 199 46.59 4.16 -27.58
C THR A 199 47.59 3.11 -28.02
N VAL A 200 47.73 2.92 -29.34
CA VAL A 200 46.89 3.51 -30.37
C VAL A 200 45.72 2.56 -30.59
N LEU A 201 44.55 3.10 -30.90
CA LEU A 201 43.41 2.25 -31.16
C LEU A 201 43.23 2.05 -32.66
N PRO A 202 42.60 0.95 -33.08
CA PRO A 202 42.37 0.73 -34.52
C PRO A 202 41.41 1.76 -35.10
N SER A 203 41.71 2.21 -36.32
CA SER A 203 40.91 3.27 -36.93
C SER A 203 39.56 2.78 -37.42
N THR A 204 39.28 1.48 -37.32
CA THR A 204 37.94 0.99 -37.61
C THR A 204 36.93 1.31 -36.51
N LEU A 205 37.35 1.84 -35.36
CA LEU A 205 36.40 2.08 -34.28
C LEU A 205 35.28 2.99 -34.74
N THR A 206 34.03 2.60 -34.46
CA THR A 206 32.90 3.47 -34.63
C THR A 206 32.33 3.96 -33.30
N GLU A 207 32.56 3.19 -32.22
CA GLU A 207 32.03 3.52 -30.91
C GLU A 207 33.08 3.27 -29.84
N LEU A 208 33.33 4.27 -29.02
CA LEU A 208 34.32 4.14 -27.95
C LEU A 208 33.68 4.66 -26.66
N TYR A 209 33.64 3.79 -25.64
CA TYR A 209 33.00 4.07 -24.36
C TYR A 209 34.11 4.01 -23.30
N LEU A 210 34.46 5.17 -22.73
CA LEU A 210 35.50 5.23 -21.72
C LEU A 210 34.98 5.83 -20.41
N TYR A 211 33.67 5.76 -20.19
CA TYR A 211 33.08 6.54 -19.12
C TYR A 211 33.17 5.84 -17.79
N ASN A 212 32.99 6.64 -16.74
CA ASN A 212 33.17 6.18 -15.36
C ASN A 212 34.54 5.55 -15.14
N ASN A 213 35.57 6.34 -15.38
CA ASN A 213 36.95 5.91 -15.17
C ASN A 213 37.73 6.96 -14.37
N MET A 214 39.05 6.85 -14.40
CA MET A 214 39.89 7.85 -13.75
C MET A 214 40.82 8.46 -14.78
N ILE A 215 40.27 8.87 -15.90
CA ILE A 215 41.04 9.59 -16.90
C ILE A 215 40.94 11.07 -16.54
N ALA A 216 42.09 11.68 -16.21
CA ALA A 216 42.09 13.09 -15.86
C ALA A 216 42.46 13.99 -17.03
N GLU A 217 43.16 13.47 -18.02
CA GLU A 217 43.55 14.30 -19.14
C GLU A 217 43.38 13.53 -20.43
N ILE A 218 42.92 14.22 -21.47
CA ILE A 218 43.02 13.69 -22.83
C ILE A 218 44.31 14.23 -23.43
N GLN A 219 45.12 13.36 -24.02
CA GLN A 219 46.23 13.86 -24.81
C GLN A 219 45.70 14.35 -26.16
N GLU A 220 46.37 15.37 -26.71
CA GLU A 220 45.90 15.97 -27.96
C GLU A 220 45.73 14.95 -29.07
N ASP A 221 46.51 13.87 -29.09
CA ASP A 221 46.48 12.89 -30.17
C ASP A 221 45.80 11.58 -29.77
N ASP A 222 45.10 11.54 -28.62
CA ASP A 222 44.50 10.31 -28.15
C ASP A 222 43.48 9.73 -29.14
N PHE A 223 42.83 10.56 -29.94
CA PHE A 223 41.87 10.09 -30.92
C PHE A 223 42.30 10.45 -32.35
N ASN A 224 43.62 10.53 -32.58
CA ASN A 224 44.12 11.12 -33.83
C ASN A 224 43.74 10.33 -35.06
N ASN A 225 43.61 9.00 -34.95
CA ASN A 225 43.38 8.16 -36.10
C ASN A 225 41.95 7.68 -36.27
N LEU A 226 41.02 8.10 -35.41
CA LEU A 226 39.67 7.52 -35.41
C LEU A 226 38.75 8.31 -36.36
N ASN A 227 39.16 8.36 -37.63
CA ASN A 227 38.34 9.04 -38.61
C ASN A 227 36.97 8.38 -38.84
N GLN A 228 36.69 7.20 -38.28
CA GLN A 228 35.37 6.59 -38.43
C GLN A 228 34.56 6.59 -37.15
N LEU A 229 35.06 7.20 -36.09
CA LEU A 229 34.37 7.15 -34.82
C LEU A 229 33.05 7.90 -34.92
N GLN A 230 31.98 7.26 -34.48
CA GLN A 230 30.65 7.85 -34.51
C GLN A 230 30.10 8.19 -33.15
N ILE A 231 30.47 7.42 -32.14
CA ILE A 231 30.00 7.64 -30.78
C ILE A 231 31.20 7.65 -29.87
N LEU A 232 31.35 8.71 -29.07
CA LEU A 232 32.40 8.72 -28.07
C LEU A 232 31.81 9.21 -26.76
N ASP A 233 32.07 8.45 -25.69
CA ASP A 233 31.53 8.74 -24.36
C ASP A 233 32.70 8.80 -23.39
N LEU A 234 32.98 9.99 -22.85
CA LEU A 234 34.03 10.16 -21.87
C LEU A 234 33.48 10.54 -20.50
N SER A 235 32.17 10.38 -20.28
CA SER A 235 31.49 10.86 -19.08
C SER A 235 32.07 10.24 -17.81
N GLY A 236 31.81 10.87 -16.67
CA GLY A 236 32.23 10.31 -15.40
C GLY A 236 33.73 10.20 -15.21
N ASN A 237 34.50 11.09 -15.84
CA ASN A 237 35.93 11.27 -15.59
C ASN A 237 36.13 12.69 -15.05
N CYS A 238 36.57 12.80 -13.79
CA CYS A 238 36.40 14.02 -12.99
C CYS A 238 34.91 14.26 -12.76
N PRO A 239 34.24 13.39 -12.01
CA PRO A 239 32.79 13.55 -11.84
C PRO A 239 32.41 14.75 -11.00
N ARG A 240 31.22 15.27 -11.28
CA ARG A 240 30.54 16.17 -10.36
C ARG A 240 29.81 15.31 -9.34
N CYS A 241 30.26 15.36 -8.09
CA CYS A 241 29.84 14.42 -7.06
C CYS A 241 28.72 14.92 -6.16
N TYR A 242 28.29 16.17 -6.29
CA TYR A 242 27.26 16.68 -5.40
C TYR A 242 25.97 15.86 -5.54
N ASN A 243 25.47 15.36 -4.42
CA ASN A 243 24.28 14.52 -4.35
C ASN A 243 24.42 13.28 -5.22
N ALA A 244 25.63 12.81 -5.46
CA ALA A 244 25.77 11.57 -6.19
C ALA A 244 25.26 10.42 -5.31
N PRO A 245 24.50 9.49 -5.85
CA PRO A 245 24.01 8.37 -5.05
C PRO A 245 24.93 7.15 -5.08
N PHE A 246 26.17 7.33 -5.50
CA PHE A 246 27.16 6.27 -5.54
C PHE A 246 28.47 6.87 -5.04
N PRO A 247 29.41 6.03 -4.58
CA PRO A 247 30.68 6.57 -4.11
C PRO A 247 31.35 7.31 -5.25
N CYS A 248 31.79 8.54 -4.98
CA CYS A 248 32.18 9.46 -6.04
C CYS A 248 33.41 10.25 -5.60
N THR A 249 34.48 10.16 -6.39
CA THR A 249 35.71 10.89 -6.11
C THR A 249 35.97 11.91 -7.20
N PRO A 250 35.96 13.21 -6.89
CA PRO A 250 36.27 14.22 -7.90
C PRO A 250 37.76 14.27 -8.14
N CYS A 251 38.12 14.82 -9.30
CA CYS A 251 39.51 15.17 -9.56
C CYS A 251 39.95 16.27 -8.58
N LYS A 252 41.24 16.27 -8.24
CA LYS A 252 41.78 17.24 -7.29
C LYS A 252 41.58 18.69 -7.75
N ASN A 253 41.49 19.60 -6.77
CA ASN A 253 41.49 21.04 -7.02
C ASN A 253 40.28 21.49 -7.83
N ASN A 254 39.19 20.70 -7.76
CA ASN A 254 38.00 20.88 -8.60
C ASN A 254 38.33 20.96 -10.09
N SER A 255 39.35 20.23 -10.53
CA SER A 255 39.72 20.25 -11.94
C SER A 255 38.62 19.59 -12.77
N PRO A 256 38.45 20.01 -14.00
CA PRO A 256 37.66 19.24 -14.96
C PRO A 256 38.54 18.22 -15.66
N LEU A 257 37.90 17.31 -16.37
CA LEU A 257 38.63 16.53 -17.35
C LEU A 257 39.23 17.51 -18.35
N GLN A 258 40.54 17.44 -18.56
CA GLN A 258 41.22 18.41 -19.41
C GLN A 258 41.28 17.88 -20.83
N ILE A 259 40.62 18.60 -21.74
CA ILE A 259 40.57 18.20 -23.14
C ILE A 259 41.23 19.30 -23.98
N PRO A 260 42.34 19.01 -24.66
CA PRO A 260 42.92 20.02 -25.55
C PRO A 260 41.92 20.46 -26.58
N VAL A 261 42.07 21.70 -27.02
CA VAL A 261 41.11 22.27 -27.97
C VAL A 261 41.09 21.49 -29.27
N ASN A 262 42.17 20.80 -29.62
CA ASN A 262 42.22 20.09 -30.89
C ASN A 262 42.06 18.58 -30.74
N ALA A 263 41.62 18.10 -29.57
CA ALA A 263 41.56 16.67 -29.33
C ALA A 263 40.57 15.94 -30.23
N PHE A 264 39.56 16.63 -30.76
CA PHE A 264 38.54 15.97 -31.57
C PHE A 264 38.76 16.15 -33.07
N ASP A 265 39.87 16.76 -33.48
CA ASP A 265 40.00 17.24 -34.86
C ASP A 265 39.84 16.12 -35.88
N ALA A 266 40.17 14.88 -35.52
CA ALA A 266 40.06 13.78 -36.48
C ALA A 266 38.66 13.17 -36.54
N LEU A 267 37.78 13.48 -35.59
CA LEU A 267 36.52 12.74 -35.49
C LEU A 267 35.45 13.37 -36.41
N THR A 268 35.73 13.40 -37.72
CA THR A 268 34.79 14.04 -38.65
C THR A 268 33.45 13.33 -38.71
N GLU A 269 33.43 12.03 -38.41
CA GLU A 269 32.21 11.22 -38.46
C GLU A 269 31.43 11.27 -37.15
N LEU A 270 31.93 11.93 -36.12
CA LEU A 270 31.32 11.85 -34.79
C LEU A 270 29.87 12.32 -34.82
N LYS A 271 28.98 11.46 -34.31
CA LYS A 271 27.57 11.81 -34.22
C LYS A 271 27.09 11.99 -32.81
N VAL A 272 27.75 11.35 -31.83
CA VAL A 272 27.34 11.40 -30.43
C VAL A 272 28.55 11.66 -29.58
N LEU A 273 28.55 12.78 -28.85
CA LEU A 273 29.60 13.12 -27.91
C LEU A 273 28.96 13.30 -26.55
N ARG A 274 29.40 12.49 -25.59
CA ARG A 274 28.86 12.50 -24.24
C ARG A 274 29.95 12.95 -23.27
N LEU A 275 29.75 14.11 -22.66
CA LEU A 275 30.64 14.64 -21.63
C LEU A 275 29.80 14.97 -20.39
N HIS A 276 29.14 13.93 -19.87
CA HIS A 276 28.30 14.01 -18.69
C HIS A 276 29.17 13.83 -17.45
N SER A 277 28.96 14.67 -16.44
CA SER A 277 29.72 14.58 -15.19
C SER A 277 31.23 14.55 -15.45
N ASN A 278 31.72 15.60 -16.09
CA ASN A 278 33.15 15.80 -16.30
C ASN A 278 33.65 17.07 -15.61
N SER A 279 32.79 17.73 -14.82
CA SER A 279 33.12 18.93 -14.06
C SER A 279 33.58 20.08 -14.95
N LEU A 280 33.05 20.14 -16.17
CA LEU A 280 33.38 21.19 -17.11
C LEU A 280 32.88 22.54 -16.63
N GLN A 281 33.72 23.56 -16.80
CA GLN A 281 33.34 24.94 -16.58
C GLN A 281 33.24 25.75 -17.85
N HIS A 282 33.85 25.30 -18.93
CA HIS A 282 33.81 25.97 -20.23
C HIS A 282 33.71 24.92 -21.33
N VAL A 283 33.07 25.31 -22.43
CA VAL A 283 33.01 24.46 -23.61
C VAL A 283 33.64 25.22 -24.76
N PRO A 284 34.94 25.02 -25.01
CA PRO A 284 35.64 25.75 -26.08
C PRO A 284 35.00 25.50 -27.43
N PRO A 285 34.60 26.56 -28.15
CA PRO A 285 34.16 26.38 -29.55
C PRO A 285 35.15 25.63 -30.42
N ARG A 286 36.44 25.82 -30.17
CA ARG A 286 37.46 25.17 -30.97
C ARG A 286 37.29 23.65 -30.96
N TRP A 287 36.65 23.09 -29.92
CA TRP A 287 36.39 21.66 -29.84
C TRP A 287 35.70 21.13 -31.08
N PHE A 288 34.79 21.93 -31.66
CA PHE A 288 33.88 21.47 -32.71
C PHE A 288 34.24 22.00 -34.09
N LYS A 289 35.45 22.56 -34.28
CA LYS A 289 35.80 23.18 -35.55
C LYS A 289 35.67 22.20 -36.71
N ASN A 290 35.98 20.92 -36.49
CA ASN A 290 35.97 19.92 -37.55
C ASN A 290 34.90 18.86 -37.41
N ILE A 291 33.91 19.05 -36.53
CA ILE A 291 32.79 18.12 -36.42
C ILE A 291 31.55 18.87 -36.88
N ASN A 292 31.11 18.60 -38.11
CA ASN A 292 29.88 19.22 -38.57
C ASN A 292 28.67 18.31 -38.49
N ASN A 293 28.88 17.01 -38.23
CA ASN A 293 27.80 16.04 -38.21
C ASN A 293 27.24 15.79 -36.81
N LEU A 294 27.70 16.48 -35.78
CA LEU A 294 27.29 16.14 -34.42
C LEU A 294 25.78 16.24 -34.26
N GLN A 295 25.17 15.18 -33.74
CA GLN A 295 23.71 15.13 -33.60
C GLN A 295 23.23 15.10 -32.17
N GLU A 296 24.05 14.60 -31.24
CA GLU A 296 23.66 14.43 -29.86
C GLU A 296 24.81 14.86 -28.97
N LEU A 297 24.53 15.78 -28.05
CA LEU A 297 25.55 16.31 -27.15
C LEU A 297 25.03 16.33 -25.71
N ASP A 298 25.62 15.51 -24.86
CA ASP A 298 25.25 15.48 -23.46
C ASP A 298 26.29 16.24 -22.64
N LEU A 299 25.89 17.39 -22.08
CA LEU A 299 26.75 18.19 -21.21
C LEU A 299 26.15 18.29 -19.82
N SER A 300 25.40 17.27 -19.40
CA SER A 300 24.76 17.27 -18.10
C SER A 300 25.76 17.00 -16.97
N GLN A 301 25.41 17.47 -15.78
CA GLN A 301 26.22 17.32 -14.55
C GLN A 301 27.62 17.87 -14.74
N ASN A 302 27.70 19.13 -15.16
CA ASN A 302 28.96 19.86 -15.16
C ASN A 302 28.75 21.14 -14.37
N PHE A 303 29.59 22.13 -14.60
CA PHE A 303 29.46 23.43 -13.95
C PHE A 303 29.34 24.50 -15.03
N LEU A 304 28.36 24.34 -15.94
CA LEU A 304 28.23 25.19 -17.11
C LEU A 304 27.13 26.23 -16.98
N ALA A 305 26.73 26.55 -15.74
CA ALA A 305 25.68 27.53 -15.51
C ALA A 305 25.99 28.86 -16.18
N LYS A 306 27.20 29.38 -15.99
CA LYS A 306 27.59 30.63 -16.64
C LYS A 306 27.72 30.45 -18.14
N GLU A 307 28.31 29.33 -18.57
CA GLU A 307 28.52 29.07 -19.99
C GLU A 307 27.21 29.00 -20.76
N ILE A 308 26.11 28.60 -20.10
CA ILE A 308 24.84 28.50 -20.83
C ILE A 308 24.39 29.88 -21.29
N GLY A 309 24.77 30.95 -20.56
CA GLY A 309 24.49 32.31 -20.98
C GLY A 309 25.45 32.84 -22.01
N ASP A 310 26.47 32.08 -22.36
CA ASP A 310 27.45 32.53 -23.33
C ASP A 310 27.42 31.54 -24.49
N ALA A 311 28.02 30.36 -24.31
CA ALA A 311 27.78 29.20 -25.19
C ALA A 311 28.06 29.50 -26.66
N LYS A 312 29.20 30.11 -26.94
CA LYS A 312 29.56 30.38 -28.33
C LYS A 312 29.68 29.09 -29.13
N PHE A 313 30.03 27.98 -28.49
CA PHE A 313 30.20 26.74 -29.25
C PHE A 313 28.94 26.32 -30.00
N LEU A 314 27.77 26.78 -29.57
CA LEU A 314 26.54 26.41 -30.25
C LEU A 314 26.54 26.83 -31.71
N HIS A 315 27.34 27.86 -32.07
CA HIS A 315 27.39 28.31 -33.45
C HIS A 315 28.02 27.27 -34.36
N PHE A 316 28.77 26.34 -33.81
CA PHE A 316 29.39 25.29 -34.60
C PHE A 316 28.56 24.00 -34.65
N LEU A 317 27.30 24.05 -34.22
CA LEU A 317 26.47 22.85 -34.09
C LEU A 317 25.15 23.05 -34.83
N PRO A 318 25.18 23.34 -36.14
CA PRO A 318 23.93 23.54 -36.90
C PRO A 318 23.13 22.27 -37.14
N ASN A 319 23.76 21.10 -36.98
CA ASN A 319 23.11 19.81 -37.17
C ASN A 319 22.78 19.10 -35.86
N LEU A 320 22.96 19.75 -34.72
CA LEU A 320 22.66 19.11 -33.46
C LEU A 320 21.18 18.80 -33.39
N ILE A 321 20.85 17.57 -32.98
CA ILE A 321 19.47 17.17 -32.76
C ILE A 321 19.10 17.22 -31.29
N GLN A 322 19.98 16.73 -30.40
CA GLN A 322 19.73 16.71 -28.96
C GLN A 322 20.83 17.42 -28.20
N LEU A 323 20.43 18.27 -27.26
CA LEU A 323 21.37 19.00 -26.41
C LEU A 323 20.85 18.89 -24.99
N ASP A 324 21.72 18.41 -24.10
CA ASP A 324 21.37 18.21 -22.70
C ASP A 324 22.32 19.04 -21.85
N LEU A 325 21.77 20.03 -21.16
CA LEU A 325 22.54 20.92 -20.30
C LEU A 325 22.01 20.86 -18.87
N SER A 326 21.46 19.71 -18.51
CA SER A 326 20.83 19.53 -17.20
C SER A 326 21.85 19.46 -16.07
N PHE A 327 21.43 19.93 -14.89
CA PHE A 327 22.21 19.88 -13.65
C PHE A 327 23.60 20.49 -13.83
N ASN A 328 23.59 21.76 -14.24
CA ASN A 328 24.81 22.56 -14.28
C ASN A 328 24.78 23.69 -13.27
N PHE A 329 23.82 23.68 -12.35
CA PHE A 329 23.66 24.79 -11.40
C PHE A 329 24.89 24.93 -10.52
N GLU A 330 25.16 26.17 -10.08
CA GLU A 330 26.19 26.44 -9.08
C GLU A 330 25.66 26.13 -7.70
N LEU A 331 26.44 25.39 -6.91
CA LEU A 331 25.94 24.94 -5.61
C LEU A 331 25.52 26.15 -4.76
N GLN A 332 24.40 25.99 -4.04
CA GLN A 332 23.85 26.98 -3.10
C GLN A 332 23.56 28.33 -3.73
N VAL A 333 23.27 28.35 -5.03
CA VAL A 333 22.81 29.53 -5.75
C VAL A 333 21.40 29.26 -6.29
N TYR A 334 20.50 30.19 -6.06
CA TYR A 334 19.13 30.14 -6.57
C TYR A 334 18.94 31.33 -7.52
N ARG A 335 19.27 31.14 -8.79
CA ARG A 335 19.26 32.28 -9.70
C ARG A 335 17.88 32.87 -9.85
N ALA A 336 17.85 34.16 -10.20
CA ALA A 336 16.57 34.85 -10.38
C ALA A 336 15.86 34.35 -11.63
N SER A 337 16.61 34.05 -12.69
CA SER A 337 15.98 33.69 -13.95
C SER A 337 16.97 32.88 -14.77
N MET A 338 16.51 32.36 -15.90
CA MET A 338 17.35 31.59 -16.78
C MET A 338 17.91 32.50 -17.86
N ASN A 339 19.22 32.50 -17.99
CA ASN A 339 19.93 33.33 -18.93
C ASN A 339 20.43 32.39 -20.05
N LEU A 340 19.63 32.28 -21.11
CA LEU A 340 19.97 31.46 -22.26
C LEU A 340 20.62 32.35 -23.32
N SER A 341 21.84 32.01 -23.73
CA SER A 341 22.54 32.81 -24.72
C SER A 341 21.76 32.89 -26.03
N GLN A 342 21.93 34.01 -26.73
CA GLN A 342 21.36 34.09 -28.08
C GLN A 342 21.86 32.98 -28.98
N ALA A 343 23.04 32.40 -28.68
CA ALA A 343 23.60 31.39 -29.57
C ALA A 343 22.70 30.17 -29.77
N PHE A 344 21.76 29.92 -28.85
CA PHE A 344 20.83 28.80 -29.04
C PHE A 344 20.07 28.95 -30.36
N SER A 345 19.83 30.20 -30.80
CA SER A 345 19.06 30.41 -32.02
C SER A 345 19.73 29.83 -33.24
N SER A 346 21.02 29.52 -33.17
CA SER A 346 21.75 28.92 -34.28
C SER A 346 21.69 27.39 -34.28
N LEU A 347 20.84 26.79 -33.44
CA LEU A 347 20.66 25.33 -33.38
C LEU A 347 19.53 24.89 -34.33
N LYS A 348 19.82 25.02 -35.64
CA LYS A 348 18.77 24.96 -36.65
C LYS A 348 18.09 23.58 -36.70
N SER A 349 18.82 22.52 -36.41
CA SER A 349 18.28 21.17 -36.42
C SER A 349 17.76 20.69 -35.05
N LEU A 350 17.83 21.51 -34.01
CA LEU A 350 17.54 21.03 -32.67
C LEU A 350 16.09 20.54 -32.56
N LYS A 351 15.94 19.30 -32.08
CA LYS A 351 14.64 18.73 -31.73
C LYS A 351 14.40 18.68 -30.22
N ILE A 352 15.44 18.40 -29.44
CA ILE A 352 15.28 18.11 -28.02
C ILE A 352 16.27 18.95 -27.23
N LEU A 353 15.75 19.81 -26.36
CA LEU A 353 16.57 20.62 -25.48
C LEU A 353 16.18 20.28 -24.05
N ARG A 354 17.15 19.85 -23.25
CA ARG A 354 16.92 19.54 -21.84
C ARG A 354 17.81 20.40 -20.97
N ILE A 355 17.18 21.16 -20.08
CA ILE A 355 17.92 21.92 -19.08
C ILE A 355 17.22 21.74 -17.75
N ARG A 356 17.23 20.52 -17.21
CA ARG A 356 16.77 20.35 -15.85
C ARG A 356 17.85 20.84 -14.91
N GLY A 357 17.47 21.12 -13.67
CA GLY A 357 18.45 21.47 -12.65
C GLY A 357 19.31 22.67 -12.99
N TYR A 358 18.77 23.67 -13.69
CA TYR A 358 19.39 24.99 -13.75
C TYR A 358 19.10 25.80 -12.49
N VAL A 359 17.89 25.63 -11.92
CA VAL A 359 17.50 26.12 -10.59
C VAL A 359 17.34 27.64 -10.59
N PHE A 360 16.14 28.11 -10.85
CA PHE A 360 15.91 29.54 -10.95
C PHE A 360 14.48 29.81 -10.55
N LYS A 361 14.21 31.03 -10.13
CA LYS A 361 12.96 31.31 -9.45
C LYS A 361 11.83 31.59 -10.43
N GLU A 362 12.14 32.22 -11.55
CA GLU A 362 11.09 32.83 -12.34
C GLU A 362 11.37 32.61 -13.83
N LEU A 363 10.38 32.12 -14.54
CA LEU A 363 10.50 31.90 -15.97
C LEU A 363 9.67 32.95 -16.69
N LYS A 364 10.27 33.64 -17.66
CA LYS A 364 9.58 34.71 -18.35
C LYS A 364 9.73 34.53 -19.85
N SER A 365 8.64 34.84 -20.57
CA SER A 365 8.52 34.64 -22.00
C SER A 365 9.79 34.97 -22.78
N PHE A 366 10.35 36.16 -22.55
CA PHE A 366 11.50 36.60 -23.36
C PHE A 366 12.74 35.72 -23.13
N GLN A 367 12.90 35.11 -21.94
CA GLN A 367 14.10 34.30 -21.72
C GLN A 367 14.18 33.10 -22.67
N LEU A 368 13.05 32.68 -23.23
CA LEU A 368 13.04 31.59 -24.18
C LEU A 368 13.09 32.06 -25.62
N SER A 369 13.15 33.37 -25.84
CA SER A 369 13.15 33.90 -27.20
C SER A 369 14.27 33.35 -28.06
N PRO A 370 15.48 33.06 -27.55
CA PRO A 370 16.49 32.42 -28.42
C PRO A 370 15.98 31.14 -29.08
N LEU A 371 14.89 30.53 -28.58
CA LEU A 371 14.33 29.31 -29.14
C LEU A 371 13.14 29.53 -30.08
N HIS A 372 12.67 30.78 -30.23
CA HIS A 372 11.39 31.02 -30.91
C HIS A 372 11.37 30.48 -32.33
N ASN A 373 12.47 30.60 -33.07
CA ASN A 373 12.49 30.19 -34.47
C ASN A 373 13.29 28.91 -34.69
N LEU A 374 13.43 28.07 -33.67
CA LEU A 374 13.98 26.73 -33.87
C LEU A 374 12.81 25.88 -34.39
N GLN A 375 12.76 25.71 -35.71
CA GLN A 375 11.54 25.18 -36.30
C GLN A 375 11.33 23.71 -35.95
N ASN A 376 12.41 22.96 -35.76
CA ASN A 376 12.30 21.54 -35.53
C ASN A 376 12.22 21.18 -34.05
N LEU A 377 12.09 22.18 -33.18
CA LEU A 377 12.04 21.92 -31.74
C LEU A 377 10.78 21.12 -31.38
N GLU A 378 10.98 19.97 -30.76
CA GLU A 378 9.88 19.10 -30.35
C GLU A 378 9.75 18.92 -28.85
N VAL A 379 10.85 18.89 -28.09
CA VAL A 379 10.80 18.63 -26.66
C VAL A 379 11.57 19.72 -25.93
N LEU A 380 10.92 20.40 -24.98
CA LEU A 380 11.56 21.38 -24.13
C LEU A 380 11.37 20.93 -22.69
N ASP A 381 12.45 20.51 -22.03
CA ASP A 381 12.41 19.93 -20.70
C ASP A 381 13.10 20.89 -19.74
N LEU A 382 12.30 21.54 -18.90
CA LEU A 382 12.79 22.41 -17.83
C LEU A 382 12.36 21.88 -16.47
N GLY A 383 12.34 20.55 -16.32
CA GLY A 383 11.97 19.97 -15.04
C GLY A 383 13.03 20.13 -13.97
N THR A 384 12.61 19.93 -12.71
CA THR A 384 13.51 20.03 -11.54
C THR A 384 14.34 21.31 -11.59
N ASN A 385 13.64 22.44 -11.61
CA ASN A 385 14.28 23.75 -11.63
C ASN A 385 13.82 24.66 -10.49
N PHE A 386 12.87 24.20 -9.66
CA PHE A 386 12.36 24.99 -8.54
C PHE A 386 11.83 26.34 -9.03
N ILE A 387 11.29 26.35 -10.24
CA ILE A 387 10.61 27.50 -10.75
C ILE A 387 9.37 27.77 -9.91
N LYS A 388 9.26 29.00 -9.41
CA LYS A 388 8.09 29.39 -8.62
C LYS A 388 7.07 30.20 -9.42
N ILE A 389 7.50 30.86 -10.49
CA ILE A 389 6.61 31.75 -11.24
C ILE A 389 6.78 31.51 -12.73
N ALA A 390 5.66 31.23 -13.42
CA ALA A 390 5.72 31.01 -14.87
C ALA A 390 4.34 31.25 -15.50
N ASN A 391 4.24 32.27 -16.36
CA ASN A 391 3.02 32.53 -17.11
C ASN A 391 2.90 31.52 -18.23
N LEU A 392 1.96 30.58 -18.07
CA LEU A 392 1.83 29.47 -19.00
C LEU A 392 1.51 29.92 -20.42
N SER A 393 0.96 31.13 -20.58
CA SER A 393 0.55 31.60 -21.91
C SER A 393 1.74 31.78 -22.83
N MET A 394 2.94 31.91 -22.27
CA MET A 394 4.14 32.04 -23.09
C MET A 394 4.31 30.87 -24.06
N PHE A 395 3.71 29.71 -23.78
CA PHE A 395 3.93 28.62 -24.71
C PHE A 395 3.04 28.69 -25.93
N LYS A 396 2.22 29.75 -26.05
CA LYS A 396 1.52 30.05 -27.29
C LYS A 396 2.49 30.20 -28.45
N GLN A 397 3.75 30.52 -28.18
CA GLN A 397 4.79 30.58 -29.21
C GLN A 397 5.48 29.25 -29.42
N PHE A 398 5.00 28.18 -28.81
CA PHE A 398 5.67 26.89 -28.93
C PHE A 398 4.69 25.81 -29.32
N LYS A 399 3.66 26.19 -30.08
CA LYS A 399 2.60 25.24 -30.42
C LYS A 399 3.14 24.12 -31.29
N ARG A 400 4.29 24.32 -31.94
CA ARG A 400 4.88 23.24 -32.73
C ARG A 400 5.48 22.11 -31.90
N LEU A 401 5.68 22.31 -30.60
CA LEU A 401 6.35 21.31 -29.77
C LEU A 401 5.44 20.12 -29.48
N LYS A 402 6.06 18.94 -29.30
CA LYS A 402 5.31 17.74 -28.92
C LYS A 402 5.17 17.60 -27.41
N VAL A 403 6.20 17.97 -26.64
CA VAL A 403 6.13 17.95 -25.17
C VAL A 403 6.81 19.19 -24.61
N ILE A 404 6.13 19.87 -23.70
CA ILE A 404 6.70 20.90 -22.84
C ILE A 404 6.70 20.34 -21.42
N ASP A 405 7.88 20.12 -20.85
CA ASP A 405 8.04 19.43 -19.58
C ASP A 405 8.46 20.43 -18.51
N LEU A 406 7.54 20.75 -17.61
CA LEU A 406 7.85 21.60 -16.46
C LEU A 406 7.71 20.80 -15.17
N SER A 407 7.87 19.49 -15.25
CA SER A 407 7.61 18.62 -14.11
C SER A 407 8.60 18.84 -12.94
N VAL A 408 8.09 18.67 -11.72
CA VAL A 408 8.89 18.82 -10.50
C VAL A 408 9.42 20.26 -10.44
N ASN A 409 8.51 21.21 -10.26
CA ASN A 409 8.84 22.59 -10.02
C ASN A 409 7.91 23.08 -8.92
N LYS A 410 7.94 24.38 -8.60
CA LYS A 410 7.10 24.94 -7.55
C LYS A 410 6.16 26.01 -8.11
N ILE A 411 5.81 25.89 -9.39
CA ILE A 411 4.92 26.85 -10.04
C ILE A 411 3.57 26.84 -9.35
N SER A 412 3.07 28.03 -9.01
CA SER A 412 1.75 28.24 -8.43
C SER A 412 1.23 29.58 -8.95
N PRO A 413 -0.02 29.97 -8.68
CA PRO A 413 -0.98 30.49 -9.66
C PRO A 413 -0.50 30.42 -11.10
N VAL A 437 9.99 9.46 -22.30
CA VAL A 437 10.00 9.58 -20.84
C VAL A 437 11.29 8.95 -20.26
N LEU A 438 12.03 9.73 -19.47
CA LEU A 438 13.30 9.32 -18.87
C LEU A 438 13.08 8.54 -17.57
N GLU A 439 14.03 7.63 -17.29
CA GLU A 439 13.98 6.80 -16.08
C GLU A 439 13.95 7.66 -14.82
N GLN A 440 13.32 7.12 -13.77
CA GLN A 440 13.27 7.81 -12.47
C GLN A 440 14.67 8.24 -12.03
N LEU A 441 15.61 7.31 -12.09
CA LEU A 441 17.02 7.61 -11.88
C LEU A 441 17.66 7.65 -13.26
N TYR A 442 18.18 8.80 -13.62
CA TYR A 442 18.60 9.05 -14.98
C TYR A 442 19.85 9.91 -14.99
N TYR A 443 19.73 11.16 -14.56
CA TYR A 443 20.89 12.03 -14.49
C TYR A 443 21.80 11.68 -13.32
N PHE A 444 21.28 10.96 -12.33
CA PHE A 444 22.06 10.68 -11.14
C PHE A 444 22.40 9.21 -10.97
N ARG A 445 21.98 8.34 -11.86
CA ARG A 445 22.44 6.97 -11.65
C ARG A 445 23.83 6.74 -12.24
N TYR A 446 24.54 5.74 -11.69
CA TYR A 446 25.95 5.57 -12.00
C TYR A 446 26.16 5.22 -13.47
N ASP A 447 25.46 4.19 -13.96
CA ASP A 447 25.64 3.74 -15.35
C ASP A 447 24.25 3.44 -15.88
N LYS A 448 23.60 4.43 -16.49
CA LYS A 448 22.25 4.22 -17.02
C LYS A 448 22.21 3.14 -18.10
N TYR A 449 23.33 2.78 -18.71
CA TYR A 449 23.34 1.73 -19.72
C TYR A 449 23.83 0.41 -19.14
N ALA A 450 23.83 0.28 -17.81
CA ALA A 450 24.31 -0.94 -17.18
C ALA A 450 23.41 -2.10 -17.55
N ARG A 451 24.01 -3.19 -18.03
CA ARG A 451 23.30 -4.39 -18.43
C ARG A 451 23.05 -5.26 -17.20
N SER A 452 21.84 -5.76 -17.07
CA SER A 452 21.50 -6.67 -15.99
C SER A 452 21.47 -8.10 -16.51
N CYS A 453 21.66 -9.03 -15.59
CA CYS A 453 21.62 -10.44 -15.92
C CYS A 453 20.27 -10.85 -16.52
N SER A 468 0.62 6.87 -20.78
CA SER A 468 1.33 8.10 -21.13
C SER A 468 0.57 8.84 -22.23
N CYS A 469 0.54 10.16 -22.20
CA CYS A 469 -0.35 10.88 -23.09
C CYS A 469 0.33 11.59 -24.26
N TYR A 470 1.65 11.46 -24.43
CA TYR A 470 2.32 12.16 -25.52
C TYR A 470 1.68 11.85 -26.87
N LYS A 471 1.18 10.63 -27.06
CA LYS A 471 0.63 10.26 -28.37
C LYS A 471 -0.59 11.10 -28.75
N TYR A 472 -1.22 11.80 -27.80
CA TYR A 472 -2.38 12.59 -28.13
C TYR A 472 -2.07 13.92 -28.81
N GLY A 473 -0.80 14.35 -28.84
CA GLY A 473 -0.42 15.63 -29.40
C GLY A 473 0.29 16.50 -28.37
N GLN A 474 0.18 17.81 -28.56
CA GLN A 474 0.90 18.76 -27.70
C GLN A 474 0.61 18.50 -26.24
N THR A 475 1.67 18.32 -25.46
CA THR A 475 1.56 17.97 -24.04
C THR A 475 2.24 19.02 -23.20
N LEU A 476 1.50 19.61 -22.26
CA LEU A 476 2.06 20.50 -21.25
C LEU A 476 2.08 19.74 -19.94
N ASP A 477 3.28 19.37 -19.48
CA ASP A 477 3.44 18.57 -18.26
C ASP A 477 3.70 19.53 -17.10
N LEU A 478 2.68 19.76 -16.28
CA LEU A 478 2.83 20.56 -15.07
C LEU A 478 2.82 19.69 -13.82
N SER A 479 3.09 18.38 -13.95
CA SER A 479 3.01 17.49 -12.81
C SER A 479 4.01 17.88 -11.71
N LYS A 480 3.67 17.49 -10.48
CA LYS A 480 4.53 17.70 -9.31
C LYS A 480 4.98 19.15 -9.19
N ASN A 481 4.01 20.06 -9.30
CA ASN A 481 4.22 21.46 -9.00
C ASN A 481 3.39 21.84 -7.76
N SER A 482 3.17 23.13 -7.57
CA SER A 482 2.50 23.63 -6.36
C SER A 482 1.24 24.40 -6.70
N ILE A 483 0.59 24.06 -7.81
CA ILE A 483 -0.66 24.70 -8.17
C ILE A 483 -1.72 24.29 -7.15
N PHE A 484 -2.24 25.26 -6.38
CA PHE A 484 -3.32 25.01 -5.43
C PHE A 484 -4.67 25.53 -5.91
N PHE A 485 -4.71 26.37 -6.96
CA PHE A 485 -5.96 26.90 -7.48
C PHE A 485 -5.82 27.24 -8.95
N ILE A 486 -6.80 26.83 -9.75
CA ILE A 486 -6.80 27.11 -11.18
C ILE A 486 -7.99 27.98 -11.58
N LYS A 487 -7.79 28.69 -12.69
CA LYS A 487 -8.67 29.74 -13.18
C LYS A 487 -8.57 29.71 -14.69
N SER A 488 -9.66 30.07 -15.37
CA SER A 488 -9.70 29.94 -16.83
C SER A 488 -8.54 30.65 -17.52
N SER A 489 -8.24 31.88 -17.10
CA SER A 489 -7.20 32.67 -17.73
C SER A 489 -5.80 32.09 -17.55
N ASP A 490 -5.57 31.24 -16.53
CA ASP A 490 -4.28 30.56 -16.35
C ASP A 490 -3.86 29.80 -17.60
N PHE A 491 -4.81 29.43 -18.44
CA PHE A 491 -4.55 28.62 -19.63
C PHE A 491 -4.72 29.46 -20.87
N GLN A 492 -4.64 30.74 -20.72
CA GLN A 492 -5.06 31.36 -21.93
C GLN A 492 -3.98 31.51 -22.98
N HIS A 493 -4.47 31.34 -24.19
CA HIS A 493 -3.69 31.22 -25.41
C HIS A 493 -3.14 29.81 -25.57
N LEU A 494 -3.65 28.82 -24.82
CA LEU A 494 -3.17 27.45 -24.99
C LEU A 494 -4.23 26.50 -25.59
N SER A 495 -5.18 27.03 -26.34
CA SER A 495 -6.24 26.18 -26.86
C SER A 495 -5.71 25.07 -27.76
N PHE A 496 -4.44 25.12 -28.13
CA PHE A 496 -3.88 24.08 -28.99
C PHE A 496 -3.56 22.79 -28.25
N LEU A 497 -3.51 22.82 -26.92
CA LEU A 497 -3.04 21.68 -26.13
C LEU A 497 -3.93 20.45 -26.34
N LYS A 498 -3.29 19.30 -26.52
CA LYS A 498 -4.02 18.04 -26.55
C LYS A 498 -3.95 17.27 -25.23
N CYS A 499 -2.84 17.36 -24.50
CA CYS A 499 -2.73 16.67 -23.22
C CYS A 499 -2.17 17.64 -22.19
N LEU A 500 -2.83 17.73 -21.03
CA LEU A 500 -2.37 18.52 -19.90
C LEU A 500 -2.18 17.60 -18.70
N ASN A 501 -0.96 17.58 -18.14
CA ASN A 501 -0.66 16.78 -16.95
C ASN A 501 -0.61 17.70 -15.75
N LEU A 502 -1.62 17.61 -14.89
CA LEU A 502 -1.65 18.35 -13.62
C LEU A 502 -1.45 17.40 -12.47
N SER A 503 -0.91 16.21 -12.74
CA SER A 503 -0.76 15.23 -11.69
C SER A 503 0.12 15.77 -10.56
N GLY A 504 -0.31 15.51 -9.33
CA GLY A 504 0.56 15.81 -8.22
C GLY A 504 0.73 17.29 -7.96
N ASN A 505 -0.33 18.06 -8.08
CA ASN A 505 -0.30 19.41 -7.60
C ASN A 505 -1.03 19.46 -6.26
N LEU A 506 -1.46 20.65 -5.84
CA LEU A 506 -2.11 20.79 -4.55
C LEU A 506 -3.52 21.35 -4.72
N ILE A 507 -4.17 20.97 -5.81
CA ILE A 507 -5.45 21.57 -6.22
C ILE A 507 -6.55 21.02 -5.32
N SER A 508 -7.03 21.87 -4.41
CA SER A 508 -8.07 21.53 -3.44
C SER A 508 -9.23 22.49 -3.69
N GLN A 509 -10.04 22.16 -4.68
CA GLN A 509 -10.94 23.11 -5.33
C GLN A 509 -12.15 22.34 -5.84
N THR A 510 -13.33 22.95 -5.77
CA THR A 510 -14.49 22.44 -6.50
C THR A 510 -14.45 22.99 -7.92
N LEU A 511 -14.63 22.13 -8.90
CA LEU A 511 -14.69 22.55 -10.29
C LEU A 511 -16.14 22.68 -10.73
N ASN A 512 -16.47 23.76 -11.43
CA ASN A 512 -17.85 23.97 -11.85
C ASN A 512 -18.00 24.17 -13.36
N GLY A 513 -16.98 23.82 -14.15
CA GLY A 513 -17.02 23.96 -15.59
C GLY A 513 -16.42 25.23 -16.15
N SER A 514 -15.90 26.11 -15.30
CA SER A 514 -15.34 27.37 -15.75
C SER A 514 -13.82 27.39 -15.75
N GLU A 515 -13.15 26.38 -15.19
CA GLU A 515 -11.72 26.48 -14.92
C GLU A 515 -10.84 26.20 -16.12
N PHE A 516 -11.34 25.46 -17.11
CA PHE A 516 -10.52 25.00 -18.23
C PHE A 516 -10.97 25.57 -19.57
N GLN A 517 -11.67 26.70 -19.58
CA GLN A 517 -12.43 27.06 -20.78
C GLN A 517 -11.56 27.27 -22.02
N PRO A 518 -10.35 27.81 -21.93
CA PRO A 518 -9.53 27.91 -23.15
C PRO A 518 -9.22 26.57 -23.79
N LEU A 519 -9.24 25.46 -23.04
CA LEU A 519 -8.62 24.23 -23.52
C LEU A 519 -9.60 23.45 -24.40
N ALA A 520 -9.90 24.07 -25.55
CA ALA A 520 -10.94 23.59 -26.47
C ALA A 520 -10.55 22.32 -27.18
N GLU A 521 -9.26 22.03 -27.31
CA GLU A 521 -8.82 20.83 -28.03
C GLU A 521 -8.25 19.76 -27.11
N LEU A 522 -8.34 19.95 -25.80
CA LEU A 522 -7.79 18.99 -24.86
C LEU A 522 -8.45 17.62 -25.04
N ARG A 523 -7.62 16.58 -25.21
CA ARG A 523 -8.08 15.21 -25.29
C ARG A 523 -7.81 14.38 -24.05
N TYR A 524 -6.80 14.77 -23.25
CA TYR A 524 -6.35 13.98 -22.10
C TYR A 524 -6.02 14.93 -20.97
N LEU A 525 -6.66 14.74 -19.81
CA LEU A 525 -6.36 15.52 -18.62
C LEU A 525 -5.95 14.56 -17.51
N ASP A 526 -4.71 14.66 -17.07
CA ASP A 526 -4.26 13.88 -15.91
C ASP A 526 -4.45 14.80 -14.71
N PHE A 527 -5.46 14.51 -13.89
CA PHE A 527 -5.77 15.27 -12.68
C PHE A 527 -5.52 14.46 -11.42
N SER A 528 -4.75 13.38 -11.54
CA SER A 528 -4.47 12.48 -10.44
C SER A 528 -3.62 13.16 -9.36
N ASN A 529 -3.69 12.65 -8.12
CA ASN A 529 -2.91 13.16 -6.99
C ASN A 529 -3.11 14.67 -6.77
N ASN A 530 -4.38 15.07 -6.65
CA ASN A 530 -4.76 16.39 -6.20
C ASN A 530 -5.80 16.19 -5.11
N ARG A 531 -6.57 17.26 -4.81
CA ARG A 531 -7.71 17.09 -3.92
C ARG A 531 -8.95 17.62 -4.61
N LEU A 532 -9.33 16.97 -5.71
CA LEU A 532 -10.55 17.32 -6.41
C LEU A 532 -11.73 17.25 -5.45
N ASP A 533 -12.63 18.22 -5.55
CA ASP A 533 -13.87 18.20 -4.77
C ASP A 533 -15.04 18.23 -5.74
N LEU A 534 -15.69 17.08 -5.91
CA LEU A 534 -16.84 16.94 -6.80
C LEU A 534 -18.15 17.39 -6.11
N LEU A 535 -18.19 18.68 -5.75
CA LEU A 535 -19.42 19.28 -5.23
C LEU A 535 -20.48 19.43 -6.31
N HIS A 536 -20.07 19.77 -7.53
CA HIS A 536 -20.97 20.05 -8.64
C HIS A 536 -20.78 19.02 -9.73
N SER A 537 -21.87 18.54 -10.31
CA SER A 537 -21.81 17.60 -11.41
C SER A 537 -21.45 18.26 -12.74
N THR A 538 -21.11 19.54 -12.75
CA THR A 538 -20.69 20.22 -13.97
C THR A 538 -19.18 20.24 -14.14
N ALA A 539 -18.45 19.61 -13.22
CA ALA A 539 -16.99 19.60 -13.32
C ALA A 539 -16.55 19.07 -14.68
N PHE A 540 -15.53 19.71 -15.25
CA PHE A 540 -14.85 19.28 -16.47
C PHE A 540 -15.70 19.43 -17.74
N GLU A 541 -16.95 19.91 -17.63
CA GLU A 541 -17.80 19.89 -18.82
C GLU A 541 -17.34 20.87 -19.88
N GLU A 542 -16.45 21.80 -19.55
CA GLU A 542 -15.94 22.67 -20.60
C GLU A 542 -14.95 21.98 -21.51
N LEU A 543 -14.46 20.79 -21.15
CA LEU A 543 -13.48 20.09 -21.99
C LEU A 543 -14.25 19.22 -22.96
N ARG A 544 -14.84 19.90 -23.94
CA ARG A 544 -15.76 19.30 -24.90
C ARG A 544 -15.12 18.20 -25.72
N LYS A 545 -13.82 18.22 -25.94
CA LYS A 545 -13.19 17.17 -26.72
C LYS A 545 -12.51 16.12 -25.84
N LEU A 546 -12.72 16.16 -24.52
CA LEU A 546 -12.00 15.29 -23.58
C LEU A 546 -12.32 13.82 -23.81
N GLU A 547 -11.28 13.01 -24.04
CA GLU A 547 -11.46 11.57 -24.19
C GLU A 547 -10.97 10.75 -23.01
N VAL A 548 -10.00 11.24 -22.26
CA VAL A 548 -9.45 10.49 -21.12
C VAL A 548 -9.33 11.44 -19.91
N LEU A 549 -9.93 11.05 -18.80
CA LEU A 549 -9.84 11.84 -17.58
C LEU A 549 -9.32 10.94 -16.48
N ASP A 550 -8.26 11.38 -15.82
CA ASP A 550 -7.64 10.67 -14.71
C ASP A 550 -7.87 11.50 -13.46
N ILE A 551 -8.76 11.03 -12.58
CA ILE A 551 -8.92 11.70 -11.28
C ILE A 551 -8.61 10.72 -10.16
N SER A 552 -7.69 9.77 -10.42
CA SER A 552 -7.27 8.82 -9.38
C SER A 552 -6.50 9.55 -8.26
N SER A 553 -6.53 8.95 -7.07
CA SER A 553 -5.78 9.47 -5.93
C SER A 553 -6.17 10.90 -5.62
N ASN A 554 -7.48 11.17 -5.69
CA ASN A 554 -8.07 12.40 -5.18
C ASN A 554 -8.95 12.02 -4.00
N SER A 555 -8.36 11.28 -3.05
CA SER A 555 -9.10 10.66 -1.96
C SER A 555 -9.47 11.64 -0.86
N HIS A 556 -8.77 12.79 -0.77
CA HIS A 556 -8.90 13.69 0.38
C HIS A 556 -10.34 13.93 0.79
N TYR A 557 -11.15 14.51 -0.09
CA TYR A 557 -12.50 14.83 0.34
C TYR A 557 -13.41 13.61 0.44
N PHE A 558 -13.01 12.44 -0.09
CA PHE A 558 -13.76 11.20 0.09
C PHE A 558 -13.50 10.53 1.43
N GLN A 559 -12.51 11.01 2.19
CA GLN A 559 -12.06 10.36 3.41
C GLN A 559 -12.72 10.91 4.67
N SER A 560 -13.44 12.00 4.56
CA SER A 560 -14.13 12.61 5.68
C SER A 560 -15.62 12.38 5.47
N GLU A 561 -16.30 11.92 6.53
CA GLU A 561 -17.71 11.58 6.42
C GLU A 561 -18.59 12.81 6.17
N GLY A 562 -19.72 12.59 5.50
CA GLY A 562 -20.74 13.58 5.38
C GLY A 562 -20.58 14.55 4.25
N ILE A 563 -19.55 14.43 3.47
CA ILE A 563 -19.24 15.39 2.43
C ILE A 563 -19.92 15.00 1.13
N THR A 564 -20.40 16.00 0.42
CA THR A 564 -21.14 15.79 -0.82
C THR A 564 -20.21 15.41 -1.98
N HIS A 565 -20.58 14.37 -2.73
CA HIS A 565 -19.78 13.88 -3.85
C HIS A 565 -20.73 13.61 -5.00
N MET A 566 -20.52 14.31 -6.11
CA MET A 566 -21.34 14.16 -7.30
C MET A 566 -20.61 13.26 -8.29
N LEU A 567 -20.79 11.94 -8.12
CA LEU A 567 -20.18 11.02 -9.07
C LEU A 567 -20.88 11.02 -10.42
N ASN A 568 -22.05 11.62 -10.56
CA ASN A 568 -22.73 11.64 -11.86
C ASN A 568 -22.27 12.78 -12.75
N PHE A 569 -21.05 13.29 -12.55
CA PHE A 569 -20.51 14.33 -13.40
C PHE A 569 -20.20 13.84 -14.80
N THR A 570 -20.24 12.54 -15.05
CA THR A 570 -19.82 12.01 -16.34
C THR A 570 -20.80 12.33 -17.46
N LYS A 571 -22.05 12.65 -17.14
CA LYS A 571 -23.04 12.81 -18.20
C LYS A 571 -22.68 13.92 -19.17
N ASN A 572 -22.03 14.99 -18.69
CA ASN A 572 -21.77 16.16 -19.54
C ASN A 572 -20.61 15.95 -20.50
N LEU A 573 -19.87 14.85 -20.40
CA LEU A 573 -18.65 14.65 -21.18
C LEU A 573 -18.99 13.71 -22.33
N LYS A 574 -19.27 14.31 -23.50
CA LYS A 574 -19.93 13.60 -24.59
C LYS A 574 -18.98 12.79 -25.44
N VAL A 575 -17.68 13.02 -25.34
CA VAL A 575 -16.78 12.16 -26.07
C VAL A 575 -15.84 11.39 -25.16
N LEU A 576 -16.10 11.40 -23.85
CA LEU A 576 -15.21 10.77 -22.87
C LEU A 576 -15.15 9.27 -23.09
N GLN A 577 -13.94 8.74 -23.24
CA GLN A 577 -13.74 7.33 -23.50
C GLN A 577 -13.27 6.55 -22.29
N LYS A 578 -12.40 7.13 -21.47
CA LYS A 578 -11.72 6.42 -20.41
C LYS A 578 -11.72 7.31 -19.17
N LEU A 579 -12.11 6.73 -18.04
CA LEU A 579 -12.20 7.44 -16.77
C LEU A 579 -11.48 6.61 -15.72
N MET A 580 -10.45 7.18 -15.12
CA MET A 580 -9.70 6.56 -14.04
C MET A 580 -9.99 7.25 -12.72
N MET A 581 -10.61 6.54 -11.78
CA MET A 581 -10.78 7.08 -10.44
C MET A 581 -10.32 6.08 -9.41
N ASN A 582 -9.09 5.62 -9.58
CA ASN A 582 -8.46 4.66 -8.68
C ASN A 582 -8.02 5.32 -7.37
N ASP A 583 -8.08 4.54 -6.28
CA ASP A 583 -7.45 4.93 -5.03
C ASP A 583 -8.07 6.20 -4.46
N ASN A 584 -9.38 6.33 -4.57
CA ASN A 584 -10.07 7.52 -4.09
C ASN A 584 -10.76 7.23 -2.78
N ASP A 585 -10.72 6.00 -2.30
CA ASP A 585 -11.35 5.64 -1.05
C ASP A 585 -12.83 5.96 -1.09
N ILE A 586 -13.45 5.85 -2.27
CA ILE A 586 -14.85 6.20 -2.38
C ILE A 586 -15.67 5.18 -1.60
N SER A 587 -16.42 5.67 -0.61
CA SER A 587 -17.22 4.82 0.23
C SER A 587 -18.62 5.37 0.40
N SER A 588 -18.96 6.47 -0.27
CA SER A 588 -20.24 7.14 -0.18
C SER A 588 -20.37 8.02 -1.42
N SER A 589 -21.61 8.26 -1.84
CA SER A 589 -21.86 9.10 -3.01
C SER A 589 -23.24 9.72 -2.93
N THR A 590 -23.33 11.02 -3.23
CA THR A 590 -24.64 11.66 -3.18
C THR A 590 -25.51 11.16 -4.31
N SER A 591 -24.95 11.07 -5.51
CA SER A 591 -25.67 10.51 -6.65
C SER A 591 -25.62 8.98 -6.62
N ARG A 592 -26.66 8.37 -7.19
CA ARG A 592 -26.82 6.94 -7.11
C ARG A 592 -26.39 6.24 -8.39
N THR A 593 -26.24 6.98 -9.49
CA THR A 593 -25.94 6.39 -10.77
C THR A 593 -24.96 7.30 -11.51
N MET A 594 -23.96 6.72 -12.16
CA MET A 594 -23.17 7.45 -13.13
C MET A 594 -23.68 7.11 -14.52
N GLU A 595 -23.61 8.11 -15.40
CA GLU A 595 -24.21 7.98 -16.72
C GLU A 595 -23.23 8.48 -17.78
N SER A 596 -23.17 7.73 -18.87
CA SER A 596 -22.40 8.14 -20.04
C SER A 596 -22.88 7.32 -21.21
N GLU A 597 -23.01 7.97 -22.36
CA GLU A 597 -23.22 7.28 -23.62
C GLU A 597 -21.93 7.07 -24.37
N SER A 598 -20.80 7.53 -23.83
CA SER A 598 -19.55 7.40 -24.56
C SER A 598 -18.53 6.58 -23.83
N LEU A 599 -18.56 6.57 -22.50
CA LEU A 599 -17.51 5.93 -21.72
C LEU A 599 -17.35 4.46 -22.07
N ARG A 600 -16.11 4.06 -22.37
CA ARG A 600 -15.78 2.66 -22.63
C ARG A 600 -14.98 1.98 -21.52
N THR A 601 -14.09 2.69 -20.83
CA THR A 601 -13.26 2.11 -19.78
C THR A 601 -13.43 2.90 -18.48
N LEU A 602 -13.83 2.22 -17.40
CA LEU A 602 -13.89 2.84 -16.08
C LEU A 602 -12.98 2.09 -15.12
N GLU A 603 -11.97 2.79 -14.59
CA GLU A 603 -11.11 2.23 -13.56
C GLU A 603 -11.56 2.75 -12.20
N PHE A 604 -11.99 1.82 -11.32
CA PHE A 604 -12.57 2.13 -10.03
C PHE A 604 -11.90 1.33 -8.93
N ARG A 605 -10.64 1.05 -9.11
CA ARG A 605 -9.86 0.20 -8.21
C ARG A 605 -9.43 1.01 -6.98
N GLY A 606 -9.36 0.35 -5.84
CA GLY A 606 -8.90 1.07 -4.64
C GLY A 606 -9.95 1.97 -4.04
N ASN A 607 -11.21 1.52 -4.01
CA ASN A 607 -12.28 2.30 -3.40
C ASN A 607 -13.02 1.40 -2.41
N HIS A 608 -14.20 1.79 -1.96
CA HIS A 608 -14.90 1.00 -0.96
C HIS A 608 -16.31 0.66 -1.42
N LEU A 609 -16.39 0.01 -2.59
CA LEU A 609 -17.67 -0.57 -3.00
C LEU A 609 -18.22 -1.54 -1.95
N ASP A 610 -17.38 -2.08 -1.06
CA ASP A 610 -17.93 -2.94 -0.01
C ASP A 610 -18.84 -2.14 0.90
N VAL A 611 -18.50 -0.87 1.14
CA VAL A 611 -19.35 -0.03 1.97
C VAL A 611 -20.55 0.47 1.18
N LEU A 612 -20.32 0.98 -0.04
CA LEU A 612 -21.42 1.46 -0.87
C LEU A 612 -22.48 0.37 -1.09
N TRP A 613 -22.05 -0.88 -1.23
CA TRP A 613 -22.95 -2.00 -1.44
C TRP A 613 -23.22 -2.76 -0.15
N ARG A 614 -23.11 -2.10 0.99
CA ARG A 614 -23.33 -2.77 2.26
C ARG A 614 -24.61 -3.60 2.21
N ASP A 615 -24.52 -4.84 2.66
CA ASP A 615 -25.64 -5.74 2.49
C ASP A 615 -26.84 -5.21 3.25
N GLY A 616 -27.96 -5.04 2.52
CA GLY A 616 -29.14 -4.36 3.01
C GLY A 616 -29.36 -2.99 2.41
N ASP A 617 -28.34 -2.40 1.74
CA ASP A 617 -28.44 -1.08 1.11
C ASP A 617 -28.43 -1.31 -0.40
N ASN A 618 -29.57 -1.09 -1.03
CA ASN A 618 -29.71 -1.32 -2.46
C ASN A 618 -29.42 -0.09 -3.28
N ARG A 619 -29.22 1.06 -2.65
CA ARG A 619 -29.26 2.33 -3.38
C ARG A 619 -28.22 2.44 -4.49
N TYR A 620 -27.09 1.73 -4.38
CA TYR A 620 -26.01 1.94 -5.35
C TYR A 620 -25.74 0.73 -6.23
N LEU A 621 -26.64 -0.25 -6.28
CA LEU A 621 -26.37 -1.45 -7.09
C LEU A 621 -26.44 -1.20 -8.58
N GLN A 622 -26.80 0.00 -9.02
CA GLN A 622 -26.76 0.36 -10.43
C GLN A 622 -25.91 1.60 -10.65
N LEU A 623 -24.90 1.75 -9.81
CA LEU A 623 -23.98 2.87 -9.96
C LEU A 623 -23.41 2.94 -11.37
N PHE A 624 -23.18 1.80 -12.02
CA PHE A 624 -22.58 1.76 -13.35
C PHE A 624 -23.56 1.37 -14.45
N LYS A 625 -24.84 1.07 -14.12
CA LYS A 625 -25.78 0.52 -15.10
C LYS A 625 -25.96 1.41 -16.32
N ASN A 626 -25.88 2.72 -16.14
CA ASN A 626 -26.15 3.63 -17.24
C ASN A 626 -24.87 4.17 -17.87
N LEU A 627 -23.76 3.48 -17.68
CA LEU A 627 -22.60 3.70 -18.53
C LEU A 627 -22.77 2.74 -19.71
N LEU A 628 -23.64 3.14 -20.65
CA LEU A 628 -24.27 2.19 -21.57
C LEU A 628 -23.27 1.56 -22.52
N LYS A 629 -22.27 2.32 -22.91
CA LYS A 629 -21.22 1.83 -23.80
C LYS A 629 -20.04 1.20 -23.06
N LEU A 630 -20.13 1.03 -21.74
CA LEU A 630 -18.97 0.56 -20.96
C LEU A 630 -18.58 -0.87 -21.36
N GLU A 631 -17.31 -1.06 -21.70
CA GLU A 631 -16.85 -2.41 -22.00
C GLU A 631 -15.85 -2.96 -20.99
N GLU A 632 -15.11 -2.09 -20.30
CA GLU A 632 -14.10 -2.53 -19.35
C GLU A 632 -14.32 -1.87 -17.99
N LEU A 633 -14.43 -2.69 -16.95
CA LEU A 633 -14.63 -2.22 -15.58
C LEU A 633 -13.61 -2.91 -14.67
N ASP A 634 -12.82 -2.09 -13.93
CA ASP A 634 -11.86 -2.57 -12.94
C ASP A 634 -12.39 -2.24 -11.55
N ILE A 635 -12.91 -3.23 -10.84
CA ILE A 635 -13.33 -2.97 -9.46
C ILE A 635 -12.57 -3.92 -8.55
N SER A 636 -11.29 -4.11 -8.87
CA SER A 636 -10.37 -4.78 -7.98
C SER A 636 -10.11 -3.90 -6.77
N LYS A 637 -9.56 -4.50 -5.73
CA LYS A 637 -9.16 -3.77 -4.52
C LYS A 637 -10.26 -2.86 -4.01
N ASN A 638 -11.45 -3.44 -3.81
CA ASN A 638 -12.56 -2.71 -3.22
C ASN A 638 -13.07 -3.40 -1.97
N SER A 639 -12.24 -4.28 -1.39
CA SER A 639 -12.58 -5.01 -0.18
C SER A 639 -13.87 -5.79 -0.33
N LEU A 640 -14.23 -6.18 -1.54
CA LEU A 640 -15.48 -6.92 -1.74
C LEU A 640 -15.23 -8.38 -1.39
N SER A 641 -15.41 -8.71 -0.12
CA SER A 641 -15.26 -10.11 0.29
C SER A 641 -16.45 -10.98 -0.10
N PHE A 642 -17.57 -10.36 -0.49
CA PHE A 642 -18.68 -11.05 -1.13
C PHE A 642 -19.34 -10.02 -2.04
N LEU A 643 -20.11 -10.52 -3.01
CA LEU A 643 -20.88 -9.64 -3.89
C LEU A 643 -22.35 -9.72 -3.51
N PRO A 644 -22.97 -8.60 -3.13
CA PRO A 644 -24.41 -8.55 -2.87
C PRO A 644 -25.26 -8.95 -4.07
N SER A 645 -26.49 -9.39 -3.78
CA SER A 645 -27.52 -9.57 -4.82
C SER A 645 -27.66 -8.31 -5.61
N GLY A 646 -27.65 -8.39 -6.94
CA GLY A 646 -27.93 -7.22 -7.73
C GLY A 646 -26.72 -6.59 -8.38
N VAL A 647 -25.51 -6.98 -7.96
CA VAL A 647 -24.31 -6.40 -8.57
C VAL A 647 -24.25 -6.75 -10.05
N PHE A 648 -24.50 -8.01 -10.38
CA PHE A 648 -24.35 -8.46 -11.76
C PHE A 648 -25.50 -7.95 -12.64
N ASP A 649 -26.74 -8.05 -12.13
CA ASP A 649 -27.87 -7.49 -12.86
C ASP A 649 -27.70 -6.00 -13.10
N GLY A 650 -27.03 -5.30 -12.19
CA GLY A 650 -26.82 -3.87 -12.30
C GLY A 650 -25.70 -3.42 -13.21
N MET A 651 -24.92 -4.35 -13.79
CA MET A 651 -23.82 -3.94 -14.64
C MET A 651 -24.36 -3.53 -16.00
N PRO A 652 -23.66 -2.63 -16.70
CA PRO A 652 -24.14 -2.20 -18.01
C PRO A 652 -24.09 -3.34 -19.01
N PRO A 653 -24.92 -3.31 -20.04
CA PRO A 653 -25.16 -4.53 -20.85
C PRO A 653 -24.01 -4.93 -21.74
N ASN A 654 -23.05 -4.05 -22.05
CA ASN A 654 -21.97 -4.43 -22.97
C ASN A 654 -20.65 -4.72 -22.26
N LEU A 655 -20.68 -4.99 -20.95
CA LEU A 655 -19.45 -5.23 -20.20
C LEU A 655 -18.71 -6.44 -20.76
N LYS A 656 -17.47 -6.24 -21.20
CA LYS A 656 -16.60 -7.27 -21.78
C LYS A 656 -15.46 -7.71 -20.87
N ASN A 657 -14.81 -6.77 -20.17
N ASN A 657 -14.76 -6.78 -20.22
CA ASN A 657 -13.63 -7.04 -19.35
CA ASN A 657 -13.60 -7.07 -19.36
C ASN A 657 -13.91 -6.56 -17.93
C ASN A 657 -13.93 -6.58 -17.94
N LEU A 658 -14.05 -7.50 -17.00
CA LEU A 658 -14.38 -7.20 -15.60
C LEU A 658 -13.29 -7.75 -14.69
N SER A 659 -12.71 -6.90 -13.85
CA SER A 659 -11.77 -7.35 -12.83
C SER A 659 -12.38 -7.23 -11.44
N LEU A 660 -12.43 -8.34 -10.72
CA LEU A 660 -12.74 -8.37 -9.32
C LEU A 660 -11.52 -8.85 -8.51
N ALA A 661 -10.32 -8.61 -9.01
CA ALA A 661 -9.11 -9.12 -8.37
C ALA A 661 -8.85 -8.45 -7.01
N LYS A 662 -8.12 -9.17 -6.14
CA LYS A 662 -7.58 -8.60 -4.90
C LYS A 662 -8.70 -8.00 -4.04
N ASN A 663 -9.77 -8.77 -3.84
CA ASN A 663 -10.89 -8.33 -3.04
C ASN A 663 -11.07 -9.13 -1.76
N GLY A 664 -10.30 -10.18 -1.56
CA GLY A 664 -10.63 -11.05 -0.47
C GLY A 664 -11.94 -11.78 -0.68
N LEU A 665 -12.34 -11.98 -1.94
CA LEU A 665 -13.56 -12.72 -2.23
C LEU A 665 -13.49 -14.12 -1.63
N LYS A 666 -14.44 -14.44 -0.75
CA LYS A 666 -14.47 -15.76 -0.15
C LYS A 666 -15.50 -16.66 -0.80
N SER A 667 -16.37 -16.11 -1.66
CA SER A 667 -17.41 -16.91 -2.28
C SER A 667 -17.84 -16.18 -3.54
N PHE A 668 -18.50 -16.92 -4.42
CA PHE A 668 -18.87 -16.37 -5.71
C PHE A 668 -19.98 -17.24 -6.27
N ILE A 669 -21.16 -16.66 -6.49
CA ILE A 669 -22.26 -17.40 -7.11
C ILE A 669 -22.07 -17.36 -8.61
N TRP A 670 -21.44 -18.41 -9.17
CA TRP A 670 -21.03 -18.43 -10.57
C TRP A 670 -22.20 -18.29 -11.53
N GLU A 671 -23.41 -18.74 -11.12
CA GLU A 671 -24.55 -18.65 -12.01
C GLU A 671 -24.83 -17.20 -12.42
N LYS A 672 -24.52 -16.24 -11.55
CA LYS A 672 -24.91 -14.87 -11.86
C LYS A 672 -24.11 -14.27 -12.99
N LEU A 673 -23.10 -14.97 -13.50
CA LEU A 673 -22.46 -14.52 -14.73
C LEU A 673 -23.42 -14.55 -15.92
N ARG A 674 -24.54 -15.27 -15.80
CA ARG A 674 -25.49 -15.30 -16.90
C ARG A 674 -26.05 -13.91 -17.22
N TYR A 675 -26.06 -13.00 -16.24
CA TYR A 675 -26.49 -11.62 -16.52
C TYR A 675 -25.53 -10.91 -17.45
N LEU A 676 -24.26 -11.32 -17.47
CA LEU A 676 -23.21 -10.61 -18.18
C LEU A 676 -23.04 -11.25 -19.57
N LYS A 677 -23.96 -10.90 -20.46
CA LYS A 677 -24.07 -11.69 -21.67
C LYS A 677 -23.04 -11.31 -22.72
N ASN A 678 -22.26 -10.27 -22.49
CA ASN A 678 -21.13 -10.00 -23.36
C ASN A 678 -19.79 -10.20 -22.68
N LEU A 679 -19.78 -10.79 -21.48
CA LEU A 679 -18.55 -10.95 -20.71
C LEU A 679 -17.57 -11.84 -21.43
N GLU A 680 -16.36 -11.35 -21.63
CA GLU A 680 -15.32 -12.10 -22.32
C GLU A 680 -14.07 -12.35 -21.46
N THR A 681 -13.74 -11.45 -20.55
CA THR A 681 -12.63 -11.63 -19.60
C THR A 681 -13.13 -11.46 -18.17
N LEU A 682 -12.84 -12.44 -17.33
CA LEU A 682 -13.17 -12.38 -15.91
C LEU A 682 -11.88 -12.64 -15.12
N ASP A 683 -11.40 -11.62 -14.40
CA ASP A 683 -10.17 -11.67 -13.59
C ASP A 683 -10.58 -11.77 -12.11
N LEU A 684 -10.47 -12.97 -11.55
CA LEU A 684 -10.76 -13.22 -10.14
C LEU A 684 -9.49 -13.50 -9.34
N SER A 685 -8.33 -13.10 -9.86
CA SER A 685 -7.06 -13.41 -9.21
C SER A 685 -6.92 -12.78 -7.83
N HIS A 686 -6.05 -13.40 -7.02
CA HIS A 686 -5.72 -12.92 -5.68
C HIS A 686 -6.97 -12.70 -4.85
N ASN A 687 -7.68 -13.79 -4.62
CA ASN A 687 -8.88 -13.81 -3.79
C ASN A 687 -8.81 -15.08 -2.95
N GLN A 688 -9.96 -15.49 -2.39
CA GLN A 688 -10.07 -16.62 -1.47
C GLN A 688 -11.04 -17.67 -1.97
N LEU A 689 -11.22 -17.78 -3.28
CA LEU A 689 -12.18 -18.74 -3.80
C LEU A 689 -11.72 -20.17 -3.51
N THR A 690 -12.68 -21.06 -3.33
CA THR A 690 -12.31 -22.45 -3.11
C THR A 690 -12.89 -23.39 -4.16
N THR A 691 -13.83 -22.93 -4.99
CA THR A 691 -14.50 -23.80 -5.94
C THR A 691 -14.59 -23.15 -7.30
N VAL A 692 -14.69 -23.99 -8.32
CA VAL A 692 -15.01 -23.52 -9.66
C VAL A 692 -16.45 -23.97 -9.95
N PRO A 693 -17.14 -23.38 -10.93
CA PRO A 693 -18.51 -23.81 -11.20
C PRO A 693 -18.56 -25.27 -11.65
N GLU A 694 -19.71 -25.90 -11.39
CA GLU A 694 -19.90 -27.29 -11.81
C GLU A 694 -19.81 -27.43 -13.32
N ARG A 695 -20.28 -26.43 -14.06
CA ARG A 695 -20.25 -26.45 -15.53
C ARG A 695 -20.09 -25.00 -15.97
N LEU A 696 -18.87 -24.63 -16.34
CA LEU A 696 -18.60 -23.25 -16.70
C LEU A 696 -19.41 -22.83 -17.91
N SER A 697 -19.66 -23.75 -18.86
CA SER A 697 -20.45 -23.41 -20.03
C SER A 697 -21.86 -22.96 -19.65
N ASN A 698 -22.43 -23.56 -18.61
CA ASN A 698 -23.76 -23.24 -18.10
C ASN A 698 -23.84 -21.90 -17.37
N CYS A 699 -22.70 -21.25 -17.08
CA CYS A 699 -22.71 -19.97 -16.39
C CYS A 699 -22.47 -18.80 -17.32
N SER A 700 -21.64 -19.00 -18.32
CA SER A 700 -21.28 -17.95 -19.26
C SER A 700 -21.01 -18.64 -20.59
N ARG A 701 -21.83 -18.31 -21.60
CA ARG A 701 -21.61 -18.71 -22.98
C ARG A 701 -20.64 -17.82 -23.71
N SER A 702 -20.28 -16.67 -23.14
CA SER A 702 -19.42 -15.73 -23.81
C SER A 702 -18.00 -15.76 -23.28
N LEU A 703 -17.80 -16.32 -22.09
CA LEU A 703 -16.53 -16.18 -21.39
C LEU A 703 -15.42 -16.79 -22.21
N LYS A 704 -14.40 -15.99 -22.51
CA LYS A 704 -13.21 -16.43 -23.25
C LYS A 704 -11.95 -16.51 -22.40
N ASN A 705 -11.77 -15.64 -21.40
CA ASN A 705 -10.57 -15.63 -20.58
C ASN A 705 -10.95 -15.65 -19.12
N LEU A 706 -10.51 -16.68 -18.39
CA LEU A 706 -10.87 -16.88 -17.00
C LEU A 706 -9.61 -16.90 -16.15
N ILE A 707 -9.43 -15.89 -15.31
CA ILE A 707 -8.22 -15.75 -14.51
C ILE A 707 -8.56 -16.07 -13.07
N LEU A 708 -8.05 -17.20 -12.56
CA LEU A 708 -8.30 -17.62 -11.20
C LEU A 708 -7.00 -17.79 -10.41
N LYS A 709 -5.89 -17.28 -10.92
CA LYS A 709 -4.63 -17.40 -10.19
C LYS A 709 -4.72 -16.81 -8.77
N ASN A 710 -3.94 -17.40 -7.87
CA ASN A 710 -3.78 -16.97 -6.49
C ASN A 710 -5.12 -17.00 -5.75
N ASN A 711 -5.67 -18.22 -5.63
CA ASN A 711 -6.84 -18.47 -4.82
C ASN A 711 -6.59 -19.74 -4.01
N GLN A 712 -7.66 -20.31 -3.45
CA GLN A 712 -7.56 -21.45 -2.55
C GLN A 712 -8.23 -22.70 -3.14
N ILE A 713 -8.21 -22.85 -4.46
CA ILE A 713 -8.95 -23.94 -5.09
C ILE A 713 -8.19 -25.25 -4.91
N ARG A 714 -8.86 -26.27 -4.39
CA ARG A 714 -8.23 -27.55 -4.09
C ARG A 714 -8.64 -28.65 -5.04
N SER A 715 -9.76 -28.50 -5.74
CA SER A 715 -10.16 -29.48 -6.74
C SER A 715 -11.05 -28.81 -7.77
N LEU A 716 -11.10 -29.41 -8.94
CA LEU A 716 -11.99 -28.94 -9.99
C LEU A 716 -13.25 -29.79 -9.97
N THR A 717 -14.36 -29.22 -10.41
CA THR A 717 -15.59 -29.99 -10.50
C THR A 717 -15.45 -31.00 -11.60
N LYS A 718 -16.25 -32.06 -11.50
CA LYS A 718 -16.11 -33.23 -12.36
C LYS A 718 -16.26 -32.87 -13.84
N TYR A 719 -17.16 -31.93 -14.18
CA TYR A 719 -17.39 -31.53 -15.57
C TYR A 719 -17.16 -30.04 -15.81
N PHE A 720 -16.19 -29.48 -15.09
CA PHE A 720 -15.81 -28.08 -15.10
C PHE A 720 -15.91 -27.43 -16.48
N LEU A 721 -15.10 -27.89 -17.45
CA LEU A 721 -14.99 -27.23 -18.75
C LEU A 721 -15.83 -27.90 -19.85
N GLN A 722 -16.79 -28.74 -19.51
CA GLN A 722 -17.61 -29.42 -20.50
C GLN A 722 -18.35 -28.44 -21.45
N ASP A 723 -18.06 -28.53 -22.74
CA ASP A 723 -18.75 -27.74 -23.78
C ASP A 723 -18.53 -26.24 -23.63
N ALA A 724 -17.44 -25.84 -22.97
CA ALA A 724 -17.09 -24.42 -22.84
C ALA A 724 -16.38 -23.99 -24.12
N PHE A 725 -17.15 -23.98 -25.21
CA PHE A 725 -16.50 -23.88 -26.51
C PHE A 725 -15.87 -22.51 -26.72
N GLN A 726 -16.37 -21.48 -26.03
CA GLN A 726 -15.81 -20.12 -26.12
C GLN A 726 -14.49 -19.97 -25.37
N LEU A 727 -14.25 -20.75 -24.33
CA LEU A 727 -13.05 -20.58 -23.50
C LEU A 727 -11.79 -20.64 -24.34
N ARG A 728 -10.90 -19.65 -24.17
CA ARG A 728 -9.61 -19.61 -24.86
C ARG A 728 -8.41 -19.52 -23.94
N TYR A 729 -8.60 -19.10 -22.70
CA TYR A 729 -7.49 -18.83 -21.79
C TYR A 729 -7.93 -19.10 -20.36
N LEU A 730 -7.14 -19.90 -19.65
CA LEU A 730 -7.49 -20.35 -18.31
C LEU A 730 -6.25 -20.36 -17.43
N ASP A 731 -6.26 -19.56 -16.37
CA ASP A 731 -5.17 -19.50 -15.41
C ASP A 731 -5.67 -20.10 -14.11
N LEU A 732 -5.16 -21.28 -13.76
CA LEU A 732 -5.41 -21.86 -12.46
C LEU A 732 -4.15 -21.88 -11.61
N SER A 733 -3.16 -21.06 -11.93
CA SER A 733 -1.90 -21.20 -11.21
C SER A 733 -2.02 -20.66 -9.79
N SER A 734 -1.08 -21.07 -8.95
CA SER A 734 -1.02 -20.64 -7.55
C SER A 734 -2.33 -20.92 -6.85
N ASN A 735 -2.78 -22.16 -6.93
CA ASN A 735 -3.92 -22.59 -6.14
C ASN A 735 -3.46 -23.78 -5.32
N LYS A 736 -4.37 -24.62 -4.84
CA LYS A 736 -3.96 -25.78 -4.06
C LYS A 736 -4.48 -27.08 -4.68
N ILE A 737 -4.57 -27.13 -6.01
CA ILE A 737 -5.17 -28.28 -6.68
C ILE A 737 -4.29 -29.50 -6.53
N GLN A 738 -4.90 -30.63 -6.21
CA GLN A 738 -4.20 -31.89 -5.97
C GLN A 738 -4.29 -32.83 -7.17
N MET A 739 -5.46 -32.90 -7.80
CA MET A 739 -5.66 -33.82 -8.90
C MET A 739 -6.61 -33.22 -9.90
N ILE A 740 -6.38 -33.58 -11.17
CA ILE A 740 -7.24 -33.17 -12.27
C ILE A 740 -7.57 -34.42 -13.07
N GLN A 741 -8.87 -34.68 -13.28
CA GLN A 741 -9.36 -35.84 -14.01
C GLN A 741 -9.92 -35.41 -15.36
N LYS A 742 -9.95 -36.38 -16.30
CA LYS A 742 -10.27 -36.07 -17.69
C LYS A 742 -11.67 -35.45 -17.84
N THR A 743 -12.63 -35.86 -17.03
CA THR A 743 -13.98 -35.31 -17.18
C THR A 743 -13.97 -33.79 -17.06
N SER A 744 -13.10 -33.24 -16.21
CA SER A 744 -13.04 -31.80 -16.04
C SER A 744 -12.41 -31.10 -17.24
N PHE A 745 -11.56 -31.79 -17.97
CA PHE A 745 -10.73 -31.23 -19.04
C PHE A 745 -11.04 -31.91 -20.37
N PRO A 746 -12.25 -31.75 -20.92
CA PRO A 746 -12.54 -32.41 -22.20
C PRO A 746 -11.64 -31.86 -23.29
N GLU A 747 -11.14 -32.75 -24.13
CA GLU A 747 -10.10 -32.30 -25.03
C GLU A 747 -10.63 -31.54 -26.24
N ASN A 748 -11.93 -31.61 -26.55
CA ASN A 748 -12.44 -30.62 -27.49
C ASN A 748 -12.40 -29.20 -26.92
N VAL A 749 -12.26 -29.04 -25.61
CA VAL A 749 -12.12 -27.71 -25.06
C VAL A 749 -10.65 -27.32 -24.96
N LEU A 750 -9.79 -28.24 -24.52
CA LEU A 750 -8.37 -27.91 -24.37
C LEU A 750 -7.72 -27.58 -25.72
N ASN A 751 -8.24 -28.14 -26.82
CA ASN A 751 -7.70 -27.89 -28.15
C ASN A 751 -7.78 -26.42 -28.54
N ASN A 752 -8.82 -25.70 -28.12
CA ASN A 752 -8.94 -24.29 -28.47
C ASN A 752 -8.22 -23.36 -27.50
N LEU A 753 -7.57 -23.88 -26.45
CA LEU A 753 -6.97 -23.00 -25.45
C LEU A 753 -5.67 -22.42 -26.01
N LYS A 754 -5.56 -21.10 -26.02
CA LYS A 754 -4.28 -20.51 -26.37
C LYS A 754 -3.27 -20.70 -25.24
N MET A 755 -3.76 -20.76 -24.01
CA MET A 755 -2.86 -21.01 -22.87
C MET A 755 -3.66 -21.55 -21.71
N LEU A 756 -3.05 -22.48 -20.96
CA LEU A 756 -3.62 -23.08 -19.76
C LEU A 756 -2.52 -23.11 -18.71
N LEU A 757 -2.67 -22.33 -17.64
CA LEU A 757 -1.64 -22.18 -16.62
C LEU A 757 -1.97 -23.01 -15.39
N LEU A 758 -1.02 -23.85 -14.96
CA LEU A 758 -1.24 -24.83 -13.92
C LEU A 758 -0.15 -24.81 -12.86
N HIS A 759 0.83 -23.91 -12.95
CA HIS A 759 2.01 -24.04 -12.13
C HIS A 759 1.69 -23.64 -10.68
N HIS A 760 2.55 -24.08 -9.77
CA HIS A 760 2.45 -23.76 -8.36
C HIS A 760 1.08 -24.20 -7.78
N ASN A 761 0.80 -25.48 -7.91
CA ASN A 761 -0.32 -26.13 -7.25
C ASN A 761 0.21 -27.23 -6.33
N ARG A 762 -0.67 -28.11 -5.84
CA ARG A 762 -0.28 -29.09 -4.84
C ARG A 762 -0.47 -30.52 -5.35
N PHE A 763 0.11 -30.81 -6.51
CA PHE A 763 -0.21 -32.03 -7.25
C PHE A 763 0.28 -33.28 -6.54
N LEU A 764 -0.60 -34.27 -6.39
CA LEU A 764 -0.25 -35.56 -5.83
C LEU A 764 0.00 -36.54 -6.97
N CYS A 765 1.23 -37.05 -7.05
CA CYS A 765 1.62 -37.90 -8.16
C CYS A 765 1.53 -39.38 -7.76
N THR A 766 0.30 -39.80 -7.48
CA THR A 766 -0.03 -41.19 -7.20
C THR A 766 -0.61 -41.82 -8.46
N CYS A 767 -0.89 -43.13 -8.41
CA CYS A 767 -1.45 -43.75 -9.61
C CYS A 767 -2.82 -43.22 -9.99
N ASP A 768 -3.48 -42.44 -9.13
CA ASP A 768 -4.71 -41.79 -9.56
C ASP A 768 -4.44 -40.64 -10.53
N ALA A 769 -3.21 -40.12 -10.57
CA ALA A 769 -2.88 -39.00 -11.44
C ALA A 769 -2.40 -39.45 -12.82
N VAL A 770 -2.64 -40.72 -13.20
CA VAL A 770 -2.02 -41.26 -14.41
C VAL A 770 -2.46 -40.48 -15.66
N TRP A 771 -3.74 -40.14 -15.77
CA TRP A 771 -4.16 -39.40 -16.96
C TRP A 771 -3.54 -38.01 -16.96
N PHE A 772 -3.59 -37.30 -15.83
CA PHE A 772 -3.07 -35.93 -15.80
C PHE A 772 -1.59 -35.90 -16.13
N VAL A 773 -0.79 -36.75 -15.47
CA VAL A 773 0.64 -36.82 -15.77
C VAL A 773 0.87 -37.15 -17.25
N TRP A 774 0.15 -38.15 -17.77
CA TRP A 774 0.36 -38.50 -19.17
C TRP A 774 -0.10 -37.38 -20.10
N TRP A 775 -1.23 -36.75 -19.78
CA TRP A 775 -1.75 -35.68 -20.62
C TRP A 775 -0.81 -34.48 -20.64
N VAL A 776 -0.35 -34.06 -19.46
CA VAL A 776 0.60 -32.94 -19.36
C VAL A 776 1.84 -33.21 -20.21
N GLN A 777 2.35 -34.44 -20.18
CA GLN A 777 3.57 -34.78 -20.92
C GLN A 777 3.37 -34.84 -22.44
N HIS A 778 2.17 -35.20 -22.91
CA HIS A 778 1.96 -35.44 -24.34
C HIS A 778 1.15 -34.34 -25.01
N THR A 779 0.70 -33.33 -24.28
CA THR A 779 -0.18 -32.33 -24.85
C THR A 779 0.60 -31.22 -25.54
N GLU A 780 -0.06 -30.60 -26.50
CA GLU A 780 0.46 -29.46 -27.26
C GLU A 780 0.00 -28.12 -26.70
N VAL A 781 -1.03 -28.13 -25.85
CA VAL A 781 -1.48 -26.90 -25.20
C VAL A 781 -0.31 -26.19 -24.54
N THR A 782 -0.27 -24.87 -24.70
CA THR A 782 0.79 -24.07 -24.10
C THR A 782 0.60 -24.05 -22.58
N ILE A 783 1.60 -24.54 -21.85
CA ILE A 783 1.57 -24.57 -20.39
C ILE A 783 2.89 -24.02 -19.90
N PRO A 784 2.92 -22.80 -19.39
CA PRO A 784 4.20 -22.22 -18.98
C PRO A 784 4.71 -22.87 -17.71
N TYR A 785 6.03 -22.93 -17.60
CA TYR A 785 6.74 -23.33 -16.38
C TYR A 785 6.70 -24.82 -16.09
N LEU A 786 6.45 -25.66 -17.11
CA LEU A 786 6.57 -27.10 -16.90
C LEU A 786 7.94 -27.48 -16.32
N ALA A 787 8.97 -26.70 -16.63
CA ALA A 787 10.35 -27.01 -16.24
C ALA A 787 10.71 -26.57 -14.84
N THR A 788 9.93 -25.70 -14.22
CA THR A 788 10.37 -25.11 -12.97
C THR A 788 9.30 -25.17 -11.90
N ASP A 789 8.01 -25.21 -12.30
CA ASP A 789 7.01 -25.04 -11.28
C ASP A 789 5.71 -25.80 -11.53
N VAL A 790 5.74 -26.92 -12.29
CA VAL A 790 4.62 -27.87 -12.32
C VAL A 790 5.09 -29.20 -11.73
N THR A 791 4.93 -29.36 -10.44
CA THR A 791 5.71 -30.34 -9.69
C THR A 791 4.78 -31.12 -8.77
N CYS A 792 5.24 -32.31 -8.39
CA CYS A 792 4.58 -33.07 -7.34
C CYS A 792 4.93 -32.50 -5.99
N VAL A 793 3.94 -32.48 -5.08
CA VAL A 793 4.25 -32.27 -3.67
C VAL A 793 4.44 -33.59 -2.97
N GLY A 794 4.20 -34.71 -3.66
CA GLY A 794 4.22 -36.02 -3.05
C GLY A 794 3.68 -37.08 -4.00
N PRO A 795 3.62 -38.35 -3.55
CA PRO A 795 3.95 -38.86 -2.21
C PRO A 795 5.44 -39.08 -1.99
N GLY A 796 5.87 -38.99 -0.72
CA GLY A 796 7.26 -39.11 -0.29
C GLY A 796 8.31 -39.15 -1.38
N ALA A 797 8.34 -40.24 -2.15
CA ALA A 797 9.41 -40.47 -3.13
C ALA A 797 9.51 -39.34 -4.14
N HIS A 798 8.36 -38.96 -4.72
CA HIS A 798 8.24 -38.00 -5.81
C HIS A 798 8.29 -36.54 -5.37
N LYS A 799 8.39 -36.22 -4.09
CA LYS A 799 8.27 -34.84 -3.65
C LYS A 799 9.33 -33.98 -4.33
N GLY A 800 8.93 -32.79 -4.76
CA GLY A 800 9.81 -31.87 -5.44
C GLY A 800 10.05 -32.16 -6.90
N GLN A 801 9.59 -33.29 -7.42
CA GLN A 801 9.85 -33.69 -8.80
C GLN A 801 8.85 -33.08 -9.79
N SER A 802 9.34 -32.72 -10.98
CA SER A 802 8.45 -32.18 -12.01
C SER A 802 7.60 -33.29 -12.62
N VAL A 803 6.32 -32.99 -12.88
CA VAL A 803 5.46 -34.03 -13.43
C VAL A 803 5.82 -34.32 -14.87
N ILE A 804 6.50 -33.38 -15.55
CA ILE A 804 6.96 -33.64 -16.91
C ILE A 804 7.95 -34.80 -16.95
N SER A 805 8.78 -34.94 -15.90
CA SER A 805 9.78 -36.00 -15.82
C SER A 805 9.28 -37.28 -15.15
N LEU A 806 8.00 -37.39 -14.86
CA LEU A 806 7.54 -38.39 -13.91
C LEU A 806 7.24 -39.70 -14.62
N ASP A 807 7.78 -40.80 -14.10
CA ASP A 807 7.64 -42.12 -14.71
C ASP A 807 6.69 -42.93 -13.86
N LEU A 808 5.52 -43.26 -14.41
CA LEU A 808 4.49 -44.01 -13.68
C LEU A 808 4.26 -45.41 -14.24
N TYR A 809 5.30 -46.08 -14.73
CA TYR A 809 5.08 -47.41 -15.30
C TYR A 809 4.59 -48.40 -14.25
N THR A 810 5.03 -48.26 -12.99
CA THR A 810 4.57 -49.16 -11.94
C THR A 810 3.06 -49.21 -11.84
N CYS A 811 2.38 -48.13 -12.23
CA CYS A 811 0.92 -48.06 -12.19
C CYS A 811 0.23 -48.96 -13.21
N GLU A 812 0.95 -49.55 -14.17
CA GLU A 812 0.31 -50.45 -15.14
C GLU A 812 1.08 -51.76 -15.28
N LEU A 813 1.74 -52.20 -14.21
CA LEU A 813 2.46 -53.47 -14.26
C LEU A 813 1.52 -54.65 -14.52
N ALA B 5 4.81 -31.47 34.15
CA ALA B 5 4.38 -30.21 34.72
C ALA B 5 2.86 -30.15 34.90
N ARG B 6 2.10 -30.83 34.03
CA ARG B 6 0.70 -31.12 34.28
C ARG B 6 0.49 -32.61 34.28
N TRP B 7 -0.45 -33.05 35.12
CA TRP B 7 -0.80 -34.46 35.10
C TRP B 7 -1.92 -34.76 34.13
N PHE B 8 -2.84 -33.82 33.92
CA PHE B 8 -3.99 -34.02 33.06
C PHE B 8 -4.05 -32.91 32.03
N PRO B 9 -3.56 -33.15 30.80
CA PRO B 9 -3.60 -32.13 29.76
C PRO B 9 -5.01 -31.64 29.56
N LYS B 10 -5.15 -30.35 29.24
CA LYS B 10 -6.48 -29.78 29.04
C LYS B 10 -6.92 -30.01 27.60
N THR B 11 -8.06 -30.67 27.45
CA THR B 11 -8.61 -30.98 26.14
C THR B 11 -9.56 -29.90 25.66
N LEU B 12 -10.11 -29.15 26.60
CA LEU B 12 -11.26 -28.31 26.32
C LEU B 12 -10.85 -27.16 25.40
N PRO B 13 -11.55 -26.96 24.27
CA PRO B 13 -11.10 -25.96 23.30
C PRO B 13 -11.46 -24.55 23.71
N CYS B 14 -11.59 -24.29 25.00
CA CYS B 14 -11.99 -23.01 25.52
C CYS B 14 -10.96 -22.54 26.54
N ASP B 15 -10.81 -21.23 26.64
CA ASP B 15 -9.95 -20.65 27.67
C ASP B 15 -10.67 -20.70 29.00
N VAL B 16 -9.98 -21.17 30.03
CA VAL B 16 -10.57 -21.32 31.37
C VAL B 16 -9.73 -20.51 32.35
N THR B 17 -10.36 -19.52 32.97
CA THR B 17 -9.67 -18.65 33.90
C THR B 17 -10.39 -18.67 35.24
N LEU B 18 -9.63 -18.57 36.34
CA LEU B 18 -10.22 -18.46 37.67
C LEU B 18 -9.96 -17.07 38.19
N ASP B 19 -11.02 -16.42 38.61
CA ASP B 19 -10.93 -15.23 39.43
C ASP B 19 -11.42 -15.72 40.80
N VAL B 20 -10.48 -16.23 41.61
CA VAL B 20 -10.80 -16.71 42.94
C VAL B 20 -11.44 -15.59 43.75
N SER B 21 -11.15 -14.34 43.39
CA SER B 21 -11.65 -13.13 44.04
C SER B 21 -13.11 -13.25 44.41
N LYS B 22 -13.92 -13.27 43.36
CA LYS B 22 -15.35 -13.32 43.39
C LYS B 22 -15.82 -14.73 43.06
N ASN B 23 -14.99 -15.76 43.31
CA ASN B 23 -15.27 -17.15 42.94
C ASN B 23 -15.88 -17.24 41.55
N HIS B 24 -15.18 -16.84 40.46
CA HIS B 24 -15.83 -17.21 39.21
C HIS B 24 -14.89 -18.11 38.40
N VAL B 25 -15.48 -19.07 37.74
CA VAL B 25 -14.82 -19.93 36.78
C VAL B 25 -15.29 -19.52 35.39
N ILE B 26 -14.38 -18.89 34.64
CA ILE B 26 -14.68 -18.29 33.34
C ILE B 26 -14.25 -19.26 32.26
N VAL B 27 -15.20 -19.72 31.46
CA VAL B 27 -14.91 -20.52 30.29
C VAL B 27 -15.31 -19.71 29.07
N ASP B 28 -14.30 -19.37 28.24
CA ASP B 28 -14.49 -18.54 27.04
C ASP B 28 -14.21 -19.40 25.81
N CYS B 29 -15.27 -19.71 25.06
CA CYS B 29 -15.18 -20.45 23.80
C CYS B 29 -15.50 -19.59 22.59
N THR B 30 -15.12 -18.32 22.62
CA THR B 30 -15.44 -17.43 21.51
C THR B 30 -14.68 -17.87 20.26
N ASP B 31 -15.40 -18.03 19.16
CA ASP B 31 -14.79 -18.22 17.84
C ASP B 31 -13.86 -19.43 17.84
N LYS B 32 -14.42 -20.58 18.20
CA LYS B 32 -13.69 -21.84 18.22
C LYS B 32 -14.24 -22.82 17.20
N HIS B 33 -15.05 -22.33 16.26
CA HIS B 33 -15.57 -23.16 15.18
C HIS B 33 -16.25 -24.41 15.73
N LEU B 34 -17.07 -24.21 16.76
CA LEU B 34 -17.80 -25.31 17.40
C LEU B 34 -19.13 -25.53 16.70
N THR B 35 -19.49 -26.81 16.53
CA THR B 35 -20.86 -27.21 16.18
C THR B 35 -21.59 -27.82 17.36
N GLU B 36 -20.92 -27.96 18.51
CA GLU B 36 -21.46 -28.58 19.71
C GLU B 36 -21.07 -27.70 20.88
N ILE B 37 -21.87 -27.74 21.94
CA ILE B 37 -21.29 -27.30 23.22
C ILE B 37 -20.27 -28.34 23.64
N PRO B 38 -19.02 -27.96 23.90
CA PRO B 38 -17.99 -28.97 24.18
C PRO B 38 -18.36 -29.77 25.42
N GLY B 39 -17.94 -31.02 25.44
CA GLY B 39 -18.05 -31.79 26.65
C GLY B 39 -16.99 -31.39 27.66
N GLY B 40 -17.22 -31.74 28.92
CA GLY B 40 -16.17 -31.51 29.89
C GLY B 40 -16.06 -30.09 30.41
N ILE B 41 -17.03 -29.24 30.15
CA ILE B 41 -16.98 -27.89 30.73
C ILE B 41 -16.96 -28.01 32.24
N PRO B 42 -16.07 -27.32 32.95
CA PRO B 42 -16.03 -27.46 34.41
C PRO B 42 -17.42 -27.21 35.01
N THR B 43 -17.72 -27.95 36.07
CA THR B 43 -19.03 -27.85 36.73
C THR B 43 -19.12 -26.64 37.67
N ASN B 44 -17.98 -26.09 38.12
CA ASN B 44 -17.95 -24.80 38.80
C ASN B 44 -18.10 -23.61 37.85
N THR B 45 -18.32 -23.81 36.54
CA THR B 45 -18.33 -22.68 35.61
C THR B 45 -19.44 -21.70 35.95
N THR B 46 -19.06 -20.43 36.12
CA THR B 46 -19.98 -19.34 36.39
C THR B 46 -20.26 -18.46 35.18
N ASN B 47 -19.24 -18.18 34.36
CA ASN B 47 -19.36 -17.38 33.15
C ASN B 47 -19.01 -18.28 31.97
N LEU B 48 -19.96 -18.52 31.07
CA LEU B 48 -19.68 -19.38 29.92
C LEU B 48 -20.05 -18.64 28.65
N THR B 49 -19.06 -18.39 27.79
CA THR B 49 -19.26 -17.64 26.55
C THR B 49 -19.09 -18.57 25.36
N LEU B 50 -20.10 -18.60 24.49
CA LEU B 50 -20.05 -19.42 23.29
C LEU B 50 -20.23 -18.59 22.03
N THR B 51 -19.93 -17.29 22.13
CA THR B 51 -20.15 -16.36 21.02
C THR B 51 -19.35 -16.78 19.79
N ILE B 52 -19.96 -16.58 18.62
CA ILE B 52 -19.39 -16.87 17.30
C ILE B 52 -19.00 -18.34 17.23
N ASN B 53 -20.00 -19.21 17.14
CA ASN B 53 -19.82 -20.60 16.80
C ASN B 53 -21.03 -20.97 15.95
N HIS B 54 -21.19 -22.26 15.67
CA HIS B 54 -22.29 -22.74 14.86
C HIS B 54 -22.98 -23.88 15.56
N ILE B 55 -23.34 -23.61 16.81
CA ILE B 55 -24.11 -24.55 17.61
C ILE B 55 -25.57 -24.34 17.23
N PRO B 56 -26.25 -25.36 16.68
CA PRO B 56 -27.58 -25.13 16.10
C PRO B 56 -28.73 -25.20 17.08
N ASP B 57 -28.50 -25.59 18.34
CA ASP B 57 -29.62 -25.73 19.26
C ASP B 57 -29.15 -25.79 20.71
N ILE B 58 -30.06 -25.41 21.60
CA ILE B 58 -29.87 -25.50 23.05
C ILE B 58 -30.94 -26.44 23.61
N SER B 59 -30.58 -27.14 24.68
CA SER B 59 -31.42 -28.18 25.23
C SER B 59 -31.21 -28.24 26.74
N PRO B 60 -32.02 -29.01 27.46
CA PRO B 60 -31.73 -29.23 28.89
C PRO B 60 -30.37 -29.89 29.12
N ALA B 61 -29.92 -30.73 28.18
CA ALA B 61 -28.57 -31.29 28.22
C ALA B 61 -27.48 -30.23 28.10
N SER B 62 -27.79 -29.08 27.51
CA SER B 62 -26.77 -28.09 27.19
C SER B 62 -26.01 -27.66 28.44
N PHE B 63 -26.73 -27.27 29.49
CA PHE B 63 -26.07 -26.71 30.66
C PHE B 63 -26.34 -27.52 31.92
N HIS B 64 -26.70 -28.80 31.80
CA HIS B 64 -27.42 -29.46 32.89
C HIS B 64 -26.57 -29.53 34.16
N ARG B 65 -25.29 -29.88 34.04
CA ARG B 65 -24.47 -29.88 35.24
C ARG B 65 -23.94 -28.51 35.61
N LEU B 66 -24.19 -27.47 34.81
CA LEU B 66 -23.57 -26.17 35.01
C LEU B 66 -24.41 -25.33 35.98
N VAL B 67 -24.54 -25.87 37.20
CA VAL B 67 -25.51 -25.38 38.18
C VAL B 67 -25.24 -23.92 38.57
N HIS B 68 -23.97 -23.54 38.67
CA HIS B 68 -23.60 -22.24 39.21
C HIS B 68 -23.46 -21.15 38.14
N LEU B 69 -23.98 -21.39 36.94
CA LEU B 69 -23.87 -20.41 35.86
C LEU B 69 -24.58 -19.12 36.26
N VAL B 70 -23.82 -18.04 36.32
CA VAL B 70 -24.40 -16.71 36.52
C VAL B 70 -24.55 -15.96 35.20
N GLU B 71 -23.81 -16.34 34.15
CA GLU B 71 -23.87 -15.66 32.86
C GLU B 71 -23.73 -16.68 31.75
N ILE B 72 -24.60 -16.58 30.76
CA ILE B 72 -24.45 -17.34 29.52
C ILE B 72 -24.42 -16.35 28.38
N ASP B 73 -23.28 -16.27 27.68
CA ASP B 73 -23.12 -15.39 26.53
C ASP B 73 -23.16 -16.29 25.31
N PHE B 74 -24.28 -16.30 24.61
CA PHE B 74 -24.54 -17.19 23.48
C PHE B 74 -24.87 -16.40 22.23
N ARG B 75 -24.14 -15.30 21.98
CA ARG B 75 -24.44 -14.43 20.85
C ARG B 75 -23.87 -15.00 19.55
N CYS B 76 -24.56 -14.69 18.46
CA CYS B 76 -24.03 -14.82 17.11
C CYS B 76 -23.72 -16.27 16.74
N ASN B 77 -24.66 -17.16 17.05
CA ASN B 77 -24.57 -18.51 16.54
C ASN B 77 -25.47 -18.73 15.34
N CYS B 78 -26.24 -17.71 14.95
CA CYS B 78 -26.97 -17.71 13.69
C CYS B 78 -27.30 -16.26 13.30
N VAL B 79 -26.31 -15.51 12.81
CA VAL B 79 -26.46 -14.07 12.54
C VAL B 79 -27.45 -13.84 11.39
N PRO B 80 -28.26 -12.76 11.45
CA PRO B 80 -29.09 -12.34 10.30
C PRO B 80 -28.29 -12.27 9.03
N ILE B 81 -28.96 -12.49 7.92
CA ILE B 81 -28.14 -13.03 6.87
C ILE B 81 -27.29 -11.92 6.26
N ARG B 82 -27.87 -10.71 6.15
CA ARG B 82 -27.15 -9.53 5.66
C ARG B 82 -26.15 -8.98 6.68
N LEU B 83 -26.18 -9.45 7.94
CA LEU B 83 -25.18 -9.05 8.94
C LEU B 83 -24.05 -10.05 9.09
N GLY B 84 -24.24 -11.30 8.66
CA GLY B 84 -23.25 -12.33 8.87
C GLY B 84 -22.46 -12.68 7.62
N SER B 85 -21.48 -13.57 7.81
CA SER B 85 -20.66 -14.09 6.72
C SER B 85 -21.53 -14.61 5.58
N LYS B 86 -21.16 -14.24 4.35
CA LYS B 86 -21.80 -14.80 3.16
C LYS B 86 -21.14 -16.09 2.69
N SER B 87 -19.91 -16.38 3.15
CA SER B 87 -19.26 -17.65 2.81
C SER B 87 -19.63 -18.78 3.76
N ASN B 88 -19.97 -18.46 5.02
CA ASN B 88 -20.51 -19.42 6.00
C ASN B 88 -21.85 -18.89 6.52
N MET B 89 -22.87 -18.86 5.66
CA MET B 89 -24.20 -18.50 6.13
C MET B 89 -24.74 -19.57 7.06
N CYS B 90 -25.59 -19.14 8.00
CA CYS B 90 -26.24 -20.06 8.94
C CYS B 90 -27.43 -20.73 8.25
N PRO B 91 -27.53 -22.06 8.30
CA PRO B 91 -28.61 -22.72 7.53
C PRO B 91 -29.99 -22.57 8.12
N ARG B 92 -30.14 -22.72 9.44
CA ARG B 92 -31.44 -22.62 10.10
C ARG B 92 -31.26 -21.92 11.43
N ARG B 93 -32.29 -21.15 11.84
CA ARG B 93 -32.25 -20.40 13.10
C ARG B 93 -31.95 -21.32 14.29
N LEU B 94 -31.33 -20.74 15.31
CA LEU B 94 -31.15 -21.43 16.59
C LEU B 94 -32.47 -21.97 17.15
N GLN B 95 -32.43 -23.21 17.65
CA GLN B 95 -33.58 -23.85 18.29
C GLN B 95 -33.34 -24.03 19.78
N ILE B 96 -34.24 -23.50 20.60
CA ILE B 96 -34.13 -23.55 22.06
C ILE B 96 -35.26 -24.40 22.58
N LYS B 97 -34.93 -25.58 23.11
CA LYS B 97 -35.91 -26.53 23.62
C LYS B 97 -36.45 -26.08 24.99
N PRO B 98 -37.63 -26.56 25.37
CA PRO B 98 -38.15 -26.24 26.70
C PRO B 98 -37.21 -26.77 27.77
N ARG B 99 -37.15 -26.04 28.90
CA ARG B 99 -36.45 -26.43 30.12
C ARG B 99 -34.95 -26.11 30.02
N SER B 100 -34.51 -25.50 28.91
CA SER B 100 -33.06 -25.30 28.73
C SER B 100 -32.46 -24.37 29.78
N PHE B 101 -33.24 -23.42 30.29
CA PHE B 101 -32.71 -22.44 31.22
C PHE B 101 -33.30 -22.51 32.62
N SER B 102 -34.36 -23.30 32.84
CA SER B 102 -35.11 -23.21 34.09
C SER B 102 -34.29 -23.68 35.30
N GLY B 103 -33.42 -24.69 35.12
CA GLY B 103 -32.58 -25.11 36.23
C GLY B 103 -31.45 -24.15 36.58
N LEU B 104 -31.14 -23.19 35.70
CA LEU B 104 -29.97 -22.36 35.94
C LEU B 104 -30.43 -21.27 36.91
N THR B 105 -30.57 -21.70 38.16
CA THR B 105 -31.28 -20.92 39.16
C THR B 105 -30.48 -19.73 39.69
N TYR B 106 -29.20 -19.62 39.33
CA TYR B 106 -28.38 -18.46 39.67
C TYR B 106 -28.15 -17.53 38.48
N LEU B 107 -28.79 -17.80 37.35
CA LEU B 107 -28.49 -17.09 36.11
C LEU B 107 -28.90 -15.63 36.22
N LYS B 108 -27.94 -14.72 36.07
CA LYS B 108 -28.21 -13.30 36.14
C LYS B 108 -28.16 -12.59 34.78
N SER B 109 -27.42 -13.12 33.81
CA SER B 109 -27.24 -12.45 32.53
C SER B 109 -27.29 -13.50 31.42
N LEU B 110 -28.17 -13.28 30.44
CA LEU B 110 -28.32 -14.19 29.32
C LEU B 110 -28.27 -13.37 28.03
N TYR B 111 -27.23 -13.58 27.21
CA TYR B 111 -27.10 -12.93 25.90
C TYR B 111 -27.43 -13.94 24.80
N LEU B 112 -28.49 -13.65 24.02
CA LEU B 112 -28.85 -14.49 22.88
C LEU B 112 -28.93 -13.69 21.60
N ASP B 113 -28.15 -12.62 21.48
CA ASP B 113 -28.24 -11.77 20.30
C ASP B 113 -27.85 -12.51 19.03
N GLY B 114 -28.51 -12.14 17.92
CA GLY B 114 -28.03 -12.56 16.63
C GLY B 114 -28.10 -14.05 16.43
N ASN B 115 -29.26 -14.63 16.74
CA ASN B 115 -29.50 -16.06 16.57
C ASN B 115 -30.76 -16.32 15.76
N GLN B 116 -31.36 -15.27 15.20
CA GLN B 116 -32.56 -15.39 14.37
C GLN B 116 -33.74 -15.94 15.15
N LEU B 117 -33.82 -15.64 16.45
CA LEU B 117 -34.94 -16.13 17.23
C LEU B 117 -36.24 -15.44 16.80
N LEU B 118 -37.33 -16.20 16.87
CA LEU B 118 -38.63 -15.68 16.49
C LEU B 118 -39.47 -15.22 17.66
N GLU B 119 -39.11 -15.63 18.88
CA GLU B 119 -39.85 -15.25 20.07
C GLU B 119 -38.90 -15.06 21.23
N ILE B 120 -39.38 -14.34 22.25
CA ILE B 120 -38.65 -14.20 23.50
C ILE B 120 -38.62 -15.57 24.15
N PRO B 121 -37.45 -16.14 24.45
CA PRO B 121 -37.39 -17.48 25.02
C PRO B 121 -38.12 -17.53 26.36
N GLN B 122 -38.98 -18.54 26.52
CA GLN B 122 -39.71 -18.71 27.75
C GLN B 122 -38.92 -19.62 28.69
N GLY B 123 -39.47 -19.81 29.89
CA GLY B 123 -38.82 -20.70 30.85
C GLY B 123 -37.58 -20.12 31.47
N LEU B 124 -37.50 -18.81 31.59
CA LEU B 124 -36.22 -18.34 32.11
C LEU B 124 -36.27 -18.19 33.62
N PRO B 125 -35.14 -18.39 34.31
CA PRO B 125 -35.16 -18.35 35.78
C PRO B 125 -35.48 -16.97 36.29
N PRO B 126 -36.03 -16.88 37.51
CA PRO B 126 -36.37 -15.58 38.10
C PRO B 126 -35.20 -14.79 38.68
N SER B 127 -33.96 -15.29 38.59
CA SER B 127 -32.81 -14.52 39.04
C SER B 127 -32.31 -13.52 38.01
N LEU B 128 -32.81 -13.61 36.76
CA LEU B 128 -32.23 -12.90 35.63
C LEU B 128 -32.43 -11.39 35.75
N GLN B 129 -31.31 -10.64 35.73
CA GLN B 129 -31.36 -9.18 35.64
C GLN B 129 -31.23 -8.63 34.23
N LEU B 130 -30.53 -9.34 33.33
CA LEU B 130 -30.17 -8.85 31.99
C LEU B 130 -30.52 -9.91 30.96
N LEU B 131 -31.36 -9.54 29.99
CA LEU B 131 -31.71 -10.37 28.85
C LEU B 131 -31.44 -9.57 27.59
N SER B 132 -30.73 -10.17 26.64
CA SER B 132 -30.29 -9.45 25.44
C SER B 132 -30.74 -10.24 24.22
N LEU B 133 -31.51 -9.60 23.35
CA LEU B 133 -32.06 -10.33 22.20
C LEU B 133 -31.88 -9.53 20.91
N GLU B 134 -30.83 -8.68 20.84
CA GLU B 134 -30.62 -7.86 19.65
C GLU B 134 -30.37 -8.71 18.40
N ALA B 135 -30.77 -8.17 17.24
CA ALA B 135 -30.53 -8.82 15.93
C ALA B 135 -31.12 -10.23 15.84
N ASN B 136 -32.33 -10.42 16.41
CA ASN B 136 -33.16 -11.61 16.21
C ASN B 136 -34.31 -11.24 15.26
N ASN B 137 -35.39 -12.03 15.28
CA ASN B 137 -36.54 -11.72 14.45
C ASN B 137 -37.79 -11.58 15.32
N ILE B 138 -37.67 -10.88 16.45
CA ILE B 138 -38.77 -10.71 17.40
C ILE B 138 -39.29 -9.30 17.22
N PHE B 139 -40.47 -9.18 16.62
CA PHE B 139 -41.02 -7.87 16.30
C PHE B 139 -42.47 -7.73 16.75
N SER B 140 -42.87 -8.52 17.75
CA SER B 140 -44.17 -8.37 18.40
C SER B 140 -43.97 -8.70 19.88
N ILE B 141 -44.14 -7.70 20.73
CA ILE B 141 -43.97 -7.82 22.17
C ILE B 141 -45.34 -7.92 22.82
N ARG B 142 -45.57 -9.01 23.56
CA ARG B 142 -46.83 -9.29 24.24
C ARG B 142 -46.58 -9.34 25.73
N LYS B 143 -47.48 -8.72 26.51
CA LYS B 143 -47.33 -8.69 27.97
C LYS B 143 -47.24 -10.10 28.52
N GLU B 144 -47.92 -11.04 27.88
CA GLU B 144 -47.86 -12.43 28.34
C GLU B 144 -46.43 -12.94 28.35
N GLN B 145 -45.66 -12.64 27.28
CA GLN B 145 -44.32 -13.15 27.06
C GLN B 145 -43.27 -12.53 27.97
N LEU B 146 -43.62 -11.54 28.78
CA LEU B 146 -42.66 -10.93 29.69
C LEU B 146 -42.95 -11.22 31.15
N THR B 147 -43.95 -12.07 31.44
CA THR B 147 -44.25 -12.45 32.82
C THR B 147 -43.03 -13.06 33.49
N GLU B 148 -42.32 -13.91 32.76
CA GLU B 148 -41.13 -14.59 33.28
C GLU B 148 -40.02 -13.65 33.67
N LEU B 149 -40.08 -12.37 33.28
CA LEU B 149 -38.99 -11.41 33.49
C LEU B 149 -39.26 -10.47 34.65
N ALA B 150 -39.91 -10.94 35.73
CA ALA B 150 -40.31 -10.05 36.82
C ALA B 150 -39.14 -9.25 37.38
N ASN B 151 -38.00 -9.90 37.56
CA ASN B 151 -36.87 -9.27 38.22
C ASN B 151 -35.85 -8.69 37.23
N ILE B 152 -36.26 -8.46 35.98
CA ILE B 152 -35.36 -7.96 34.95
C ILE B 152 -35.04 -6.49 35.22
N GLU B 153 -33.77 -6.14 35.02
CA GLU B 153 -33.32 -4.75 35.14
C GLU B 153 -32.84 -4.15 33.82
N ILE B 154 -32.31 -4.98 32.91
CA ILE B 154 -31.73 -4.52 31.65
C ILE B 154 -32.25 -5.43 30.54
N LEU B 155 -32.85 -4.84 29.51
CA LEU B 155 -33.50 -5.59 28.45
C LEU B 155 -33.15 -4.93 27.13
N TYR B 156 -32.44 -5.65 26.25
CA TYR B 156 -32.08 -5.16 24.91
C TYR B 156 -32.89 -5.92 23.89
N LEU B 157 -33.72 -5.21 23.13
CA LEU B 157 -34.58 -5.85 22.13
C LEU B 157 -34.41 -5.26 20.74
N GLY B 158 -33.42 -4.39 20.51
CA GLY B 158 -33.28 -3.66 19.27
C GLY B 158 -32.68 -4.47 18.12
N GLN B 159 -32.64 -3.83 16.95
CA GLN B 159 -32.08 -4.41 15.72
C GLN B 159 -32.84 -5.68 15.28
N ASN B 160 -34.12 -5.78 15.63
CA ASN B 160 -34.92 -6.92 15.17
C ASN B 160 -35.77 -6.58 13.95
N CYS B 161 -35.87 -5.30 13.57
CA CYS B 161 -36.59 -4.93 12.36
C CYS B 161 -36.01 -3.63 11.84
N TYR B 162 -35.03 -3.74 10.94
CA TYR B 162 -34.41 -2.58 10.29
C TYR B 162 -33.75 -3.05 8.99
N TYR B 163 -33.11 -2.13 8.29
CA TYR B 163 -32.76 -2.43 6.89
C TYR B 163 -31.72 -3.54 6.77
N ARG B 164 -30.86 -3.73 7.78
CA ARG B 164 -29.96 -4.88 7.76
C ARG B 164 -30.61 -6.15 8.26
N ASN B 165 -31.85 -6.07 8.72
CA ASN B 165 -32.51 -7.21 9.34
C ASN B 165 -34.02 -6.98 9.29
N PRO B 166 -34.58 -6.98 8.09
CA PRO B 166 -35.95 -6.50 7.90
C PRO B 166 -36.99 -7.47 8.44
N CYS B 167 -38.10 -6.91 8.96
CA CYS B 167 -39.25 -7.72 9.30
C CYS B 167 -40.48 -7.39 8.46
N TYR B 168 -40.43 -6.35 7.63
CA TYR B 168 -41.43 -6.05 6.60
C TYR B 168 -42.78 -5.62 7.17
N VAL B 169 -42.87 -5.32 8.47
CA VAL B 169 -44.07 -4.80 9.11
C VAL B 169 -43.66 -3.79 10.17
N SER B 170 -44.66 -3.10 10.72
CA SER B 170 -44.37 -2.23 11.86
C SER B 170 -44.12 -3.08 13.09
N TYR B 171 -43.21 -2.59 13.94
CA TYR B 171 -43.03 -3.21 15.25
C TYR B 171 -44.33 -3.07 16.04
N SER B 172 -44.62 -4.06 16.89
CA SER B 172 -45.83 -4.03 17.70
C SER B 172 -45.52 -4.33 19.16
N ILE B 173 -46.05 -3.50 20.06
CA ILE B 173 -45.92 -3.65 21.50
C ILE B 173 -47.29 -3.47 22.11
N GLU B 174 -47.78 -4.50 22.81
CA GLU B 174 -49.06 -4.39 23.49
C GLU B 174 -49.00 -3.34 24.58
N LYS B 175 -50.17 -2.80 24.90
CA LYS B 175 -50.28 -1.75 25.89
C LYS B 175 -49.86 -2.26 27.26
N ASP B 176 -49.09 -1.43 27.97
CA ASP B 176 -48.58 -1.74 29.31
C ASP B 176 -47.81 -3.07 29.37
N ALA B 177 -47.21 -3.48 28.25
CA ALA B 177 -46.42 -4.72 28.23
C ALA B 177 -45.26 -4.67 29.21
N PHE B 178 -44.65 -3.51 29.40
CA PHE B 178 -43.48 -3.45 30.27
C PHE B 178 -43.78 -3.02 31.70
N LEU B 179 -45.03 -2.67 32.04
CA LEU B 179 -45.25 -1.94 33.29
C LEU B 179 -45.11 -2.83 34.52
N ASN B 180 -45.46 -4.11 34.44
CA ASN B 180 -45.25 -4.98 35.59
C ASN B 180 -43.82 -5.52 35.66
N LEU B 181 -42.91 -4.95 34.87
CA LEU B 181 -41.48 -5.19 35.02
C LEU B 181 -40.98 -4.13 35.99
N THR B 182 -41.28 -4.36 37.26
CA THR B 182 -41.17 -3.32 38.28
C THR B 182 -39.74 -3.01 38.68
N LYS B 183 -38.74 -3.66 38.08
CA LYS B 183 -37.34 -3.43 38.43
C LYS B 183 -36.52 -3.06 37.20
N LEU B 184 -37.20 -2.79 36.09
CA LEU B 184 -36.55 -2.55 34.82
C LEU B 184 -35.90 -1.17 34.81
N LYS B 185 -34.58 -1.13 34.64
CA LYS B 185 -33.84 0.11 34.64
C LYS B 185 -33.50 0.58 33.24
N VAL B 186 -33.23 -0.34 32.31
CA VAL B 186 -32.71 -0.01 30.99
C VAL B 186 -33.49 -0.77 29.94
N LEU B 187 -34.12 -0.06 29.03
CA LEU B 187 -34.89 -0.65 27.95
C LEU B 187 -34.45 -0.03 26.63
N SER B 188 -34.02 -0.87 25.70
CA SER B 188 -33.51 -0.43 24.41
C SER B 188 -34.35 -1.08 23.32
N LEU B 189 -35.02 -0.25 22.52
CA LEU B 189 -35.88 -0.71 21.43
C LEU B 189 -35.48 -0.05 20.11
N LYS B 190 -34.19 0.29 19.99
CA LYS B 190 -33.62 0.93 18.81
C LYS B 190 -33.73 0.05 17.56
N ASP B 191 -33.65 0.70 16.40
CA ASP B 191 -33.48 -0.02 15.11
C ASP B 191 -34.59 -1.06 14.91
N ASN B 192 -35.84 -0.66 15.14
CA ASN B 192 -36.90 -1.64 15.30
C ASN B 192 -38.18 -1.41 14.51
N ASN B 193 -38.26 -0.38 13.66
CA ASN B 193 -39.50 -0.06 12.96
C ASN B 193 -40.66 0.14 13.95
N VAL B 194 -40.35 0.77 15.12
CA VAL B 194 -41.36 1.19 16.12
C VAL B 194 -42.06 2.48 15.70
N THR B 195 -43.39 2.50 15.87
CA THR B 195 -44.20 3.60 15.36
C THR B 195 -44.72 4.56 16.44
N THR B 196 -44.79 4.12 17.71
CA THR B 196 -45.24 4.98 18.80
C THR B 196 -44.43 4.66 20.05
N VAL B 197 -44.33 5.65 20.95
CA VAL B 197 -43.68 5.38 22.25
C VAL B 197 -44.56 4.41 23.06
N PRO B 198 -44.03 3.30 23.53
CA PRO B 198 -44.87 2.36 24.30
C PRO B 198 -45.26 2.92 25.67
N THR B 199 -46.51 2.67 26.05
CA THR B 199 -47.04 3.12 27.33
C THR B 199 -47.87 2.00 27.93
N VAL B 200 -47.97 1.96 29.25
CA VAL B 200 -47.20 2.82 30.13
C VAL B 200 -45.90 2.09 30.44
N LEU B 201 -44.85 2.84 30.63
CA LEU B 201 -43.56 2.26 30.93
C LEU B 201 -43.30 2.29 32.43
N PRO B 202 -42.53 1.33 32.94
CA PRO B 202 -42.25 1.31 34.37
C PRO B 202 -41.43 2.52 34.76
N SER B 203 -41.81 3.12 35.89
CA SER B 203 -41.15 4.32 36.38
C SER B 203 -39.77 4.03 36.95
N THR B 204 -39.37 2.78 37.08
CA THR B 204 -37.99 2.53 37.49
C THR B 204 -36.98 2.84 36.39
N LEU B 205 -37.41 3.10 35.14
CA LEU B 205 -36.49 3.33 34.03
C LEU B 205 -35.50 4.46 34.32
N THR B 206 -34.22 4.19 34.07
CA THR B 206 -33.17 5.18 34.07
C THR B 206 -32.64 5.51 32.69
N GLU B 207 -32.74 4.57 31.75
CA GLU B 207 -32.25 4.74 30.38
C GLU B 207 -33.28 4.16 29.43
N LEU B 208 -33.71 4.96 28.45
CA LEU B 208 -34.67 4.53 27.44
C LEU B 208 -34.14 4.89 26.07
N TYR B 209 -33.98 3.88 25.20
CA TYR B 209 -33.37 4.02 23.87
C TYR B 209 -34.44 3.69 22.84
N LEU B 210 -34.87 4.71 22.10
CA LEU B 210 -35.92 4.58 21.09
C LEU B 210 -35.45 5.06 19.72
N TYR B 211 -34.15 5.13 19.49
CA TYR B 211 -33.70 5.81 18.30
C TYR B 211 -33.70 4.89 17.09
N ASN B 212 -33.61 5.50 15.90
CA ASN B 212 -33.67 4.80 14.62
C ASN B 212 -34.92 3.94 14.51
N ASN B 213 -36.07 4.61 14.60
CA ASN B 213 -37.38 3.96 14.45
C ASN B 213 -38.23 4.84 13.57
N MET B 214 -39.54 4.58 13.58
CA MET B 214 -40.50 5.36 12.79
C MET B 214 -41.52 6.02 13.71
N ILE B 215 -41.02 6.73 14.71
CA ILE B 215 -41.88 7.50 15.59
C ILE B 215 -42.07 8.90 15.00
N ALA B 216 -43.31 9.26 14.70
CA ALA B 216 -43.58 10.57 14.11
C ALA B 216 -43.98 11.63 15.12
N GLU B 217 -44.61 11.24 16.23
CA GLU B 217 -45.05 12.19 17.24
C GLU B 217 -44.80 11.62 18.63
N ILE B 218 -44.40 12.50 19.54
CA ILE B 218 -44.44 12.22 20.97
C ILE B 218 -45.76 12.75 21.50
N GLN B 219 -46.46 11.94 22.30
CA GLN B 219 -47.62 12.42 23.03
C GLN B 219 -47.17 13.14 24.31
N GLU B 220 -48.03 14.05 24.79
CA GLU B 220 -47.74 14.85 25.99
C GLU B 220 -47.28 14.06 27.19
N ASP B 221 -47.90 12.90 27.34
CA ASP B 221 -47.78 12.04 28.52
C ASP B 221 -47.02 10.74 28.24
N ASP B 222 -46.35 10.67 27.09
CA ASP B 222 -45.57 9.49 26.73
C ASP B 222 -44.47 9.18 27.75
N PHE B 223 -43.97 10.22 28.45
CA PHE B 223 -42.94 10.05 29.47
C PHE B 223 -43.41 10.56 30.84
N ASN B 224 -44.72 10.49 31.11
CA ASN B 224 -45.29 11.20 32.26
C ASN B 224 -44.77 10.66 33.59
N ASN B 225 -44.53 9.36 33.67
CA ASN B 225 -44.20 8.70 34.91
C ASN B 225 -42.73 8.46 35.09
N LEU B 226 -41.89 8.98 34.19
CA LEU B 226 -40.46 8.66 34.26
C LEU B 226 -39.65 9.72 35.05
N ASN B 227 -40.24 10.39 36.08
CA ASN B 227 -39.74 10.09 37.45
C ASN B 227 -38.22 9.82 37.65
N GLN B 228 -37.61 8.75 37.16
CA GLN B 228 -36.17 8.51 37.39
C GLN B 228 -35.26 8.52 36.14
N LEU B 229 -35.80 8.84 34.98
CA LEU B 229 -35.06 8.67 33.73
C LEU B 229 -33.86 9.59 33.66
N GLN B 230 -32.70 9.02 33.31
CA GLN B 230 -31.45 9.74 33.19
C GLN B 230 -30.97 9.91 31.74
N ILE B 231 -31.29 8.98 30.84
CA ILE B 231 -30.88 9.01 29.45
C ILE B 231 -32.09 8.72 28.58
N LEU B 232 -32.35 9.60 27.61
CA LEU B 232 -33.40 9.29 26.65
C LEU B 232 -32.88 9.63 25.26
N ASP B 233 -33.00 8.69 24.33
CA ASP B 233 -32.48 8.85 22.97
C ASP B 233 -33.63 8.62 22.00
N LEU B 234 -34.04 9.68 21.32
CA LEU B 234 -35.10 9.64 20.31
C LEU B 234 -34.55 9.91 18.92
N SER B 235 -33.23 9.80 18.77
CA SER B 235 -32.57 10.16 17.52
C SER B 235 -33.06 9.31 16.35
N GLY B 236 -32.90 9.86 15.15
CA GLY B 236 -33.23 9.09 13.98
C GLY B 236 -34.70 8.76 13.87
N ASN B 237 -35.58 9.62 14.37
CA ASN B 237 -37.02 9.52 14.10
C ASN B 237 -37.39 10.79 13.35
N CYS B 238 -37.82 10.64 12.10
CA CYS B 238 -37.81 11.71 11.10
C CYS B 238 -36.37 12.12 10.81
N PRO B 239 -35.57 11.21 10.26
CA PRO B 239 -34.15 11.50 10.06
C PRO B 239 -33.92 12.58 9.02
N ARG B 240 -32.81 13.29 9.19
CA ARG B 240 -32.26 14.14 8.14
C ARG B 240 -31.43 13.23 7.23
N CYS B 241 -31.87 13.06 5.98
CA CYS B 241 -31.33 12.01 5.11
C CYS B 241 -30.25 12.49 4.16
N TYR B 242 -29.98 13.79 4.06
CA TYR B 242 -29.01 14.26 3.08
C TYR B 242 -27.65 13.60 3.32
N ASN B 243 -27.12 12.95 2.28
CA ASN B 243 -25.84 12.23 2.34
C ASN B 243 -25.83 11.14 3.41
N ALA B 244 -26.97 10.52 3.68
CA ALA B 244 -27.01 9.36 4.56
C ALA B 244 -26.35 8.17 3.87
N PRO B 245 -25.48 7.44 4.57
CA PRO B 245 -24.83 6.26 3.98
C PRO B 245 -25.62 4.98 4.23
N PHE B 246 -26.88 5.11 4.57
CA PHE B 246 -27.78 3.98 4.79
C PHE B 246 -29.12 4.36 4.18
N PRO B 247 -29.96 3.39 3.88
CA PRO B 247 -31.30 3.73 3.36
C PRO B 247 -32.05 4.52 4.42
N CYS B 248 -32.60 5.67 4.00
CA CYS B 248 -33.12 6.68 4.92
C CYS B 248 -34.44 7.22 4.39
N THR B 249 -35.51 7.09 5.17
CA THR B 249 -36.80 7.61 4.75
C THR B 249 -37.19 8.79 5.63
N PRO B 250 -37.26 10.00 5.08
CA PRO B 250 -37.67 11.15 5.90
C PRO B 250 -39.16 11.09 6.16
N CYS B 251 -39.57 11.78 7.23
CA CYS B 251 -40.99 11.99 7.51
C CYS B 251 -41.61 12.86 6.42
N LYS B 252 -42.90 12.62 6.17
CA LYS B 252 -43.62 13.37 5.17
C LYS B 252 -43.57 14.86 5.50
N ASN B 253 -43.67 15.69 4.45
CA ASN B 253 -43.83 17.16 4.54
C ASN B 253 -42.58 17.79 5.14
N ASN B 254 -41.44 17.09 5.01
CA ASN B 254 -40.22 17.46 5.76
C ASN B 254 -40.51 17.68 7.25
N SER B 255 -41.50 16.95 7.81
CA SER B 255 -41.85 17.24 9.19
C SER B 255 -40.71 16.84 10.11
N PRO B 256 -40.59 17.52 11.24
CA PRO B 256 -39.70 17.04 12.29
C PRO B 256 -40.43 16.02 13.14
N LEU B 257 -39.67 15.36 14.00
CA LEU B 257 -40.28 14.65 15.10
C LEU B 257 -41.06 15.67 15.94
N GLN B 258 -42.35 15.42 16.13
CA GLN B 258 -43.22 16.38 16.81
C GLN B 258 -43.17 16.08 18.30
N ILE B 259 -42.61 17.00 19.07
CA ILE B 259 -42.52 16.83 20.51
C ILE B 259 -43.26 17.99 21.17
N PRO B 260 -44.37 17.71 21.87
CA PRO B 260 -45.07 18.77 22.58
C PRO B 260 -44.15 19.49 23.54
N VAL B 261 -44.47 20.76 23.73
CA VAL B 261 -43.61 21.68 24.45
C VAL B 261 -43.41 21.24 25.89
N ASN B 262 -44.35 20.46 26.43
CA ASN B 262 -44.31 20.00 27.83
C ASN B 262 -43.94 18.52 27.95
N ALA B 263 -43.48 17.89 26.88
CA ALA B 263 -43.32 16.43 26.86
C ALA B 263 -42.28 15.91 27.87
N PHE B 264 -41.34 16.75 28.29
CA PHE B 264 -40.26 16.35 29.18
C PHE B 264 -40.48 16.77 30.63
N ASP B 265 -41.65 17.30 30.96
CA ASP B 265 -41.86 17.97 32.26
C ASP B 265 -41.62 17.03 33.44
N ALA B 266 -41.77 15.72 33.26
CA ALA B 266 -41.57 14.77 34.34
C ALA B 266 -40.13 14.36 34.55
N LEU B 267 -39.25 14.64 33.60
CA LEU B 267 -37.90 14.07 33.58
C LEU B 267 -36.94 14.91 34.41
N THR B 268 -37.22 14.96 35.72
CA THR B 268 -36.40 15.77 36.62
C THR B 268 -34.96 15.28 36.68
N GLU B 269 -34.76 13.98 36.50
CA GLU B 269 -33.44 13.37 36.64
C GLU B 269 -32.65 13.35 35.35
N LEU B 270 -33.25 13.79 34.23
CA LEU B 270 -32.66 13.57 32.92
C LEU B 270 -31.32 14.29 32.80
N LYS B 271 -30.27 13.52 32.49
CA LYS B 271 -28.93 14.04 32.34
C LYS B 271 -28.44 14.05 30.90
N VAL B 272 -28.97 13.15 30.07
CA VAL B 272 -28.56 13.01 28.68
C VAL B 272 -29.81 12.96 27.81
N LEU B 273 -29.93 13.89 26.87
CA LEU B 273 -31.03 13.91 25.92
C LEU B 273 -30.45 13.87 24.51
N ARG B 274 -30.81 12.84 23.73
CA ARG B 274 -30.28 12.70 22.39
C ARG B 274 -31.37 12.85 21.34
N LEU B 275 -31.31 13.95 20.60
CA LEU B 275 -32.23 14.22 19.50
C LEU B 275 -31.44 14.50 18.22
N HIS B 276 -30.64 13.51 17.84
CA HIS B 276 -29.83 13.55 16.63
C HIS B 276 -30.66 13.07 15.46
N SER B 277 -30.60 13.79 14.35
CA SER B 277 -31.35 13.41 13.14
C SER B 277 -32.84 13.19 13.43
N ASN B 278 -33.48 14.27 13.86
CA ASN B 278 -34.92 14.33 14.02
C ASN B 278 -35.56 15.41 13.13
N SER B 279 -34.76 16.04 12.27
CA SER B 279 -35.21 17.09 11.36
C SER B 279 -35.81 18.28 12.09
N LEU B 280 -35.33 18.56 13.29
CA LEU B 280 -35.86 19.69 14.04
C LEU B 280 -35.44 21.01 13.39
N GLN B 281 -36.42 21.92 13.29
CA GLN B 281 -36.11 23.28 12.90
C GLN B 281 -36.11 24.24 14.06
N HIS B 282 -36.73 23.87 15.18
CA HIS B 282 -36.77 24.74 16.35
C HIS B 282 -36.57 23.91 17.60
N VAL B 283 -35.95 24.54 18.59
CA VAL B 283 -35.77 23.96 19.91
C VAL B 283 -36.48 24.89 20.88
N PRO B 284 -37.77 24.65 21.14
CA PRO B 284 -38.55 25.50 22.05
C PRO B 284 -37.93 25.51 23.43
N PRO B 285 -37.59 26.70 23.97
CA PRO B 285 -37.04 26.77 25.33
C PRO B 285 -37.88 26.07 26.39
N ARG B 286 -39.21 26.08 26.24
CA ARG B 286 -40.09 25.47 27.23
C ARG B 286 -39.82 23.98 27.43
N TRP B 287 -39.19 23.31 26.44
CA TRP B 287 -38.82 21.90 26.59
C TRP B 287 -38.05 21.66 27.89
N PHE B 288 -37.25 22.63 28.33
CA PHE B 288 -36.30 22.39 29.41
C PHE B 288 -36.62 23.12 30.72
N LYS B 289 -37.78 23.76 30.87
CA LYS B 289 -38.00 24.46 32.12
C LYS B 289 -37.94 23.56 33.36
N ASN B 290 -38.26 22.29 33.22
CA ASN B 290 -38.19 21.38 34.39
C ASN B 290 -37.02 20.42 34.33
N ILE B 291 -36.07 20.60 33.42
CA ILE B 291 -34.83 19.83 33.40
C ILE B 291 -33.68 20.81 33.63
N ASN B 292 -33.17 20.88 34.85
CA ASN B 292 -32.00 21.69 35.13
C ASN B 292 -30.75 20.86 35.33
N ASN B 293 -30.88 19.54 35.41
CA ASN B 293 -29.74 18.66 35.61
C ASN B 293 -29.16 18.15 34.30
N LEU B 294 -29.69 18.57 33.16
CA LEU B 294 -29.23 18.05 31.88
C LEU B 294 -27.75 18.38 31.69
N GLN B 295 -26.96 17.35 31.34
CA GLN B 295 -25.53 17.54 31.15
C GLN B 295 -25.07 17.33 29.71
N GLU B 296 -25.79 16.55 28.91
CA GLU B 296 -25.39 16.21 27.56
C GLU B 296 -26.59 16.32 26.62
N LEU B 297 -26.47 17.15 25.58
CA LEU B 297 -27.53 17.39 24.60
C LEU B 297 -26.96 17.29 23.18
N ASP B 298 -27.45 16.31 22.41
CA ASP B 298 -27.06 16.09 21.02
C ASP B 298 -28.18 16.56 20.09
N LEU B 299 -27.92 17.65 19.35
CA LEU B 299 -28.83 18.18 18.34
C LEU B 299 -28.18 18.18 16.96
N SER B 300 -27.33 17.20 16.70
CA SER B 300 -26.68 17.10 15.40
C SER B 300 -27.63 16.51 14.34
N GLN B 301 -27.36 16.86 13.09
CA GLN B 301 -28.16 16.42 11.94
C GLN B 301 -29.64 16.80 12.08
N ASN B 302 -29.87 18.08 12.33
CA ASN B 302 -31.20 18.63 12.22
C ASN B 302 -31.12 19.78 11.23
N PHE B 303 -32.07 20.70 11.29
CA PHE B 303 -32.08 21.88 10.44
C PHE B 303 -32.04 23.12 11.32
N LEU B 304 -31.07 23.17 12.23
CA LEU B 304 -30.98 24.20 13.25
C LEU B 304 -30.03 25.32 12.85
N ALA B 305 -29.79 25.49 11.54
CA ALA B 305 -28.87 26.52 11.05
C ALA B 305 -29.23 27.90 11.61
N LYS B 306 -30.48 28.33 11.42
CA LYS B 306 -30.94 29.62 11.94
C LYS B 306 -31.10 29.59 13.46
N GLU B 307 -31.59 28.46 14.00
CA GLU B 307 -31.81 28.38 15.44
C GLU B 307 -30.52 28.63 16.22
N ILE B 308 -29.36 28.33 15.63
CA ILE B 308 -28.09 28.53 16.32
C ILE B 308 -27.83 30.02 16.57
N GLY B 309 -28.34 30.90 15.70
CA GLY B 309 -28.22 32.36 15.87
C GLY B 309 -29.20 32.97 16.87
N ASP B 310 -30.12 32.15 17.39
CA ASP B 310 -31.14 32.54 18.36
C ASP B 310 -30.98 31.73 19.65
N ALA B 311 -31.49 30.48 19.66
CA ALA B 311 -31.15 29.51 20.69
C ALA B 311 -31.40 30.04 22.11
N LYS B 312 -32.58 30.62 22.31
CA LYS B 312 -32.93 31.12 23.65
C LYS B 312 -32.93 29.98 24.66
N PHE B 313 -33.22 28.75 24.20
CA PHE B 313 -33.29 27.59 25.08
C PHE B 313 -31.98 27.37 25.84
N LEU B 314 -30.86 27.89 25.33
CA LEU B 314 -29.60 27.71 26.05
C LEU B 314 -29.66 28.36 27.43
N HIS B 315 -30.54 29.33 27.61
CA HIS B 315 -30.62 29.99 28.91
C HIS B 315 -31.12 29.05 30.01
N PHE B 316 -31.78 27.95 29.66
CA PHE B 316 -32.31 27.00 30.62
C PHE B 316 -31.36 25.84 30.92
N LEU B 317 -30.11 25.92 30.48
CA LEU B 317 -29.17 24.81 30.56
C LEU B 317 -27.86 25.20 31.24
N PRO B 318 -27.93 25.70 32.48
CA PRO B 318 -26.69 26.17 33.13
C PRO B 318 -25.75 25.03 33.54
N ASN B 319 -26.24 23.80 33.65
CA ASN B 319 -25.44 22.65 34.05
C ASN B 319 -25.01 21.79 32.86
N LEU B 320 -25.28 22.24 31.63
CA LEU B 320 -24.89 21.47 30.46
C LEU B 320 -23.37 21.37 30.37
N ILE B 321 -22.87 20.18 30.12
CA ILE B 321 -21.43 19.95 29.88
C ILE B 321 -21.10 19.83 28.40
N GLN B 322 -21.88 19.06 27.64
CA GLN B 322 -21.61 18.83 26.23
C GLN B 322 -22.79 19.29 25.40
N LEU B 323 -22.50 20.04 24.33
CA LEU B 323 -23.53 20.50 23.41
C LEU B 323 -23.06 20.23 21.99
N ASP B 324 -23.92 19.54 21.21
CA ASP B 324 -23.60 19.16 19.82
C ASP B 324 -24.62 19.75 18.84
N LEU B 325 -24.15 20.63 17.97
CA LEU B 325 -24.99 21.24 16.94
C LEU B 325 -24.40 20.96 15.54
N SER B 326 -23.69 19.84 15.41
CA SER B 326 -23.00 19.55 14.16
C SER B 326 -23.98 19.17 13.05
N PHE B 327 -23.61 19.55 11.83
CA PHE B 327 -24.37 19.26 10.61
C PHE B 327 -25.82 19.72 10.76
N ASN B 328 -25.98 21.04 10.92
CA ASN B 328 -27.31 21.65 10.86
C ASN B 328 -27.47 22.56 9.65
N PHE B 329 -26.50 22.54 8.74
CA PHE B 329 -26.49 23.50 7.64
C PHE B 329 -27.71 23.38 6.74
N GLU B 330 -28.08 24.51 6.17
CA GLU B 330 -29.13 24.57 5.17
C GLU B 330 -28.55 24.09 3.85
N LEU B 331 -29.22 23.13 3.22
CA LEU B 331 -28.68 22.55 2.01
C LEU B 331 -28.48 23.63 0.98
N GLN B 332 -27.39 23.53 0.21
CA GLN B 332 -27.01 24.48 -0.85
C GLN B 332 -26.78 25.90 -0.37
N VAL B 333 -26.47 26.11 0.91
CA VAL B 333 -26.12 27.43 1.43
C VAL B 333 -24.68 27.40 1.92
N TYR B 334 -23.90 28.36 1.46
CA TYR B 334 -22.52 28.51 1.92
C TYR B 334 -22.47 29.84 2.67
N ARG B 335 -22.73 29.82 3.97
CA ARG B 335 -22.85 31.05 4.74
C ARG B 335 -21.52 31.81 4.76
N ALA B 336 -21.64 33.13 4.91
CA ALA B 336 -20.46 33.98 4.96
C ALA B 336 -19.73 33.83 6.28
N SER B 337 -20.45 33.67 7.37
CA SER B 337 -19.80 33.64 8.67
C SER B 337 -20.67 32.85 9.61
N MET B 338 -20.10 32.58 10.79
CA MET B 338 -20.82 31.86 11.82
C MET B 338 -21.47 32.84 12.78
N ASN B 339 -22.77 32.71 12.94
CA ASN B 339 -23.61 33.56 13.76
C ASN B 339 -24.02 32.73 14.98
N LEU B 340 -23.27 32.88 16.07
CA LEU B 340 -23.63 32.28 17.35
C LEU B 340 -24.39 33.30 18.19
N SER B 341 -25.56 32.90 18.68
CA SER B 341 -26.31 33.77 19.58
C SER B 341 -25.53 34.00 20.87
N GLN B 342 -25.70 35.20 21.44
CA GLN B 342 -25.15 35.51 22.75
C GLN B 342 -25.62 34.53 23.82
N ALA B 343 -26.75 33.86 23.58
CA ALA B 343 -27.32 32.94 24.55
C ALA B 343 -26.33 31.86 24.96
N PHE B 344 -25.32 31.59 24.11
CA PHE B 344 -24.27 30.62 24.45
C PHE B 344 -23.52 31.02 25.71
N SER B 345 -23.39 32.33 25.97
CA SER B 345 -22.62 32.79 27.12
C SER B 345 -23.21 32.36 28.46
N SER B 346 -24.46 31.92 28.48
CA SER B 346 -25.12 31.44 29.69
C SER B 346 -24.92 29.96 29.94
N LEU B 347 -24.06 29.29 29.18
CA LEU B 347 -23.78 27.86 29.37
C LEU B 347 -22.58 27.67 30.29
N LYS B 348 -22.73 28.13 31.54
CA LYS B 348 -21.57 28.34 32.39
C LYS B 348 -20.81 27.05 32.68
N SER B 349 -21.49 25.89 32.69
CA SER B 349 -20.80 24.65 32.98
C SER B 349 -20.24 23.94 31.75
N LEU B 350 -20.41 24.51 30.55
CA LEU B 350 -20.08 23.80 29.31
C LEU B 350 -18.60 23.45 29.24
N LYS B 351 -18.30 22.17 28.98
CA LYS B 351 -16.94 21.71 28.72
C LYS B 351 -16.65 21.47 27.23
N ILE B 352 -17.63 20.96 26.46
CA ILE B 352 -17.41 20.50 25.09
C ILE B 352 -18.50 21.06 24.18
N LEU B 353 -18.09 21.86 23.19
CA LEU B 353 -19.01 22.40 22.19
C LEU B 353 -18.57 21.90 20.80
N ARG B 354 -19.48 21.26 20.06
CA ARG B 354 -19.17 20.75 18.72
C ARG B 354 -20.14 21.33 17.71
N ILE B 355 -19.61 22.04 16.72
CA ILE B 355 -20.43 22.56 15.63
C ILE B 355 -19.74 22.27 14.30
N ARG B 356 -19.67 21.01 13.93
CA ARG B 356 -19.18 20.71 12.58
C ARG B 356 -20.30 20.92 11.56
N GLY B 357 -19.91 21.05 10.30
CA GLY B 357 -20.91 21.09 9.24
C GLY B 357 -21.92 22.20 9.39
N TYR B 358 -21.50 23.34 9.94
CA TYR B 358 -22.27 24.56 9.82
C TYR B 358 -22.06 25.17 8.44
N VAL B 359 -20.84 25.03 7.89
CA VAL B 359 -20.50 25.33 6.49
C VAL B 359 -20.50 26.84 6.24
N PHE B 360 -19.34 27.47 6.44
CA PHE B 360 -19.24 28.92 6.27
C PHE B 360 -17.82 29.29 5.85
N LYS B 361 -17.69 30.49 5.27
CA LYS B 361 -16.48 30.85 4.54
C LYS B 361 -15.40 31.39 5.47
N GLU B 362 -15.77 32.17 6.49
CA GLU B 362 -14.79 32.96 7.25
C GLU B 362 -15.13 32.95 8.73
N LEU B 363 -14.13 32.67 9.55
CA LEU B 363 -14.26 32.70 11.01
C LEU B 363 -13.48 33.87 11.58
N LYS B 364 -14.11 34.64 12.46
CA LYS B 364 -13.51 35.86 13.03
C LYS B 364 -13.67 35.87 14.55
N SER B 365 -12.64 36.36 15.27
CA SER B 365 -12.68 36.39 16.76
C SER B 365 -14.05 36.80 17.24
N PHE B 366 -14.57 37.85 16.59
CA PHE B 366 -15.81 38.49 16.99
C PHE B 366 -16.96 37.50 17.04
N GLN B 367 -17.00 36.53 16.13
CA GLN B 367 -18.07 35.54 16.13
C GLN B 367 -17.94 34.55 17.28
N LEU B 368 -16.76 34.42 17.88
CA LEU B 368 -16.60 33.50 19.00
C LEU B 368 -16.76 34.15 20.37
N SER B 369 -17.10 35.44 20.41
CA SER B 369 -17.20 36.12 21.71
C SER B 369 -18.19 35.50 22.68
N PRO B 370 -19.38 34.96 22.27
CA PRO B 370 -20.28 34.33 23.25
C PRO B 370 -19.62 33.26 24.10
N LEU B 371 -18.46 32.75 23.68
CA LEU B 371 -17.79 31.69 24.44
C LEU B 371 -16.65 32.20 25.31
N HIS B 372 -16.34 33.50 25.26
CA HIS B 372 -15.11 34.01 25.90
C HIS B 372 -15.08 33.70 27.38
N ASN B 373 -16.23 33.81 28.07
CA ASN B 373 -16.32 33.65 29.50
C ASN B 373 -16.94 32.33 29.91
N LEU B 374 -16.87 31.33 29.04
CA LEU B 374 -17.22 29.97 29.41
C LEU B 374 -15.98 29.36 30.05
N GLN B 375 -15.93 29.37 31.39
CA GLN B 375 -14.70 29.06 32.10
C GLN B 375 -14.31 27.59 31.97
N ASN B 376 -15.27 26.67 31.88
CA ASN B 376 -14.94 25.26 31.86
C ASN B 376 -14.78 24.71 30.45
N LEU B 377 -14.78 25.59 29.43
CA LEU B 377 -14.72 25.15 28.04
C LEU B 377 -13.38 24.49 27.76
N GLU B 378 -13.43 23.22 27.35
CA GLU B 378 -12.22 22.43 27.10
C GLU B 378 -12.05 22.02 25.64
N VAL B 379 -13.13 21.76 24.91
CA VAL B 379 -13.10 21.27 23.53
C VAL B 379 -13.99 22.15 22.68
N LEU B 380 -13.42 22.73 21.64
CA LEU B 380 -14.19 23.50 20.64
C LEU B 380 -13.91 22.87 19.29
N ASP B 381 -14.93 22.27 18.70
CA ASP B 381 -14.79 21.49 17.47
C ASP B 381 -15.53 22.20 16.34
N LEU B 382 -14.79 22.80 15.41
CA LEU B 382 -15.40 23.42 14.24
C LEU B 382 -14.95 22.75 12.93
N GLY B 383 -14.71 21.44 12.99
CA GLY B 383 -14.25 20.72 11.82
C GLY B 383 -15.34 20.55 10.77
N THR B 384 -14.88 20.16 9.58
CA THR B 384 -15.78 19.94 8.44
C THR B 384 -16.75 21.11 8.28
N ASN B 385 -16.17 22.31 8.14
CA ASN B 385 -16.97 23.50 7.95
C ASN B 385 -16.63 24.26 6.67
N PHE B 386 -15.61 23.81 5.92
CA PHE B 386 -15.14 24.46 4.70
C PHE B 386 -14.77 25.92 4.94
N ILE B 387 -14.23 26.19 6.14
CA ILE B 387 -13.69 27.51 6.46
C ILE B 387 -12.49 27.81 5.56
N LYS B 388 -12.51 28.98 4.88
CA LYS B 388 -11.37 29.40 4.07
C LYS B 388 -10.47 30.40 4.78
N ILE B 389 -11.00 31.21 5.70
CA ILE B 389 -10.24 32.30 6.30
C ILE B 389 -10.42 32.22 7.81
N ALA B 390 -9.30 32.19 8.53
CA ALA B 390 -9.36 32.16 9.98
C ALA B 390 -8.02 32.63 10.53
N ASN B 391 -8.03 33.77 11.22
CA ASN B 391 -6.84 34.27 11.87
C ASN B 391 -6.60 33.41 13.11
N LEU B 392 -5.56 32.59 13.09
CA LEU B 392 -5.32 31.68 14.20
C LEU B 392 -5.03 32.43 15.50
N SER B 393 -4.67 33.72 15.43
CA SER B 393 -4.34 34.44 16.65
C SER B 393 -5.56 34.63 17.54
N MET B 394 -6.77 34.55 16.97
CA MET B 394 -7.98 34.70 17.77
C MET B 394 -8.02 33.70 18.92
N PHE B 395 -7.30 32.59 18.80
CA PHE B 395 -7.34 31.60 19.86
C PHE B 395 -6.42 31.95 21.01
N LYS B 396 -5.73 33.11 20.95
CA LYS B 396 -5.05 33.63 22.13
C LYS B 396 -6.02 33.82 23.30
N GLN B 397 -7.30 34.01 22.98
CA GLN B 397 -8.38 34.15 23.96
C GLN B 397 -8.99 32.81 24.39
N PHE B 398 -8.37 31.67 24.06
CA PHE B 398 -8.94 30.38 24.44
C PHE B 398 -7.90 29.43 25.03
N LYS B 399 -6.85 29.96 25.66
CA LYS B 399 -5.78 29.08 26.12
C LYS B 399 -6.21 28.11 27.20
N ARG B 400 -7.36 28.34 27.85
CA ARG B 400 -7.83 27.36 28.83
C ARG B 400 -8.31 26.06 28.18
N LEU B 401 -8.55 26.08 26.87
CA LEU B 401 -9.08 24.92 26.19
C LEU B 401 -8.02 23.83 26.07
N LYS B 402 -8.47 22.59 26.03
CA LYS B 402 -7.58 21.46 25.80
C LYS B 402 -7.41 21.13 24.31
N VAL B 403 -8.46 21.27 23.50
CA VAL B 403 -8.40 20.99 22.07
C VAL B 403 -9.19 22.04 21.31
N ILE B 404 -8.57 22.63 20.28
CA ILE B 404 -9.26 23.46 19.29
C ILE B 404 -9.17 22.72 17.97
N ASP B 405 -10.33 22.30 17.44
CA ASP B 405 -10.39 21.39 16.30
C ASP B 405 -10.90 22.15 15.08
N LEU B 406 -10.00 22.41 14.13
CA LEU B 406 -10.37 22.99 12.86
C LEU B 406 -10.15 22.01 11.71
N SER B 407 -10.16 20.73 12.03
CA SER B 407 -9.82 19.68 11.08
C SER B 407 -10.80 19.67 9.90
N VAL B 408 -10.27 19.34 8.73
CA VAL B 408 -11.08 19.19 7.53
C VAL B 408 -11.76 20.52 7.23
N ASN B 409 -10.95 21.52 6.91
CA ASN B 409 -11.44 22.80 6.43
C ASN B 409 -10.54 23.23 5.28
N LYS B 410 -10.73 24.44 4.77
CA LYS B 410 -9.94 24.94 3.63
C LYS B 410 -9.12 26.16 4.04
N ILE B 411 -8.72 26.23 5.31
CA ILE B 411 -7.95 27.37 5.80
C ILE B 411 -6.63 27.46 5.04
N SER B 412 -6.35 28.63 4.48
CA SER B 412 -5.06 28.91 3.87
C SER B 412 -4.75 30.39 4.05
N PRO B 413 -3.49 30.81 3.82
CA PRO B 413 -3.26 32.27 3.90
C PRO B 413 -3.72 33.00 2.64
N VAL B 437 -11.16 11.58 20.70
CA VAL B 437 -11.17 11.51 19.24
C VAL B 437 -12.35 10.67 18.76
N LEU B 438 -13.19 11.25 17.90
CA LEU B 438 -14.38 10.57 17.37
C LEU B 438 -14.05 9.76 16.12
N GLU B 439 -14.79 8.65 15.95
CA GLU B 439 -14.59 7.74 14.83
C GLU B 439 -14.74 8.46 13.49
N GLN B 440 -14.03 7.93 12.47
CA GLN B 440 -14.14 8.45 11.12
C GLN B 440 -15.59 8.60 10.69
N LEU B 441 -16.39 7.56 10.91
CA LEU B 441 -17.81 7.61 10.69
C LEU B 441 -18.49 7.75 12.05
N TYR B 442 -19.18 8.87 12.25
CA TYR B 442 -19.64 9.24 13.57
C TYR B 442 -20.99 9.94 13.48
N TYR B 443 -21.02 11.13 12.87
CA TYR B 443 -22.28 11.84 12.69
C TYR B 443 -23.15 11.20 11.63
N PHE B 444 -22.55 10.41 10.74
CA PHE B 444 -23.30 9.87 9.61
C PHE B 444 -23.50 8.36 9.67
N ARG B 445 -22.95 7.66 10.65
CA ARG B 445 -23.23 6.25 10.66
C ARG B 445 -24.58 5.98 11.30
N TYR B 446 -25.17 4.85 10.93
CA TYR B 446 -26.55 4.56 11.28
C TYR B 446 -26.70 4.38 12.79
N ASP B 447 -25.81 3.61 13.41
CA ASP B 447 -25.90 3.34 14.85
C ASP B 447 -24.48 3.34 15.43
N LYS B 448 -24.05 4.49 15.96
CA LYS B 448 -22.73 4.57 16.57
C LYS B 448 -22.51 3.62 17.72
N TYR B 449 -23.60 3.10 18.30
CA TYR B 449 -23.53 2.22 19.45
C TYR B 449 -23.80 0.77 19.11
N ALA B 450 -23.81 0.42 17.82
CA ALA B 450 -24.15 -0.94 17.42
C ALA B 450 -23.11 -1.93 17.94
N ARG B 451 -23.58 -2.97 18.59
CA ARG B 451 -22.73 -4.02 19.15
C ARG B 451 -22.40 -5.02 18.06
N SER B 452 -21.13 -5.38 17.95
CA SER B 452 -20.73 -6.42 17.00
C SER B 452 -20.43 -7.71 17.75
N CYS B 453 -20.51 -8.80 17.00
CA CYS B 453 -20.24 -10.15 17.50
C CYS B 453 -18.80 -10.25 18.06
N SER B 468 -1.90 9.88 19.43
CA SER B 468 -2.52 11.19 19.70
C SER B 468 -1.74 12.10 20.65
N CYS B 469 -1.85 13.42 20.41
CA CYS B 469 -1.06 14.40 21.13
C CYS B 469 -1.86 15.20 22.16
N TYR B 470 -3.15 14.90 22.37
CA TYR B 470 -3.95 15.63 23.36
C TYR B 470 -3.28 15.62 24.74
N LYS B 471 -2.68 14.49 25.13
CA LYS B 471 -2.07 14.36 26.46
C LYS B 471 -0.91 15.31 26.66
N TYR B 472 -0.38 15.92 25.59
CA TYR B 472 0.72 16.89 25.70
C TYR B 472 0.26 18.28 26.11
N GLY B 473 -1.06 18.56 26.15
CA GLY B 473 -1.56 19.88 26.52
C GLY B 473 -2.44 20.49 25.42
N GLN B 474 -2.50 21.83 25.42
CA GLN B 474 -3.37 22.54 24.48
C GLN B 474 -3.04 22.14 23.05
N THR B 475 -4.06 21.78 22.29
CA THR B 475 -3.91 21.25 20.94
C THR B 475 -4.69 22.11 19.93
N LEU B 476 -3.99 22.60 18.94
CA LEU B 476 -4.62 23.26 17.81
C LEU B 476 -4.53 22.26 16.65
N ASP B 477 -5.68 21.72 16.24
CA ASP B 477 -5.77 20.71 15.18
C ASP B 477 -6.11 21.40 13.87
N LEU B 478 -5.10 21.56 13.01
CA LEU B 478 -5.30 22.11 11.69
C LEU B 478 -5.21 21.03 10.61
N SER B 479 -5.37 19.76 10.97
CA SER B 479 -5.19 18.70 10.00
C SER B 479 -6.22 18.82 8.87
N LYS B 480 -5.82 18.32 7.69
CA LYS B 480 -6.69 18.31 6.52
C LYS B 480 -7.23 19.70 6.23
N ASN B 481 -6.33 20.67 6.18
CA ASN B 481 -6.71 21.97 5.66
C ASN B 481 -5.93 22.23 4.38
N SER B 482 -5.84 23.49 3.96
CA SER B 482 -5.21 23.83 2.68
C SER B 482 -4.02 24.76 2.86
N ILE B 483 -3.32 24.71 4.00
CA ILE B 483 -2.20 25.61 4.22
C ILE B 483 -1.06 25.24 3.26
N PHE B 484 -0.72 26.15 2.33
CA PHE B 484 0.40 25.86 1.44
C PHE B 484 1.69 26.60 1.81
N PHE B 485 1.65 27.54 2.74
CA PHE B 485 2.86 28.25 3.14
C PHE B 485 2.73 28.73 4.58
N ILE B 486 3.76 28.50 5.38
CA ILE B 486 3.69 28.96 6.76
C ILE B 486 4.75 30.02 7.01
N LYS B 487 4.48 30.85 8.01
CA LYS B 487 5.25 32.03 8.32
C LYS B 487 5.11 32.24 9.82
N SER B 488 6.12 32.87 10.43
CA SER B 488 6.10 33.04 11.90
C SER B 488 4.86 33.78 12.39
N SER B 489 4.45 34.84 11.71
CA SER B 489 3.32 35.64 12.20
C SER B 489 2.00 34.88 12.15
N ASP B 490 1.91 33.81 11.35
CA ASP B 490 0.72 32.95 11.34
C ASP B 490 0.39 32.41 12.72
N PHE B 491 1.38 32.32 13.61
CA PHE B 491 1.22 31.77 14.95
C PHE B 491 1.34 32.83 16.02
N GLN B 492 1.17 34.10 15.67
CA GLN B 492 1.42 35.12 16.67
C GLN B 492 0.34 35.06 17.75
N HIS B 493 0.77 35.23 18.99
CA HIS B 493 -0.07 35.18 20.18
C HIS B 493 -0.49 33.77 20.58
N LEU B 494 0.10 32.73 19.98
CA LEU B 494 -0.27 31.36 20.35
C LEU B 494 0.86 30.60 21.03
N SER B 495 1.76 31.31 21.71
CA SER B 495 2.91 30.71 22.36
C SER B 495 2.53 29.67 23.41
N PHE B 496 1.26 29.61 23.82
CA PHE B 496 0.85 28.62 24.82
C PHE B 496 0.72 27.21 24.26
N LEU B 497 0.66 27.04 22.93
CA LEU B 497 0.36 25.74 22.33
C LEU B 497 1.39 24.67 22.71
N LYS B 498 0.88 23.50 23.06
CA LYS B 498 1.72 22.33 23.31
C LYS B 498 1.77 21.35 22.14
N CYS B 499 0.69 21.22 21.37
CA CYS B 499 0.63 20.35 20.20
C CYS B 499 0.00 21.08 19.04
N LEU B 500 0.66 21.05 17.88
CA LEU B 500 0.12 21.63 16.66
C LEU B 500 -0.01 20.52 15.62
N ASN B 501 -1.21 20.31 15.11
CA ASN B 501 -1.44 19.30 14.08
C ASN B 501 -1.57 19.98 12.73
N LEU B 502 -0.55 19.83 11.89
CA LEU B 502 -0.60 20.32 10.52
C LEU B 502 -0.68 19.18 9.51
N SER B 503 -1.01 17.99 9.97
CA SER B 503 -1.04 16.84 9.08
C SER B 503 -1.99 17.09 7.91
N GLY B 504 -1.55 16.68 6.71
CA GLY B 504 -2.45 16.70 5.59
C GLY B 504 -2.80 18.07 5.11
N ASN B 505 -1.84 18.97 5.12
CA ASN B 505 -2.03 20.26 4.46
C ASN B 505 -1.29 20.21 3.13
N LEU B 506 -0.98 21.38 2.58
CA LEU B 506 -0.34 21.44 1.28
C LEU B 506 1.01 22.14 1.39
N ILE B 507 1.69 21.96 2.51
CA ILE B 507 2.90 22.73 2.81
C ILE B 507 4.04 22.16 1.96
N SER B 508 4.47 22.93 0.96
CA SER B 508 5.57 22.55 0.07
C SER B 508 6.63 23.63 0.19
N GLN B 509 7.45 23.54 1.23
CA GLN B 509 8.24 24.68 1.69
C GLN B 509 9.55 24.17 2.30
N THR B 510 10.64 24.88 2.05
CA THR B 510 11.85 24.62 2.82
C THR B 510 11.73 25.33 4.15
N LEU B 511 12.03 24.65 5.24
CA LEU B 511 12.05 25.27 6.56
C LEU B 511 13.47 25.63 6.92
N ASN B 512 13.67 26.87 7.40
CA ASN B 512 15.01 27.37 7.75
C ASN B 512 15.11 27.73 9.22
N GLY B 513 14.16 27.31 10.06
CA GLY B 513 14.19 27.61 11.47
C GLY B 513 13.44 28.87 11.88
N SER B 514 12.83 29.59 10.94
CA SER B 514 12.12 30.84 11.24
C SER B 514 10.61 30.71 11.24
N GLU B 515 10.04 29.57 10.85
CA GLU B 515 8.62 29.56 10.51
C GLU B 515 7.72 29.42 11.73
N PHE B 516 8.21 28.81 12.80
CA PHE B 516 7.39 28.45 13.94
C PHE B 516 7.78 29.24 15.18
N GLN B 517 8.38 30.42 15.00
CA GLN B 517 9.21 30.91 16.10
C GLN B 517 8.30 31.22 17.31
N PRO B 518 7.06 31.77 17.13
CA PRO B 518 6.18 32.02 18.29
C PRO B 518 5.90 30.83 19.16
N LEU B 519 6.02 29.61 18.64
CA LEU B 519 5.51 28.43 19.33
C LEU B 519 6.53 27.92 20.34
N ALA B 520 6.78 28.79 21.33
CA ALA B 520 7.92 28.59 22.22
C ALA B 520 7.75 27.37 23.11
N GLU B 521 6.52 26.93 23.37
CA GLU B 521 6.32 25.81 24.28
C GLU B 521 5.89 24.53 23.56
N LEU B 522 5.95 24.49 22.22
CA LEU B 522 5.47 23.33 21.48
C LEU B 522 6.21 22.06 21.85
N ARG B 523 5.45 21.02 22.22
CA ARG B 523 6.05 19.72 22.49
C ARG B 523 5.84 18.70 21.38
N TYR B 524 4.82 18.87 20.55
CA TYR B 524 4.44 17.88 19.55
C TYR B 524 4.05 18.61 18.27
N LEU B 525 4.72 18.27 17.17
CA LEU B 525 4.36 18.80 15.87
C LEU B 525 4.11 17.63 14.93
N ASP B 526 2.87 17.49 14.47
CA ASP B 526 2.52 16.54 13.43
C ASP B 526 2.61 17.30 12.11
N PHE B 527 3.65 16.99 11.35
CA PHE B 527 3.85 17.58 10.04
C PHE B 527 3.67 16.53 8.95
N SER B 528 3.07 15.39 9.28
CA SER B 528 2.90 14.30 8.34
C SER B 528 2.00 14.72 7.17
N ASN B 529 2.17 14.02 6.04
CA ASN B 529 1.35 14.27 4.83
C ASN B 529 1.41 15.72 4.37
N ASN B 530 2.63 16.22 4.22
CA ASN B 530 2.86 17.51 3.58
C ASN B 530 3.92 17.25 2.52
N ARG B 531 4.56 18.31 2.04
CA ARG B 531 5.72 18.18 1.18
C ARG B 531 6.90 18.98 1.73
N LEU B 532 7.36 18.57 2.91
CA LEU B 532 8.55 19.16 3.51
C LEU B 532 9.75 19.08 2.55
N ASP B 533 10.54 20.13 2.50
CA ASP B 533 11.78 20.13 1.72
C ASP B 533 12.93 20.39 2.68
N LEU B 534 13.68 19.34 3.00
CA LEU B 534 14.81 19.45 3.91
C LEU B 534 16.07 19.95 3.16
N LEU B 535 15.97 21.17 2.64
CA LEU B 535 17.13 21.83 2.06
C LEU B 535 18.14 22.26 3.12
N HIS B 536 17.66 22.71 4.28
CA HIS B 536 18.51 23.27 5.32
C HIS B 536 18.48 22.39 6.57
N SER B 537 19.64 22.20 7.20
CA SER B 537 19.65 21.44 8.45
C SER B 537 19.14 22.26 9.64
N THR B 538 18.66 23.47 9.41
CA THR B 538 18.13 24.29 10.50
C THR B 538 16.62 24.13 10.66
N ALA B 539 15.99 23.24 9.88
CA ALA B 539 14.55 23.07 9.97
C ALA B 539 14.15 22.70 11.39
N PHE B 540 13.07 23.33 11.87
CA PHE B 540 12.43 23.04 13.16
C PHE B 540 13.25 23.49 14.37
N GLU B 541 14.43 24.08 14.20
CA GLU B 541 15.26 24.35 15.37
C GLU B 541 14.71 25.46 16.25
N GLU B 542 13.79 26.27 15.74
CA GLU B 542 13.19 27.26 16.62
C GLU B 542 12.21 26.64 17.61
N LEU B 543 11.84 25.37 17.44
CA LEU B 543 10.96 24.70 18.39
C LEU B 543 11.82 24.10 19.51
N ARG B 544 12.30 25.00 20.35
CA ARG B 544 13.28 24.63 21.36
C ARG B 544 12.75 23.63 22.38
N LYS B 545 11.42 23.47 22.50
CA LYS B 545 10.83 22.52 23.43
C LYS B 545 10.34 21.23 22.78
N LEU B 546 10.58 21.03 21.49
CA LEU B 546 9.95 19.93 20.75
C LEU B 546 10.42 18.54 21.23
N GLU B 547 9.46 17.68 21.55
CA GLU B 547 9.75 16.29 21.94
C GLU B 547 9.32 15.23 20.92
N VAL B 548 8.32 15.50 20.08
CA VAL B 548 7.83 14.56 19.08
C VAL B 548 7.66 15.30 17.76
N LEU B 549 8.34 14.83 16.73
CA LEU B 549 8.24 15.41 15.39
C LEU B 549 7.83 14.31 14.41
N ASP B 550 6.75 14.53 13.70
CA ASP B 550 6.24 13.57 12.74
C ASP B 550 6.37 14.20 11.37
N ILE B 551 7.32 13.71 10.57
CA ILE B 551 7.39 14.16 9.18
C ILE B 551 7.17 12.98 8.26
N SER B 552 6.30 12.06 8.67
CA SER B 552 5.95 10.95 7.79
C SER B 552 5.12 11.38 6.59
N SER B 553 5.24 10.61 5.51
CA SER B 553 4.46 10.86 4.31
C SER B 553 4.71 12.28 3.79
N ASN B 554 5.98 12.68 3.80
CA ASN B 554 6.44 13.85 3.09
C ASN B 554 7.38 13.34 2.00
N SER B 555 6.88 12.45 1.15
CA SER B 555 7.79 11.79 0.21
C SER B 555 8.11 12.65 -1.00
N HIS B 556 7.28 13.66 -1.29
CA HIS B 556 7.33 14.35 -2.58
C HIS B 556 8.75 14.65 -3.03
N TYR B 557 9.50 15.46 -2.28
CA TYR B 557 10.82 15.86 -2.77
C TYR B 557 11.84 14.74 -2.67
N PHE B 558 11.55 13.69 -1.89
CA PHE B 558 12.46 12.55 -1.84
C PHE B 558 12.33 11.64 -3.04
N GLN B 559 11.31 11.85 -3.88
CA GLN B 559 10.99 10.93 -4.96
C GLN B 559 11.58 11.35 -6.29
N SER B 560 12.12 12.55 -6.39
CA SER B 560 12.70 13.02 -7.64
C SER B 560 14.20 13.09 -7.46
N GLU B 561 14.93 12.57 -8.44
CA GLU B 561 16.37 12.44 -8.30
C GLU B 561 17.04 13.81 -8.25
N GLY B 562 18.19 13.85 -7.56
CA GLY B 562 19.07 14.99 -7.58
C GLY B 562 18.78 16.05 -6.55
N ILE B 563 17.73 15.90 -5.78
CA ILE B 563 17.33 16.94 -4.85
C ILE B 563 18.06 16.76 -3.53
N THR B 564 18.48 17.89 -2.93
CA THR B 564 19.27 17.92 -1.70
C THR B 564 18.38 17.61 -0.50
N HIS B 565 18.87 16.79 0.42
CA HIS B 565 18.13 16.39 1.62
C HIS B 565 19.05 16.40 2.81
N MET B 566 18.74 17.25 3.79
CA MET B 566 19.55 17.36 4.99
C MET B 566 18.91 16.52 6.09
N LEU B 567 19.23 15.24 6.10
CA LEU B 567 18.71 14.44 7.20
C LEU B 567 19.38 14.74 8.52
N ASN B 568 20.47 15.49 8.54
CA ASN B 568 21.17 15.76 9.79
C ASN B 568 20.61 16.95 10.53
N PHE B 569 19.38 17.33 10.21
CA PHE B 569 18.71 18.45 10.85
C PHE B 569 18.41 18.20 12.32
N THR B 570 18.57 16.95 12.78
CA THR B 570 18.18 16.60 14.14
C THR B 570 19.11 17.16 15.19
N LYS B 571 20.34 17.50 14.83
CA LYS B 571 21.32 17.90 15.84
C LYS B 571 20.83 19.11 16.62
N ASN B 572 20.08 20.02 15.98
CA ASN B 572 19.65 21.23 16.65
C ASN B 572 18.50 21.04 17.63
N LEU B 573 17.88 19.85 17.69
CA LEU B 573 16.67 19.66 18.48
C LEU B 573 17.04 18.93 19.77
N LYS B 574 17.30 19.73 20.79
CA LYS B 574 18.04 19.25 21.95
C LYS B 574 17.19 18.45 22.93
N VAL B 575 15.87 18.55 22.84
CA VAL B 575 14.97 17.78 23.68
C VAL B 575 14.11 16.81 22.87
N LEU B 576 14.42 16.63 21.58
CA LEU B 576 13.64 15.77 20.72
C LEU B 576 13.75 14.31 21.18
N GLN B 577 12.59 13.68 21.37
CA GLN B 577 12.44 12.33 21.90
C GLN B 577 12.10 11.29 20.85
N LYS B 578 11.20 11.63 19.94
CA LYS B 578 10.62 10.70 19.01
C LYS B 578 10.55 11.40 17.66
N LEU B 579 11.02 10.70 16.62
CA LEU B 579 11.03 11.22 15.27
C LEU B 579 10.39 10.18 14.36
N MET B 580 9.31 10.56 13.69
CA MET B 580 8.68 9.68 12.72
C MET B 580 8.96 10.23 11.34
N MET B 581 9.68 9.44 10.52
CA MET B 581 9.82 9.79 9.11
C MET B 581 9.48 8.58 8.24
N ASN B 582 8.30 8.03 8.50
CA ASN B 582 7.77 6.89 7.78
C ASN B 582 7.25 7.24 6.41
N ASP B 583 7.39 6.30 5.48
CA ASP B 583 6.71 6.37 4.17
C ASP B 583 7.15 7.61 3.39
N ASN B 584 8.44 7.91 3.45
CA ASN B 584 8.99 9.07 2.79
C ASN B 584 9.75 8.71 1.53
N ASP B 585 9.91 7.42 1.25
CA ASP B 585 10.59 6.99 0.05
C ASP B 585 12.03 7.50 0.02
N ILE B 586 12.65 7.61 1.19
CA ILE B 586 14.01 8.12 1.26
C ILE B 586 14.95 7.10 0.63
N SER B 587 15.65 7.53 -0.41
CA SER B 587 16.61 6.67 -1.08
C SER B 587 17.96 7.36 -1.32
N SER B 588 18.12 8.58 -0.85
CA SER B 588 19.32 9.39 -1.05
C SER B 588 19.35 10.43 0.06
N SER B 589 20.54 10.89 0.43
CA SER B 589 20.67 11.89 1.48
C SER B 589 21.98 12.63 1.31
N THR B 590 21.92 13.95 1.45
CA THR B 590 23.13 14.75 1.28
C THR B 590 24.10 14.51 2.42
N SER B 591 23.61 14.54 3.65
CA SER B 591 24.41 14.23 4.81
C SER B 591 24.47 12.72 5.01
N ARG B 592 25.55 12.27 5.66
CA ARG B 592 25.82 10.86 5.87
C ARG B 592 25.42 10.37 7.24
N THR B 593 25.13 11.28 8.15
CA THR B 593 24.86 10.90 9.52
C THR B 593 23.74 11.75 10.08
N MET B 594 22.84 11.12 10.81
CA MET B 594 21.94 11.87 11.67
C MET B 594 22.45 11.84 13.11
N GLU B 595 22.31 12.96 13.79
CA GLU B 595 22.90 13.14 15.11
C GLU B 595 21.89 13.71 16.09
N SER B 596 21.87 13.12 17.28
CA SER B 596 21.06 13.64 18.38
C SER B 596 21.61 13.05 19.65
N GLU B 597 21.60 13.84 20.71
CA GLU B 597 21.94 13.36 22.04
C GLU B 597 20.70 13.02 22.85
N SER B 598 19.50 13.30 22.31
CA SER B 598 18.26 13.13 23.04
C SER B 598 17.31 12.12 22.42
N LEU B 599 17.29 11.99 21.10
CA LEU B 599 16.32 11.14 20.43
C LEU B 599 16.41 9.71 20.95
N ARG B 600 15.26 9.16 21.36
CA ARG B 600 15.24 7.76 21.76
C ARG B 600 14.59 6.85 20.75
N THR B 601 13.56 7.34 20.07
CA THR B 601 12.77 6.53 19.15
C THR B 601 12.80 7.15 17.77
N LEU B 602 13.19 6.34 16.78
CA LEU B 602 13.19 6.73 15.37
C LEU B 602 12.36 5.73 14.55
N GLU B 603 11.27 6.20 13.96
CA GLU B 603 10.49 5.41 13.01
C GLU B 603 10.89 5.80 11.58
N PHE B 604 11.49 4.82 10.86
CA PHE B 604 12.06 5.00 9.54
C PHE B 604 11.48 3.99 8.55
N ARG B 605 10.23 3.60 8.76
CA ARG B 605 9.58 2.56 7.98
C ARG B 605 9.09 3.10 6.65
N GLY B 606 9.14 2.26 5.62
CA GLY B 606 8.64 2.67 4.30
C GLY B 606 9.57 3.61 3.56
N ASN B 607 10.86 3.37 3.63
CA ASN B 607 11.86 4.17 2.94
C ASN B 607 12.69 3.21 2.09
N HIS B 608 13.84 3.67 1.60
CA HIS B 608 14.63 2.83 0.72
C HIS B 608 16.07 2.69 1.21
N LEU B 609 16.22 2.21 2.45
CA LEU B 609 17.56 1.85 2.91
C LEU B 609 18.20 0.83 2.00
N ASP B 610 17.43 0.05 1.24
CA ASP B 610 18.07 -0.89 0.33
C ASP B 610 18.92 -0.16 -0.71
N VAL B 611 18.50 1.05 -1.08
CA VAL B 611 19.27 1.87 -2.02
C VAL B 611 20.40 2.60 -1.31
N LEU B 612 20.11 3.22 -0.15
CA LEU B 612 21.14 3.92 0.60
C LEU B 612 22.30 3.00 0.93
N TRP B 613 22.00 1.74 1.27
CA TRP B 613 22.99 0.74 1.63
C TRP B 613 23.32 -0.23 0.49
N ARG B 614 23.10 0.20 -0.75
CA ARG B 614 23.51 -0.52 -1.94
C ARG B 614 24.88 -1.18 -1.72
N ASP B 615 24.99 -2.47 -2.04
CA ASP B 615 26.23 -3.19 -1.76
C ASP B 615 27.36 -2.55 -2.57
N GLY B 616 28.44 -2.19 -1.88
CA GLY B 616 29.55 -1.46 -2.47
C GLY B 616 29.62 0.00 -2.09
N ASP B 617 28.55 0.55 -1.55
CA ASP B 617 28.52 1.94 -1.12
C ASP B 617 28.49 1.92 0.41
N ASN B 618 29.62 2.27 1.02
CA ASN B 618 29.74 2.28 2.48
C ASN B 618 29.29 3.59 3.11
N ARG B 619 28.96 4.60 2.31
CA ARG B 619 28.90 5.95 2.83
C ARG B 619 27.82 6.15 3.91
N TYR B 620 26.74 5.36 3.88
CA TYR B 620 25.62 5.59 4.79
C TYR B 620 25.45 4.49 5.82
N LEU B 621 26.46 3.62 5.98
CA LEU B 621 26.35 2.53 6.96
C LEU B 621 26.38 3.02 8.39
N GLN B 622 26.58 4.33 8.65
CA GLN B 622 26.51 4.85 10.01
C GLN B 622 25.48 5.96 10.10
N LEU B 623 24.46 5.88 9.25
CA LEU B 623 23.41 6.90 9.24
C LEU B 623 22.81 7.13 10.63
N PHE B 624 22.67 6.07 11.43
CA PHE B 624 22.05 6.17 12.76
C PHE B 624 23.04 6.04 13.92
N LYS B 625 24.35 5.86 13.67
CA LYS B 625 25.32 5.57 14.74
C LYS B 625 25.38 6.68 15.78
N ASN B 626 25.20 7.94 15.39
CA ASN B 626 25.37 9.05 16.31
C ASN B 626 24.03 9.55 16.88
N LEU B 627 23.00 8.71 16.85
CA LEU B 627 21.81 8.93 17.66
C LEU B 627 22.09 8.21 18.98
N LEU B 628 22.85 8.89 19.85
CA LEU B 628 23.59 8.16 20.87
C LEU B 628 22.67 7.42 21.80
N LYS B 629 21.53 8.01 22.10
CA LYS B 629 20.71 7.35 23.08
C LYS B 629 19.46 6.72 22.50
N LEU B 630 19.42 6.55 21.17
CA LEU B 630 18.29 5.93 20.51
C LEU B 630 18.13 4.53 21.06
N GLU B 631 16.90 4.19 21.46
CA GLU B 631 16.59 2.85 21.95
C GLU B 631 15.66 2.03 21.03
N GLU B 632 14.80 2.68 20.24
CA GLU B 632 13.88 1.94 19.37
C GLU B 632 14.08 2.42 17.93
N LEU B 633 14.30 1.47 17.01
CA LEU B 633 14.48 1.77 15.59
C LEU B 633 13.57 0.88 14.77
N ASP B 634 12.70 1.49 13.99
CA ASP B 634 11.82 0.77 13.06
C ASP B 634 12.34 0.97 11.63
N ILE B 635 13.00 -0.05 11.08
CA ILE B 635 13.38 0.05 9.68
C ILE B 635 12.73 -1.10 8.91
N SER B 636 11.48 -1.40 9.25
CA SER B 636 10.65 -2.28 8.44
C SER B 636 10.29 -1.60 7.13
N LYS B 637 9.81 -2.40 6.18
CA LYS B 637 9.39 -1.95 4.85
C LYS B 637 10.45 -1.05 4.23
N ASN B 638 11.66 -1.55 4.15
CA ASN B 638 12.72 -0.81 3.48
C ASN B 638 13.34 -1.63 2.37
N SER B 639 12.66 -2.71 1.95
CA SER B 639 13.10 -3.57 0.84
C SER B 639 14.47 -4.18 1.10
N LEU B 640 14.83 -4.36 2.36
CA LEU B 640 16.16 -4.90 2.67
C LEU B 640 16.11 -6.41 2.48
N SER B 641 16.38 -6.85 1.25
CA SER B 641 16.36 -8.30 1.08
C SER B 641 17.62 -8.94 1.64
N PHE B 642 18.64 -8.14 1.92
CA PHE B 642 19.81 -8.57 2.68
C PHE B 642 20.33 -7.38 3.45
N LEU B 643 21.12 -7.65 4.50
CA LEU B 643 21.80 -6.57 5.20
C LEU B 643 23.28 -6.58 4.83
N PRO B 644 23.81 -5.54 4.19
CA PRO B 644 25.25 -5.49 3.98
C PRO B 644 25.98 -5.55 5.32
N SER B 645 27.18 -6.14 5.31
CA SER B 645 28.06 -6.06 6.47
C SER B 645 28.33 -4.60 6.83
N GLY B 646 28.25 -4.31 8.12
CA GLY B 646 28.48 -2.98 8.62
C GLY B 646 27.23 -2.30 9.12
N VAL B 647 26.06 -2.83 8.74
CA VAL B 647 24.80 -2.27 9.22
C VAL B 647 24.73 -2.39 10.74
N PHE B 648 25.08 -3.57 11.27
CA PHE B 648 24.93 -3.79 12.71
C PHE B 648 26.00 -3.04 13.50
N ASP B 649 27.25 -3.10 13.04
CA ASP B 649 28.29 -2.28 13.65
C ASP B 649 27.92 -0.81 13.63
N GLY B 650 27.16 -0.37 12.62
CA GLY B 650 26.74 1.01 12.48
C GLY B 650 25.60 1.41 13.38
N MET B 651 25.03 0.46 14.16
CA MET B 651 23.91 0.84 14.99
C MET B 651 24.37 1.52 16.27
N PRO B 652 23.57 2.45 16.78
CA PRO B 652 23.93 3.16 17.98
C PRO B 652 23.97 2.22 19.18
N PRO B 653 24.72 2.57 20.22
CA PRO B 653 25.06 1.58 21.24
C PRO B 653 23.91 1.17 22.16
N ASN B 654 22.84 1.95 22.32
CA ASN B 654 21.81 1.56 23.28
C ASN B 654 20.56 1.00 22.62
N LEU B 655 20.69 0.53 21.37
CA LEU B 655 19.54 0.05 20.61
C LEU B 655 18.87 -1.11 21.34
N LYS B 656 17.61 -0.94 21.70
CA LYS B 656 16.85 -1.93 22.45
C LYS B 656 15.82 -2.69 21.61
N ASN B 657 15.01 -1.98 20.81
N ASN B 657 15.01 -1.99 20.81
CA ASN B 657 13.92 -2.56 20.03
CA ASN B 657 13.92 -2.59 20.05
C ASN B 657 14.21 -2.30 18.56
C ASN B 657 14.17 -2.31 18.57
N LEU B 658 14.43 -3.38 17.79
CA LEU B 658 14.78 -3.26 16.38
C LEU B 658 13.81 -4.05 15.52
N SER B 659 13.13 -3.35 14.61
CA SER B 659 12.24 -4.00 13.65
C SER B 659 12.87 -4.00 12.26
N LEU B 660 13.01 -5.20 11.71
CA LEU B 660 13.37 -5.43 10.33
C LEU B 660 12.23 -6.14 9.62
N ALA B 661 10.99 -5.91 10.05
CA ALA B 661 9.87 -6.65 9.48
C ALA B 661 9.58 -6.24 8.02
N LYS B 662 8.98 -7.17 7.27
CA LYS B 662 8.42 -6.86 5.96
C LYS B 662 9.49 -6.27 5.04
N ASN B 663 10.64 -6.92 5.00
CA ASN B 663 11.72 -6.49 4.12
C ASN B 663 12.01 -7.44 2.99
N GLY B 664 11.35 -8.62 2.95
CA GLY B 664 11.78 -9.65 2.04
C GLY B 664 13.17 -10.20 2.34
N LEU B 665 13.64 -10.08 3.58
CA LEU B 665 14.97 -10.59 3.97
C LEU B 665 15.07 -12.08 3.64
N LYS B 666 16.05 -12.44 2.81
CA LYS B 666 16.24 -13.85 2.44
C LYS B 666 17.39 -14.51 3.17
N SER B 667 18.16 -13.75 3.94
CA SER B 667 19.30 -14.31 4.65
C SER B 667 19.63 -13.33 5.77
N PHE B 668 20.34 -13.86 6.77
CA PHE B 668 20.57 -13.10 7.99
C PHE B 668 21.76 -13.73 8.69
N ILE B 669 22.84 -12.95 8.86
CA ILE B 669 24.04 -13.40 9.57
C ILE B 669 23.76 -13.14 11.05
N TRP B 670 23.25 -14.18 11.74
CA TRP B 670 22.80 -14.00 13.13
C TRP B 670 23.92 -13.58 14.07
N GLU B 671 25.16 -13.98 13.75
CA GLU B 671 26.31 -13.63 14.60
C GLU B 671 26.46 -12.14 14.76
N LYS B 672 26.05 -11.36 13.74
CA LYS B 672 26.24 -9.93 13.81
C LYS B 672 25.32 -9.29 14.85
N LEU B 673 24.41 -10.06 15.45
CA LEU B 673 23.68 -9.57 16.61
C LEU B 673 24.60 -9.32 17.80
N ARG B 674 25.85 -9.81 17.74
CA ARG B 674 26.78 -9.53 18.83
C ARG B 674 27.06 -8.04 18.96
N TYR B 675 27.01 -7.30 17.85
CA TYR B 675 27.23 -5.86 17.92
C TYR B 675 26.15 -5.15 18.72
N LEU B 676 24.95 -5.73 18.80
CA LEU B 676 23.82 -5.05 19.42
C LEU B 676 23.67 -5.58 20.84
N LYS B 677 24.53 -5.12 21.75
CA LYS B 677 24.64 -5.82 23.04
C LYS B 677 23.57 -5.39 24.04
N ASN B 678 22.76 -4.38 23.72
CA ASN B 678 21.60 -4.05 24.55
C ASN B 678 20.30 -4.47 23.90
N LEU B 679 20.36 -5.27 22.83
CA LEU B 679 19.18 -5.62 22.05
C LEU B 679 18.22 -6.46 22.88
N GLU B 680 16.98 -6.03 22.95
CA GLU B 680 15.97 -6.76 23.72
C GLU B 680 14.81 -7.29 22.90
N THR B 681 14.40 -6.59 21.85
CA THR B 681 13.34 -7.02 20.95
C THR B 681 13.88 -7.00 19.53
N LEU B 682 13.79 -8.14 18.84
CA LEU B 682 14.17 -8.26 17.45
C LEU B 682 12.96 -8.76 16.67
N ASP B 683 12.39 -7.89 15.83
CA ASP B 683 11.20 -8.20 15.04
C ASP B 683 11.64 -8.50 13.61
N LEU B 684 11.66 -9.78 13.25
CA LEU B 684 11.99 -10.21 11.89
C LEU B 684 10.77 -10.76 11.17
N SER B 685 9.56 -10.38 11.61
CA SER B 685 8.34 -10.95 11.07
C SER B 685 8.17 -10.60 9.58
N HIS B 686 7.40 -11.44 8.89
CA HIS B 686 7.07 -11.24 7.49
C HIS B 686 8.31 -11.03 6.61
N ASN B 687 9.17 -12.05 6.57
CA ASN B 687 10.35 -12.03 5.71
C ASN B 687 10.43 -13.40 5.06
N GLN B 688 11.59 -13.73 4.51
CA GLN B 688 11.81 -15.01 3.85
C GLN B 688 12.94 -15.79 4.49
N LEU B 689 13.11 -15.65 5.80
CA LEU B 689 14.18 -16.38 6.47
C LEU B 689 13.89 -17.88 6.44
N THR B 690 14.94 -18.69 6.35
CA THR B 690 14.83 -20.14 6.33
C THR B 690 15.54 -20.83 7.48
N THR B 691 16.34 -20.12 8.28
CA THR B 691 17.11 -20.75 9.36
C THR B 691 17.03 -19.89 10.62
N VAL B 692 17.27 -20.54 11.77
CA VAL B 692 17.51 -19.85 13.04
C VAL B 692 18.99 -20.01 13.37
N PRO B 693 19.56 -19.21 14.29
CA PRO B 693 20.99 -19.39 14.59
C PRO B 693 21.26 -20.77 15.18
N GLU B 694 22.46 -21.28 14.91
CA GLU B 694 22.86 -22.54 15.52
C GLU B 694 22.88 -22.44 17.04
N ARG B 695 23.15 -21.25 17.57
CA ARG B 695 23.32 -21.08 19.01
C ARG B 695 22.84 -19.67 19.33
N LEU B 696 21.56 -19.52 19.76
CA LEU B 696 21.03 -18.15 19.90
C LEU B 696 21.74 -17.40 21.01
N SER B 697 22.16 -18.13 22.07
CA SER B 697 22.93 -17.54 23.15
C SER B 697 24.26 -16.97 22.66
N ASN B 698 24.87 -17.61 21.64
CA ASN B 698 26.08 -17.10 21.01
C ASN B 698 25.80 -15.87 20.17
N CYS B 699 24.55 -15.59 19.82
CA CYS B 699 24.31 -14.44 18.96
C CYS B 699 23.98 -13.19 19.73
N SER B 700 23.35 -13.33 20.89
CA SER B 700 23.01 -12.18 21.69
C SER B 700 22.93 -12.67 23.13
N ARG B 701 23.75 -12.14 24.05
CA ARG B 701 23.44 -12.38 25.47
C ARG B 701 22.30 -11.50 26.01
N SER B 702 21.71 -10.58 25.27
CA SER B 702 20.63 -9.74 25.82
C SER B 702 19.18 -10.04 25.37
N LEU B 703 18.96 -10.77 24.28
CA LEU B 703 17.67 -10.81 23.58
C LEU B 703 16.49 -11.37 24.38
N LYS B 704 15.42 -10.61 24.52
CA LYS B 704 14.28 -11.15 25.24
C LYS B 704 13.11 -11.56 24.35
N ASN B 705 12.86 -10.85 23.26
CA ASN B 705 11.70 -11.12 22.41
C ASN B 705 12.15 -11.32 20.98
N LEU B 706 11.92 -12.51 20.47
CA LEU B 706 12.35 -12.85 19.13
C LEU B 706 11.09 -13.16 18.34
N ILE B 707 10.78 -12.31 17.37
CA ILE B 707 9.60 -12.45 16.53
C ILE B 707 10.05 -12.88 15.15
N LEU B 708 9.71 -14.13 14.79
CA LEU B 708 10.06 -14.72 13.50
C LEU B 708 8.82 -15.18 12.73
N LYS B 709 7.64 -14.69 13.13
CA LYS B 709 6.39 -15.08 12.47
C LYS B 709 6.46 -14.76 10.97
N ASN B 710 5.76 -15.56 10.17
CA ASN B 710 5.61 -15.36 8.72
C ASN B 710 6.98 -15.32 8.04
N ASN B 711 7.66 -16.46 8.09
CA ASN B 711 8.88 -16.68 7.37
C ASN B 711 8.79 -18.05 6.71
N GLN B 712 9.94 -18.58 6.27
CA GLN B 712 10.01 -19.84 5.54
C GLN B 712 10.80 -20.89 6.31
N ILE B 713 10.78 -20.85 7.64
CA ILE B 713 11.66 -21.72 8.40
C ILE B 713 11.08 -23.13 8.38
N ARG B 714 11.93 -24.11 8.00
CA ARG B 714 11.49 -25.48 7.85
C ARG B 714 12.00 -26.43 8.93
N SER B 715 13.05 -26.05 9.66
CA SER B 715 13.49 -26.81 10.82
C SER B 715 14.32 -25.89 11.71
N LEU B 716 14.44 -26.27 12.97
CA LEU B 716 15.29 -25.57 13.92
C LEU B 716 16.66 -26.23 14.00
N THR B 717 17.65 -25.44 14.40
CA THR B 717 18.98 -25.98 14.62
C THR B 717 18.98 -26.87 15.86
N LYS B 718 19.97 -27.77 15.90
CA LYS B 718 19.98 -28.82 16.92
C LYS B 718 19.94 -28.26 18.34
N TYR B 719 20.68 -27.19 18.63
CA TYR B 719 20.70 -26.61 19.98
C TYR B 719 20.33 -25.13 19.97
N PHE B 720 19.37 -24.76 19.10
CA PHE B 720 18.87 -23.40 18.93
C PHE B 720 18.86 -22.60 20.22
N LEU B 721 18.00 -22.95 21.19
CA LEU B 721 17.79 -22.12 22.37
C LEU B 721 18.61 -22.57 23.56
N GLN B 722 19.59 -23.43 23.37
CA GLN B 722 20.38 -23.93 24.50
C GLN B 722 21.17 -22.81 25.16
N ASP B 723 20.95 -22.67 26.48
CA ASP B 723 21.55 -21.64 27.34
C ASP B 723 21.00 -20.25 27.05
N ALA B 724 19.85 -20.16 26.39
CA ALA B 724 19.22 -18.88 26.12
C ALA B 724 18.31 -18.46 27.27
N PHE B 725 18.91 -18.30 28.45
CA PHE B 725 18.13 -18.19 29.68
C PHE B 725 17.40 -16.85 29.74
N GLN B 726 17.90 -15.88 29.00
CA GLN B 726 17.38 -14.53 28.86
C GLN B 726 16.09 -14.41 28.05
N LEU B 727 15.91 -15.32 27.07
CA LEU B 727 14.75 -15.29 26.19
C LEU B 727 13.44 -15.49 26.94
N ARG B 728 12.47 -14.61 26.70
CA ARG B 728 11.17 -14.70 27.35
C ARG B 728 9.99 -14.82 26.39
N TYR B 729 10.16 -14.52 25.10
CA TYR B 729 9.07 -14.49 24.14
C TYR B 729 9.56 -14.96 22.77
N LEU B 730 8.86 -15.90 22.16
CA LEU B 730 9.34 -16.48 20.91
C LEU B 730 8.14 -16.72 20.00
N ASP B 731 8.13 -16.07 18.86
CA ASP B 731 7.06 -16.24 17.88
C ASP B 731 7.64 -16.94 16.66
N LEU B 732 7.27 -18.21 16.47
CA LEU B 732 7.59 -18.99 15.28
C LEU B 732 6.35 -19.32 14.47
N SER B 733 5.28 -18.57 14.64
CA SER B 733 4.06 -18.96 13.95
C SER B 733 4.16 -18.67 12.45
N SER B 734 3.33 -19.35 11.66
CA SER B 734 3.27 -19.17 10.22
C SER B 734 4.66 -19.35 9.60
N ASN B 735 5.22 -20.53 9.85
CA ASN B 735 6.43 -20.98 9.20
C ASN B 735 6.12 -22.34 8.59
N LYS B 736 7.16 -23.12 8.29
CA LYS B 736 7.01 -24.45 7.70
C LYS B 736 7.70 -25.50 8.55
N ILE B 737 7.70 -25.32 9.86
CA ILE B 737 8.42 -26.23 10.73
C ILE B 737 7.69 -27.57 10.74
N GLN B 738 8.46 -28.65 10.58
CA GLN B 738 7.87 -29.99 10.57
C GLN B 738 8.00 -30.72 11.89
N MET B 739 9.16 -30.62 12.55
CA MET B 739 9.43 -31.31 13.79
C MET B 739 10.32 -30.44 14.67
N ILE B 740 10.13 -30.56 15.98
CA ILE B 740 10.91 -29.87 17.00
C ILE B 740 11.34 -30.90 18.04
N GLN B 741 12.64 -30.98 18.31
CA GLN B 741 13.18 -31.94 19.27
C GLN B 741 13.64 -31.23 20.53
N LYS B 742 13.81 -32.03 21.61
CA LYS B 742 14.11 -31.45 22.91
C LYS B 742 15.43 -30.67 22.90
N THR B 743 16.40 -31.11 22.08
CA THR B 743 17.70 -30.41 22.03
C THR B 743 17.52 -28.93 21.65
N SER B 744 16.62 -28.65 20.70
CA SER B 744 16.39 -27.26 20.28
C SER B 744 15.61 -26.50 21.34
N PHE B 745 14.78 -27.20 22.11
CA PHE B 745 13.87 -26.59 23.06
C PHE B 745 14.14 -27.13 24.47
N PRO B 746 15.30 -26.84 25.06
CA PRO B 746 15.53 -27.28 26.43
C PRO B 746 14.58 -26.55 27.37
N GLU B 747 14.09 -27.28 28.37
CA GLU B 747 13.01 -26.78 29.22
C GLU B 747 13.49 -25.80 30.27
N ASN B 748 14.80 -25.77 30.54
CA ASN B 748 15.40 -24.70 31.32
C ASN B 748 15.18 -23.35 30.68
N VAL B 749 14.96 -23.33 29.36
CA VAL B 749 14.66 -22.09 28.63
C VAL B 749 13.16 -21.86 28.52
N LEU B 750 12.39 -22.89 28.17
CA LEU B 750 10.95 -22.71 28.06
C LEU B 750 10.28 -22.42 29.40
N ASN B 751 10.90 -22.81 30.53
CA ASN B 751 10.30 -22.48 31.82
C ASN B 751 10.09 -20.99 31.98
N ASN B 752 11.04 -20.19 31.48
CA ASN B 752 10.98 -18.76 31.67
C ASN B 752 10.16 -18.04 30.60
N LEU B 753 9.64 -18.76 29.59
CA LEU B 753 8.96 -18.11 28.46
C LEU B 753 7.56 -17.68 28.86
N LYS B 754 7.29 -16.38 28.74
CA LYS B 754 5.94 -15.88 28.99
C LYS B 754 4.97 -16.27 27.88
N MET B 755 5.46 -16.49 26.65
CA MET B 755 4.61 -16.92 25.53
C MET B 755 5.47 -17.54 24.46
N LEU B 756 4.95 -18.61 23.87
CA LEU B 756 5.63 -19.36 22.80
C LEU B 756 4.60 -19.56 21.70
N LEU B 757 4.80 -18.93 20.55
CA LEU B 757 3.80 -18.97 19.49
C LEU B 757 4.24 -19.97 18.42
N LEU B 758 3.37 -20.95 18.14
CA LEU B 758 3.73 -22.08 17.28
C LEU B 758 2.72 -22.39 16.19
N HIS B 759 1.64 -21.63 16.10
CA HIS B 759 0.52 -22.05 15.27
C HIS B 759 0.86 -21.86 13.80
N HIS B 760 0.07 -22.54 12.97
CA HIS B 760 0.18 -22.45 11.53
C HIS B 760 1.59 -22.83 11.07
N ASN B 761 2.01 -24.03 11.47
CA ASN B 761 3.22 -24.64 10.91
C ASN B 761 2.83 -25.91 10.19
N ARG B 762 3.81 -26.75 9.89
CA ARG B 762 3.55 -27.92 9.08
C ARG B 762 3.95 -29.18 9.86
N PHE B 763 3.41 -29.33 11.08
CA PHE B 763 3.88 -30.36 12.01
C PHE B 763 3.54 -31.76 11.51
N LEU B 764 4.53 -32.63 11.54
CA LEU B 764 4.38 -34.03 11.17
C LEU B 764 4.23 -34.82 12.45
N CYS B 765 3.11 -35.50 12.63
CA CYS B 765 2.84 -36.18 13.91
C CYS B 765 3.12 -37.68 13.80
N THR B 766 4.41 -37.97 13.61
CA THR B 766 4.93 -39.33 13.59
C THR B 766 5.51 -39.65 14.95
N CYS B 767 6.00 -40.88 15.08
CA CYS B 767 6.59 -41.26 16.35
C CYS B 767 7.85 -40.47 16.68
N ASP B 768 8.42 -39.75 15.70
CA ASP B 768 9.54 -38.85 15.97
C ASP B 768 9.09 -37.62 16.74
N ALA B 769 7.79 -37.30 16.68
CA ALA B 769 7.21 -36.12 17.30
C ALA B 769 6.75 -36.39 18.72
N VAL B 770 7.16 -37.52 19.29
CA VAL B 770 6.60 -37.98 20.54
C VAL B 770 6.90 -36.99 21.66
N TRP B 771 8.14 -36.47 21.70
CA TRP B 771 8.46 -35.52 22.76
C TRP B 771 7.73 -34.18 22.59
N PHE B 772 7.72 -33.65 21.37
CA PHE B 772 7.08 -32.35 21.16
C PHE B 772 5.59 -32.42 21.48
N VAL B 773 4.91 -33.43 20.94
CA VAL B 773 3.49 -33.60 21.23
C VAL B 773 3.25 -33.67 22.74
N TRP B 774 4.09 -34.45 23.43
CA TRP B 774 3.87 -34.65 24.86
C TRP B 774 4.06 -33.35 25.63
N TRP B 775 5.11 -32.61 25.29
CA TRP B 775 5.40 -31.37 26.00
C TRP B 775 4.28 -30.37 25.77
N VAL B 776 3.86 -30.19 24.52
CA VAL B 776 2.81 -29.23 24.19
C VAL B 776 1.55 -29.54 24.97
N GLN B 777 1.21 -30.83 25.12
CA GLN B 777 0.00 -31.19 25.85
C GLN B 777 0.14 -30.94 27.36
N HIS B 778 1.34 -31.06 27.89
CA HIS B 778 1.56 -31.01 29.34
C HIS B 778 2.23 -29.73 29.83
N THR B 779 2.57 -28.80 28.95
CA THR B 779 3.37 -27.68 29.41
C THR B 779 2.52 -26.61 30.08
N GLU B 780 3.17 -25.93 31.02
CA GLU B 780 2.76 -24.68 31.67
C GLU B 780 2.57 -23.56 30.66
N VAL B 781 3.62 -23.43 29.83
CA VAL B 781 3.86 -22.28 28.97
C VAL B 781 2.65 -21.94 28.14
N THR B 782 2.38 -20.64 28.01
CA THR B 782 1.27 -20.13 27.21
C THR B 782 1.51 -20.30 25.71
N ILE B 783 0.60 -20.97 25.01
CA ILE B 783 0.69 -21.16 23.56
C ILE B 783 -0.66 -20.82 22.93
N PRO B 784 -0.79 -19.70 22.22
CA PRO B 784 -2.08 -19.35 21.64
C PRO B 784 -2.52 -20.28 20.51
N TYR B 785 -3.83 -20.45 20.41
CA TYR B 785 -4.49 -21.17 19.31
C TYR B 785 -4.29 -22.69 19.34
N LEU B 786 -3.93 -23.29 20.50
CA LEU B 786 -3.88 -24.76 20.58
C LEU B 786 -5.17 -25.42 20.16
N ALA B 787 -6.31 -24.75 20.33
CA ALA B 787 -7.60 -25.37 20.04
C ALA B 787 -8.00 -25.29 18.57
N THR B 788 -7.35 -24.42 17.79
CA THR B 788 -7.84 -24.12 16.44
C THR B 788 -6.77 -24.17 15.33
N ASP B 789 -5.49 -23.94 15.64
CA ASP B 789 -4.51 -23.82 14.56
C ASP B 789 -3.13 -24.35 14.93
N VAL B 790 -3.02 -25.29 15.87
CA VAL B 790 -1.78 -26.02 16.10
C VAL B 790 -2.07 -27.48 15.78
N THR B 791 -1.74 -27.87 14.56
CA THR B 791 -2.37 -29.02 13.90
C THR B 791 -1.32 -29.87 13.21
N CYS B 792 -1.58 -31.17 13.11
CA CYS B 792 -0.78 -32.02 12.24
C CYS B 792 -1.18 -31.81 10.79
N VAL B 793 -0.19 -31.75 9.90
CA VAL B 793 -0.51 -31.78 8.48
C VAL B 793 -0.51 -33.20 7.95
N GLY B 794 -0.14 -34.16 8.79
CA GLY B 794 0.02 -35.55 8.42
C GLY B 794 0.68 -36.25 9.59
N PRO B 795 0.94 -37.56 9.45
CA PRO B 795 0.64 -38.46 8.33
C PRO B 795 -0.82 -38.88 8.35
N GLY B 796 -1.34 -39.35 7.22
CA GLY B 796 -2.72 -39.78 7.08
C GLY B 796 -3.40 -40.29 8.34
N ALA B 797 -4.66 -39.86 8.51
CA ALA B 797 -5.50 -40.01 9.69
C ALA B 797 -5.27 -38.78 10.56
N HIS B 798 -4.00 -38.44 10.80
CA HIS B 798 -3.73 -37.30 11.68
C HIS B 798 -3.85 -35.95 11.00
N LYS B 799 -3.96 -35.91 9.67
CA LYS B 799 -3.98 -34.62 9.00
C LYS B 799 -5.18 -33.83 9.49
N GLY B 800 -4.98 -32.53 9.71
CA GLY B 800 -6.01 -31.66 10.23
C GLY B 800 -6.28 -31.80 11.70
N GLN B 801 -5.68 -32.79 12.35
CA GLN B 801 -5.96 -33.04 13.76
C GLN B 801 -5.09 -32.16 14.63
N SER B 802 -5.65 -31.71 15.74
CA SER B 802 -4.90 -30.89 16.68
C SER B 802 -3.86 -31.74 17.42
N VAL B 803 -2.68 -31.17 17.65
CA VAL B 803 -1.68 -31.92 18.38
C VAL B 803 -2.06 -32.02 19.85
N ILE B 804 -2.86 -31.07 20.36
CA ILE B 804 -3.37 -31.16 21.73
C ILE B 804 -4.22 -32.41 21.92
N SER B 805 -4.96 -32.85 20.89
CA SER B 805 -5.81 -34.04 20.98
C SER B 805 -5.12 -35.34 20.54
N LEU B 806 -3.82 -35.33 20.28
CA LEU B 806 -3.19 -36.43 19.55
C LEU B 806 -2.76 -37.55 20.49
N ASP B 807 -3.16 -38.77 20.15
CA ASP B 807 -2.89 -39.96 20.97
C ASP B 807 -1.82 -40.77 20.26
N LEU B 808 -0.63 -40.85 20.86
CA LEU B 808 0.50 -41.54 20.24
C LEU B 808 0.90 -42.81 21.00
N TYR B 809 -0.07 -43.51 21.61
CA TYR B 809 0.24 -44.71 22.35
C TYR B 809 0.84 -45.82 21.48
N THR B 810 0.43 -45.92 20.20
CA THR B 810 1.05 -46.95 19.36
C THR B 810 2.57 -46.81 19.34
N CYS B 811 3.09 -45.60 19.54
CA CYS B 811 4.54 -45.37 19.57
C CYS B 811 5.23 -46.01 20.78
N GLU B 812 4.49 -46.56 21.74
CA GLU B 812 5.14 -47.19 22.89
C GLU B 812 4.65 -48.60 23.15
N LEU B 813 4.11 -49.29 22.14
CA LEU B 813 3.64 -50.66 22.33
C LEU B 813 4.79 -51.60 22.70
C1 NAG C . 41.50 2.26 -8.59
C2 NAG C . 40.98 1.37 -7.49
C3 NAG C . 41.50 1.84 -6.10
C4 NAG C . 43.00 1.95 -6.09
C5 NAG C . 43.38 2.88 -7.24
C6 NAG C . 44.85 3.16 -7.38
C7 NAG C . 38.70 0.33 -7.41
C8 NAG C . 37.26 0.62 -7.39
N2 NAG C . 39.52 1.41 -7.49
O3 NAG C . 41.06 0.82 -5.17
O4 NAG C . 43.35 2.60 -4.88
O5 NAG C . 42.95 2.34 -8.49
O6 NAG C . 45.16 3.85 -8.58
O7 NAG C . 39.14 -0.83 -7.36
C1 NAG C . 44.20 1.90 -3.97
C2 NAG C . 44.86 3.00 -3.13
C3 NAG C . 45.61 2.42 -1.93
C4 NAG C . 44.73 1.47 -1.15
C5 NAG C . 44.18 0.41 -2.09
C6 NAG C . 43.18 -0.51 -1.41
C7 NAG C . 45.45 5.05 -4.35
C8 NAG C . 46.51 5.75 -5.16
N2 NAG C . 45.75 3.82 -3.93
O3 NAG C . 46.02 3.48 -1.08
O4 NAG C . 45.46 0.85 -0.09
O5 NAG C . 43.46 1.06 -3.16
O6 NAG C . 41.98 0.19 -1.12
O7 NAG C . 44.37 5.59 -4.08
C1 NAG D . -41.33 -1.30 8.43
C2 NAG D . -40.66 -2.16 7.35
C3 NAG D . -41.29 -1.93 5.95
C4 NAG D . -42.81 -1.95 5.99
C5 NAG D . -43.28 -1.00 7.07
C6 NAG D . -44.78 -0.96 7.22
C7 NAG D . -38.28 -2.70 7.70
C8 NAG D . -36.87 -2.21 7.58
N2 NAG D . -39.24 -1.85 7.31
O3 NAG D . -40.85 -2.96 5.06
O4 NAG D . -43.35 -1.51 4.76
O5 NAG D . -42.75 -1.45 8.34
O6 NAG D . -45.14 -0.09 8.27
O7 NAG D . -38.55 -3.82 8.13
C1 NAG D . -44.14 -2.52 4.09
C2 NAG D . -45.08 -1.79 3.12
C3 NAG D . -45.84 -2.77 2.24
C4 NAG D . -44.86 -3.70 1.53
C5 NAG D . -44.03 -4.42 2.59
C6 NAG D . -43.00 -5.35 2.01
C7 NAG D . -45.78 0.34 4.12
C8 NAG D . -46.86 1.05 4.89
N2 NAG D . -46.01 -0.95 3.86
O3 NAG D . -46.58 -2.05 1.26
O4 NAG D . -45.55 -4.63 0.70
O5 NAG D . -43.31 -3.44 3.35
O6 NAG D . -41.88 -4.62 1.55
O7 NAG D . -44.75 0.90 3.77
C1 NAG E . 1.80 12.76 -15.64
C2 NAG E . 1.82 11.44 -16.42
C3 NAG E . 2.03 10.26 -15.46
C4 NAG E . 3.19 10.51 -14.52
C5 NAG E . 3.01 11.85 -13.83
C6 NAG E . 4.13 12.21 -12.89
C7 NAG E . 0.49 10.93 -18.44
C8 NAG E . -0.89 10.86 -19.00
N2 NAG E . 0.57 11.28 -17.15
O3 NAG E . 2.24 9.08 -16.20
O4 NAG E . 3.18 9.49 -13.51
O5 NAG E . 2.96 12.86 -14.85
O6 NAG E . 5.27 12.65 -13.61
O7 NAG E . 1.48 10.69 -19.13
C1 NAG F . 0.24 36.14 -19.00
C2 NAG F . -0.46 37.34 -18.39
C3 NAG F . -1.61 37.80 -19.29
C4 NAG F . -1.16 37.97 -20.75
C5 NAG F . -0.36 36.77 -21.25
C6 NAG F . 0.31 37.03 -22.57
C7 NAG F . -0.35 37.39 -15.93
C8 NAG F . -1.03 37.01 -14.66
N2 NAG F . -0.97 37.03 -17.06
O3 NAG F . -2.09 39.05 -18.80
O4 NAG F . -2.32 38.09 -21.57
O5 NAG F . 0.70 36.46 -20.32
O6 NAG F . 0.22 35.93 -23.47
O7 NAG F . 0.73 37.97 -15.94
C1 NAG G . -26.40 14.39 -10.28
C2 NAG G . -27.39 15.31 -11.02
C3 NAG G . -27.94 16.38 -10.07
C4 NAG G . -28.48 15.75 -8.79
C5 NAG G . -27.38 14.92 -8.15
C6 NAG G . -27.75 14.25 -6.84
C7 NAG G . -26.64 15.39 -13.37
C8 NAG G . -25.93 16.20 -14.41
N2 NAG G . -26.74 15.94 -12.16
O3 NAG G . -28.91 17.15 -10.75
O4 NAG G . -28.88 16.75 -7.86
O5 NAG G . -27.00 13.88 -9.08
O6 NAG G . -29.08 13.76 -6.84
O7 NAG G . -27.14 14.30 -13.62
C1 NAG H . 20.93 -15.74 -32.59
C2 NAG H . 20.29 -14.33 -32.54
C3 NAG H . 20.88 -13.43 -33.63
C4 NAG H . 22.41 -13.44 -33.59
C5 NAG H . 22.91 -14.87 -33.66
C6 NAG H . 24.41 -14.98 -33.54
C7 NAG H . 18.03 -14.80 -31.68
C8 NAG H . 16.55 -14.79 -32.01
N2 NAG H . 18.84 -14.40 -32.67
O3 NAG H . 20.44 -12.09 -33.46
O4 NAG H . 22.95 -12.69 -34.66
O5 NAG H . 22.36 -15.63 -32.58
O6 NAG H . 24.93 -14.00 -32.65
O7 NAG H . 18.44 -15.13 -30.57
C1 NAG I . -27.91 -24.28 -17.91
C2 NAG I . -28.64 -23.68 -19.11
C3 NAG I . -30.15 -23.82 -18.92
C4 NAG I . -30.50 -25.30 -18.79
C5 NAG I . -29.72 -25.95 -17.65
C6 NAG I . -29.84 -27.45 -17.65
C7 NAG I . -28.59 -21.26 -18.63
C8 NAG I . -28.08 -19.92 -19.11
N2 NAG I . -28.25 -22.31 -19.38
O3 NAG I . -30.85 -23.24 -20.01
O4 NAG I . -31.91 -25.45 -18.58
O5 NAG I . -28.31 -25.66 -17.75
O6 NAG I . -29.29 -27.99 -18.84
O7 NAG I . -29.29 -21.36 -17.61
C1 NAG J . -17.78 28.85 -11.01
C2 NAG J . -18.77 29.98 -11.17
C3 NAG J . -18.05 31.17 -11.82
C4 NAG J . -16.83 31.57 -10.99
C5 NAG J . -15.94 30.36 -10.64
C6 NAG J . -14.89 30.67 -9.60
C7 NAG J . -21.17 29.61 -11.44
C8 NAG J . -22.26 29.12 -12.33
N2 NAG J . -19.93 29.58 -11.94
O3 NAG J . -18.94 32.27 -11.97
O4 NAG J . -16.03 32.47 -11.74
O5 NAG J . -16.72 29.27 -10.12
O6 NAG J . -15.43 30.62 -8.29
O7 NAG J . -21.40 30.04 -10.32
C1 NAG K . 23.82 36.25 -19.39
C2 NAG K . 23.96 37.80 -19.35
C3 NAG K . 25.20 38.27 -20.15
C4 NAG K . 26.43 37.45 -19.82
C5 NAG K . 26.12 35.98 -20.01
C6 NAG K . 27.30 35.08 -19.73
C7 NAG K . 21.60 38.55 -19.22
C8 NAG K . 20.47 39.19 -19.98
N2 NAG K . 22.76 38.41 -19.89
O3 NAG K . 25.45 39.64 -19.89
O4 NAG K . 27.50 37.79 -20.71
O5 NAG K . 25.09 35.64 -19.08
O6 NAG K . 27.57 34.95 -18.34
O7 NAG K . 21.48 38.18 -18.05
S SO4 L . -24.95 20.13 -9.08
O1 SO4 L . -24.71 21.07 -10.18
O2 SO4 L . -24.04 20.54 -7.98
O3 SO4 L . -26.35 20.12 -8.59
O4 SO4 L . -24.65 18.77 -9.54
S SO4 M . -11.37 -18.80 -32.75
O1 SO4 M . -10.00 -18.60 -33.24
O2 SO4 M . -11.31 -19.08 -31.31
O3 SO4 M . -12.22 -17.61 -32.92
O4 SO4 M . -11.96 -19.93 -33.45
C1 NAG N . -3.34 14.90 13.45
C2 NAG N . -3.30 13.72 14.41
C3 NAG N . -3.46 12.39 13.65
C4 NAG N . -4.63 12.44 12.68
C5 NAG N . -4.46 13.66 11.80
C6 NAG N . -5.54 13.83 10.74
C7 NAG N . -1.89 13.55 16.44
C8 NAG N . -0.49 13.60 16.96
N2 NAG N . -2.03 13.73 15.12
O3 NAG N . -3.61 11.34 14.59
O4 NAG N . -4.67 11.23 11.93
O5 NAG N . -4.48 14.82 12.62
O6 NAG N . -6.84 13.83 11.30
O7 NAG N . -2.86 13.33 17.16
C1 NAG O . 24.60 18.31 7.38
C2 NAG O . 25.41 19.46 8.01
C3 NAG O . 25.90 20.40 6.92
C4 NAG O . 26.64 19.64 5.83
C5 NAG O . 25.77 18.50 5.29
C6 NAG O . 26.48 17.62 4.27
C7 NAG O . 24.48 19.88 10.28
C8 NAG O . 25.32 18.75 10.78
N2 NAG O . 24.59 20.18 8.96
O3 NAG O . 26.72 21.42 7.49
O4 NAG O . 26.97 20.50 4.75
O5 NAG O . 25.38 17.65 6.38
O6 NAG O . 27.22 16.54 4.85
O7 NAG O . 23.72 20.49 11.01
C1 NAG P . -27.97 35.86 13.49
C2 NAG P . -28.36 37.25 12.99
C3 NAG P . -29.68 37.73 13.64
C4 NAG P . -30.75 36.65 13.63
C5 NAG P . -30.17 35.36 14.19
C6 NAG P . -31.15 34.20 14.20
C7 NAG P . -26.19 38.31 12.49
C8 NAG P . -25.16 39.29 12.98
N2 NAG P . -27.28 38.17 13.27
O3 NAG P . -30.17 38.89 12.98
O4 NAG P . -31.88 37.02 14.41
O5 NAG P . -29.06 34.97 13.36
O6 NAG P . -31.98 34.21 13.05
O7 NAG P . -26.07 37.70 11.43
C1 NAG Q . -19.23 -12.93 34.89
C2 NAG Q . -18.58 -11.50 34.83
C3 NAG Q . -19.42 -10.45 35.58
C4 NAG Q . -20.92 -10.59 35.32
C5 NAG Q . -21.33 -12.01 35.64
C6 NAG Q . -22.81 -12.27 35.51
C7 NAG Q . -16.16 -11.98 34.74
C8 NAG Q . -14.88 -11.98 35.53
N2 NAG Q . -17.25 -11.56 35.40
O3 NAG Q . -18.99 -9.15 35.18
O4 NAG Q . -21.64 -9.68 36.14
O5 NAG Q . -20.66 -12.84 34.70
O6 NAG Q . -23.38 -11.58 34.40
O7 NAG Q . -16.20 -12.32 33.56
C7 L07 R . -21.08 19.14 4.06
C8 L07 R . -21.67 18.34 5.18
C12 L07 R . -17.17 23.51 -1.05
C11 L07 R . -17.48 24.78 -0.58
C10 L07 R . -18.48 24.98 0.38
C9 L07 R . -19.20 23.90 0.90
N2 L07 R . -20.02 19.19 1.01
N1 L07 R . -17.57 21.16 -1.02
N L07 R . -17.87 18.81 -1.06
C2 L07 R . -18.92 22.61 0.45
C3 L07 R . -19.58 21.49 0.90
C4 L07 R . -19.25 20.13 0.41
C5 L07 R . -20.92 19.70 1.87
C6 L07 R . -21.92 19.04 2.78
C1 L07 R . -17.86 22.41 -0.57
C L07 R . -18.19 20.04 -0.60
S L07 R . -20.80 21.42 2.04
C7 L07 S . 19.33 19.88 -7.14
C8 L07 S . 18.65 20.77 -8.15
C12 L07 S . 14.56 25.01 -2.82
C11 L07 S . 14.69 26.18 -3.57
C10 L07 S . 15.64 26.33 -4.60
C9 L07 S . 16.51 25.27 -4.90
N2 L07 S . 18.01 20.83 -4.13
N1 L07 S . 15.29 22.80 -2.40
N L07 S . 15.86 20.60 -1.82
C2 L07 S . 16.42 24.07 -4.18
C3 L07 S . 17.23 22.99 -4.46
C4 L07 S . 17.10 21.73 -3.67
C5 L07 S . 18.80 21.26 -5.15
C6 L07 S . 19.91 20.61 -5.93
C1 L07 S . 15.41 23.94 -3.10
C L07 S . 16.05 21.70 -2.62
S L07 S . 18.44 22.89 -5.63
S SO4 T . -17.87 -13.04 4.08
O1 SO4 T . -17.08 -11.92 3.55
O2 SO4 T . -17.18 -13.55 5.28
O3 SO4 T . -19.22 -12.56 4.38
O4 SO4 T . -17.99 -14.11 3.07
S SO4 U . 2.12 13.98 -2.46
O1 SO4 U . 3.22 13.71 -3.42
O2 SO4 U . 2.44 15.11 -1.55
O3 SO4 U . 0.88 14.36 -3.16
O4 SO4 U . 1.85 12.77 -1.66
S SO4 V . 5.96 -25.26 0.41
O1 SO4 V . 6.10 -24.57 -0.87
O2 SO4 V . 7.20 -25.08 1.23
O3 SO4 V . 4.79 -24.68 1.08
O4 SO4 V . 5.79 -26.70 0.17
S SO4 W . -15.77 -31.59 36.85
O1 SO4 W . -14.65 -32.23 37.54
O2 SO4 W . -15.68 -30.14 37.08
O3 SO4 W . -17.01 -32.11 37.41
O4 SO4 W . -15.72 -31.85 35.41
S SO4 X . 22.92 23.76 5.57
O1 SO4 X . 22.78 22.51 6.32
O2 SO4 X . 24.08 24.48 6.11
O3 SO4 X . 21.70 24.56 5.75
O4 SO4 X . 23.19 23.52 4.13
S SO4 Y . 15.52 28.79 -0.11
O1 SO4 Y . 16.80 28.50 -0.77
O2 SO4 Y . 15.76 29.14 1.31
O3 SO4 Y . 14.83 29.88 -0.83
O4 SO4 Y . 14.60 27.64 -0.13
S SO4 Z . 0.23 26.91 30.53
O1 SO4 Z . 1.02 27.33 29.35
O2 SO4 Z . 0.84 27.45 31.75
O3 SO4 Z . -1.12 27.46 30.40
O4 SO4 Z . 0.16 25.45 30.63
#